data_4O9U
#
_entry.id   4O9U
#
_cell.length_a   175.331
_cell.length_b   160.590
_cell.length_c   139.624
_cell.angle_alpha   90.00
_cell.angle_beta   128.36
_cell.angle_gamma   90.00
#
_symmetry.space_group_name_H-M   'C 1 2 1'
#
loop_
_entity.id
_entity.type
_entity.pdbx_description
1 polymer 'NAD(P) transhydrogenase subunit alpha 2'
2 polymer 'NAD(P) transhydrogenase subunit beta'
3 polymer 'NAD/NADP transhydrogenase alpha subunit 1'
4 non-polymer 'NADP NICOTINAMIDE-ADENINE-DINUCLEOTIDE PHOSPHATE'
5 non-polymer NICOTINAMIDE-ADENINE-DINUCLEOTIDE
#
loop_
_entity_poly.entity_id
_entity_poly.type
_entity_poly.pdbx_seq_one_letter_code
_entity_poly.pdbx_strand_id
1 'polypeptide(L)'
;MEFGFWSALYIFVLTAFLGYELITRVPVILHTPLMSGSNFIHGVVVVGAMVVLGHAETGLEKLIGFLGVILGAANAAGGY
AVTVRMLEMFERKPGQGGGR
;
A,C
2 'polypeptide(L)'
;MDLIQAAYFVVAILFIVGLKRMAHPTTAKSGIVWAGWGMVLAVLATFFWPGMGNFALILLALLLGSVVAWWAAVRVAMTD
MPQMVAIYNGMGGGAAATIAAVELLKGAFENTGLMALAILGGLIGSVAFTGSLIAFAKLQGIMKSRPILFPGQKAVNALV
LALTVVIGLSLLWNDATASIVLFFLLALLFGVLMTLPIGGGDMPVAISFYNAFTGMAVGFEGFAVGNPALMVAGTLVGAA
GTLLTVLMARAMNRSVWSVLVGGFGVEQEAGEVKGSLKPIDVEDAAVMLAYAGKVVFVPGYGMALSQAQHKLKELADLLE
ARGVEVKFAIHPVAGRMPGHMNVLLAEAGVDYDKLKDLEEINPEFPTVDVAVVIGANDVVNPAARRPGSPLYGMPILDVD
KAKNVIVIKRGQGKGFAGVENELFYAENTRMLYGDAQKVLTELIQALKRL
;
B,D
3 'polypeptide(L)'
;MHHHHHHHHMVTVAVPKERAPGERRVALVPEVVARLVKGGARVRVERGAGEGAYHPDEAYQEAGAEVVERGELLKGAHLL
FTVQPPPEDLIQALEPGAIVVGFVQPHKNLELVRALQAKKATVIAMELIPRITRAQSMDALSSQATVAGYLAAIHAARLS
PRFFPMLTTAAGTIRPAKVMVMGVGVAGLMAIATAKRLGAQVFAYDVRKAALEQALSLGAKPIELPISAEGEGGYARELT
EEEKRIQHEALRDHVAGMDVLITTAQVPGRRAPILLTEDMVERLKPGTVVVDLAAESGGNCVLTKPGEVVEVRGVRVYGP
LNLPSELSVHASEMYAKNLYNLSSLLIEKGAFAPKWEDEIVRAALLMKEGEVLHGPTKALLGGA
;
E,F
#
# COMPACT_ATOMS: atom_id res chain seq x y z
N MET A 1 -7.95 -41.89 24.45
CA MET A 1 -7.99 -41.91 25.95
C MET A 1 -7.60 -43.28 26.54
N GLU A 2 -6.79 -44.04 25.81
CA GLU A 2 -6.29 -45.37 26.26
C GLU A 2 -5.03 -45.78 25.49
N PHE A 3 -4.24 -46.68 26.09
CA PHE A 3 -2.94 -47.14 25.53
C PHE A 3 -1.87 -46.03 25.61
N GLY A 4 -1.69 -45.36 26.76
CA GLY A 4 -2.51 -45.48 27.97
C GLY A 4 -3.39 -44.25 28.17
N PHE A 5 -4.27 -44.30 29.18
CA PHE A 5 -5.34 -43.30 29.37
C PHE A 5 -4.98 -41.86 29.05
N TRP A 6 -3.92 -41.35 29.70
CA TRP A 6 -3.53 -39.94 29.56
C TRP A 6 -2.86 -39.65 28.22
N SER A 7 -2.01 -40.58 27.79
CA SER A 7 -1.26 -40.46 26.54
C SER A 7 -2.16 -40.13 25.35
N ALA A 8 -3.25 -40.90 25.21
CA ALA A 8 -4.17 -40.72 24.08
C ALA A 8 -5.21 -39.64 24.33
N LEU A 9 -5.36 -39.23 25.58
CA LEU A 9 -6.20 -38.08 25.92
C LEU A 9 -5.50 -36.80 25.47
N TYR A 10 -4.18 -36.75 25.68
CA TYR A 10 -3.33 -35.74 25.04
C TYR A 10 -3.58 -35.80 23.54
N ILE A 11 -3.25 -36.95 22.94
CA ILE A 11 -3.41 -37.21 21.51
C ILE A 11 -4.73 -36.64 20.98
N PHE A 12 -5.83 -36.98 21.66
CA PHE A 12 -7.16 -36.49 21.29
C PHE A 12 -7.23 -34.97 21.18
N VAL A 13 -6.86 -34.28 22.26
CA VAL A 13 -6.88 -32.81 22.31
C VAL A 13 -5.81 -32.21 21.40
N LEU A 14 -4.67 -32.88 21.30
CA LEU A 14 -3.59 -32.48 20.39
C LEU A 14 -3.98 -32.64 18.92
N THR A 15 -4.98 -33.50 18.66
CA THR A 15 -5.52 -33.70 17.32
C THR A 15 -6.75 -32.79 17.11
N ALA A 16 -7.41 -32.44 18.20
CA ALA A 16 -8.57 -31.55 18.16
C ALA A 16 -8.17 -30.12 17.78
N PHE A 17 -7.07 -29.63 18.36
CA PHE A 17 -6.54 -28.30 18.07
C PHE A 17 -5.79 -28.22 16.74
N LEU A 18 -5.09 -29.30 16.39
CA LEU A 18 -4.30 -29.36 15.15
C LEU A 18 -5.19 -29.35 13.91
N GLY A 19 -6.26 -30.15 13.93
CA GLY A 19 -7.24 -30.16 12.86
C GLY A 19 -8.02 -28.85 12.73
N TYR A 20 -8.22 -28.19 13.87
CA TYR A 20 -8.88 -26.89 13.95
C TYR A 20 -8.06 -25.80 13.24
N GLU A 21 -6.82 -25.62 13.69
CA GLU A 21 -5.93 -24.59 13.15
C GLU A 21 -5.63 -24.81 11.65
N LEU A 22 -5.64 -26.08 11.23
CA LEU A 22 -5.44 -26.43 9.82
C LEU A 22 -6.59 -25.94 8.92
N ILE A 23 -7.76 -25.74 9.53
CA ILE A 23 -8.96 -25.38 8.78
C ILE A 23 -9.36 -23.91 9.02
N THR A 24 -8.69 -23.25 9.95
CA THR A 24 -8.83 -21.80 10.11
C THR A 24 -8.13 -21.09 8.95
N ARG A 25 -8.73 -20.00 8.48
CA ARG A 25 -8.23 -19.20 7.33
C ARG A 25 -8.25 -19.94 5.99
N VAL A 26 -9.32 -20.69 5.74
CA VAL A 26 -9.54 -21.36 4.46
C VAL A 26 -10.46 -20.52 3.57
N PRO A 27 -10.08 -20.35 2.28
CA PRO A 27 -10.89 -19.65 1.27
C PRO A 27 -12.28 -20.26 1.04
N VAL A 28 -13.15 -19.50 0.37
CA VAL A 28 -14.56 -19.91 0.15
C VAL A 28 -14.78 -20.80 -1.08
N ILE A 29 -14.04 -20.57 -2.17
CA ILE A 29 -14.21 -21.35 -3.40
C ILE A 29 -13.67 -22.80 -3.28
N LEU A 30 -13.00 -23.08 -2.17
CA LEU A 30 -12.50 -24.42 -1.86
C LEU A 30 -13.20 -25.05 -0.65
N HIS A 31 -14.47 -24.69 -0.43
CA HIS A 31 -15.22 -25.16 0.75
C HIS A 31 -15.75 -26.60 0.66
N THR A 32 -16.06 -27.04 -0.55
CA THR A 32 -16.67 -28.35 -0.75
C THR A 32 -15.70 -29.50 -1.06
N PRO A 33 -14.63 -29.24 -1.85
CA PRO A 33 -13.70 -30.34 -2.16
C PRO A 33 -12.86 -30.79 -0.95
N LEU A 34 -12.60 -29.88 -0.01
CA LEU A 34 -11.89 -30.20 1.22
C LEU A 34 -12.81 -31.00 2.14
N MET A 35 -14.11 -30.69 2.04
CA MET A 35 -15.15 -31.45 2.72
C MET A 35 -15.28 -32.83 2.09
N SER A 36 -15.04 -32.90 0.79
CA SER A 36 -14.97 -34.16 0.07
C SER A 36 -13.66 -34.88 0.36
N GLY A 37 -12.62 -34.11 0.69
CA GLY A 37 -11.32 -34.67 1.07
C GLY A 37 -11.36 -35.28 2.45
N SER A 38 -12.02 -34.59 3.39
CA SER A 38 -12.17 -35.08 4.76
C SER A 38 -13.09 -36.30 4.83
N ASN A 39 -14.12 -36.31 3.98
CA ASN A 39 -15.03 -37.45 3.84
C ASN A 39 -14.27 -38.73 3.47
N PHE A 40 -13.26 -38.56 2.62
CA PHE A 40 -12.38 -39.65 2.23
C PHE A 40 -11.46 -40.08 3.37
N ILE A 41 -10.86 -39.11 4.05
CA ILE A 41 -9.90 -39.37 5.12
C ILE A 41 -10.51 -40.20 6.26
N HIS A 42 -11.73 -39.87 6.67
CA HIS A 42 -12.42 -40.66 7.71
C HIS A 42 -12.99 -41.98 7.18
N GLY A 43 -12.69 -42.30 5.93
CA GLY A 43 -13.02 -43.60 5.36
C GLY A 43 -12.08 -44.69 5.85
N VAL A 44 -11.24 -44.33 6.82
CA VAL A 44 -10.28 -45.25 7.46
C VAL A 44 -10.96 -46.44 8.13
N VAL A 45 -12.25 -46.29 8.41
CA VAL A 45 -13.09 -47.33 9.01
C VAL A 45 -12.84 -48.75 8.47
N VAL A 46 -12.30 -48.85 7.25
CA VAL A 46 -11.93 -50.13 6.64
C VAL A 46 -10.90 -50.91 7.46
N VAL A 47 -9.72 -50.30 7.67
CA VAL A 47 -8.63 -50.89 8.43
C VAL A 47 -9.13 -51.54 9.73
N GLY A 48 -9.96 -50.81 10.47
CA GLY A 48 -10.54 -51.28 11.73
C GLY A 48 -11.62 -52.34 11.58
N ALA A 49 -12.34 -52.30 10.45
CA ALA A 49 -13.33 -53.32 10.13
C ALA A 49 -12.67 -54.57 9.56
N MET A 50 -11.55 -54.39 8.86
CA MET A 50 -10.74 -55.50 8.35
C MET A 50 -10.26 -56.37 9.49
N VAL A 51 -9.80 -55.70 10.55
CA VAL A 51 -9.40 -56.35 11.79
C VAL A 51 -10.63 -57.00 12.43
N VAL A 52 -11.68 -56.20 12.61
CA VAL A 52 -12.95 -56.69 13.14
C VAL A 52 -13.49 -57.87 12.32
N LEU A 53 -13.36 -57.80 10.99
CA LEU A 53 -13.75 -58.91 10.11
C LEU A 53 -12.75 -60.06 10.15
N GLY A 54 -11.47 -59.72 10.32
CA GLY A 54 -10.42 -60.72 10.50
C GLY A 54 -10.51 -61.39 11.84
N HIS A 55 -11.31 -60.82 12.74
CA HIS A 55 -11.52 -61.36 14.08
C HIS A 55 -12.98 -61.71 14.32
N ALA A 56 -13.68 -62.01 13.21
CA ALA A 56 -15.09 -62.40 13.25
C ALA A 56 -15.23 -63.82 13.77
N GLU A 57 -16.09 -63.98 14.76
CA GLU A 57 -16.29 -65.27 15.42
C GLU A 57 -17.67 -65.88 15.14
N THR A 58 -18.71 -65.23 15.68
CA THR A 58 -20.05 -65.85 15.83
C THR A 58 -20.96 -65.89 14.59
N GLY A 59 -20.38 -65.73 13.40
CA GLY A 59 -21.13 -65.85 12.14
C GLY A 59 -22.03 -64.67 11.84
N LEU A 60 -22.72 -64.19 12.88
CA LEU A 60 -23.48 -62.94 12.81
C LEU A 60 -22.49 -61.77 12.80
N GLU A 61 -21.29 -62.01 13.35
CA GLU A 61 -20.16 -61.09 13.25
C GLU A 61 -19.50 -61.16 11.87
N LYS A 62 -19.80 -62.21 11.11
CA LYS A 62 -19.21 -62.46 9.79
C LYS A 62 -19.88 -61.64 8.67
N LEU A 63 -21.15 -61.26 8.86
CA LEU A 63 -21.91 -60.51 7.84
C LEU A 63 -21.91 -59.00 8.08
N ILE A 64 -22.16 -58.57 9.31
CA ILE A 64 -22.21 -57.15 9.68
C ILE A 64 -20.82 -56.51 9.60
N GLY A 65 -19.78 -57.33 9.73
CA GLY A 65 -18.39 -56.90 9.49
C GLY A 65 -18.05 -56.91 8.02
N PHE A 66 -18.71 -57.79 7.27
CA PHE A 66 -18.61 -57.85 5.81
C PHE A 66 -19.26 -56.61 5.19
N LEU A 67 -20.35 -56.15 5.81
CA LEU A 67 -21.03 -54.91 5.43
C LEU A 67 -20.11 -53.70 5.64
N GLY A 68 -19.55 -53.59 6.85
CA GLY A 68 -18.69 -52.46 7.22
C GLY A 68 -17.47 -52.26 6.34
N VAL A 69 -16.88 -53.37 5.87
CA VAL A 69 -15.74 -53.33 4.97
C VAL A 69 -16.14 -52.75 3.61
N ILE A 70 -17.33 -53.10 3.14
CA ILE A 70 -17.88 -52.52 1.92
C ILE A 70 -18.31 -51.06 2.17
N LEU A 71 -19.02 -50.83 3.28
CA LEU A 71 -19.46 -49.48 3.68
C LEU A 71 -18.29 -48.52 3.78
N GLY A 72 -17.18 -49.01 4.31
CA GLY A 72 -15.95 -48.23 4.41
C GLY A 72 -15.22 -48.11 3.09
N ALA A 73 -15.21 -49.19 2.31
CA ALA A 73 -14.57 -49.20 1.00
C ALA A 73 -15.27 -48.24 0.05
N ALA A 74 -16.57 -48.06 0.24
CA ALA A 74 -17.36 -47.11 -0.53
C ALA A 74 -17.10 -45.66 -0.12
N ASN A 75 -16.88 -45.44 1.17
CA ASN A 75 -16.54 -44.11 1.68
C ASN A 75 -15.15 -43.66 1.22
N ALA A 76 -14.23 -44.62 1.10
CA ALA A 76 -12.86 -44.36 0.69
C ALA A 76 -12.72 -44.21 -0.82
N ALA A 77 -13.00 -45.29 -1.55
CA ALA A 77 -12.90 -45.29 -3.01
C ALA A 77 -13.85 -44.27 -3.64
N GLY A 78 -14.95 -43.99 -2.94
CA GLY A 78 -15.92 -42.98 -3.36
C GLY A 78 -15.54 -41.57 -2.95
N GLY A 79 -14.78 -41.47 -1.86
CA GLY A 79 -14.26 -40.18 -1.41
C GLY A 79 -13.17 -39.64 -2.31
N TYR A 80 -12.24 -40.52 -2.70
CA TYR A 80 -11.13 -40.17 -3.59
C TYR A 80 -11.62 -39.67 -4.95
N ALA A 81 -12.58 -40.38 -5.51
CA ALA A 81 -13.11 -40.08 -6.85
C ALA A 81 -13.90 -38.78 -6.90
N VAL A 82 -14.58 -38.45 -5.80
CA VAL A 82 -15.33 -37.19 -5.71
C VAL A 82 -14.39 -36.00 -5.52
N THR A 83 -13.22 -36.25 -4.90
CA THR A 83 -12.23 -35.19 -4.67
C THR A 83 -11.36 -34.89 -5.90
N VAL A 84 -11.09 -35.91 -6.71
CA VAL A 84 -10.31 -35.76 -7.94
C VAL A 84 -11.07 -34.97 -9.01
N ARG A 85 -12.35 -35.31 -9.22
CA ARG A 85 -13.19 -34.65 -10.22
C ARG A 85 -13.56 -33.19 -9.85
N MET A 86 -13.50 -32.85 -8.57
CA MET A 86 -13.70 -31.48 -8.11
C MET A 86 -12.47 -30.61 -8.35
N LEU A 87 -11.31 -31.25 -8.44
CA LEU A 87 -10.03 -30.57 -8.63
C LEU A 87 -9.66 -30.33 -10.09
N GLU A 88 -10.41 -30.95 -11.00
CA GLU A 88 -10.16 -30.82 -12.44
C GLU A 88 -10.91 -29.65 -13.09
N MET A 89 -11.81 -29.03 -12.33
CA MET A 89 -12.41 -27.76 -12.73
C MET A 89 -11.48 -26.60 -12.37
N PHE A 90 -10.50 -26.90 -11.51
CA PHE A 90 -9.43 -25.96 -11.15
C PHE A 90 -8.24 -26.06 -12.12
N GLU A 91 -8.41 -26.82 -13.19
CA GLU A 91 -7.39 -26.96 -14.24
C GLU A 91 -7.96 -26.59 -15.62
N ARG A 92 -7.10 -26.00 -16.43
CA ARG A 92 -7.43 -25.62 -17.81
C ARG A 92 -7.54 -26.87 -18.70
N LYS A 93 -8.46 -26.84 -19.66
CA LYS A 93 -8.67 -27.95 -20.61
C LYS A 93 -7.64 -27.88 -21.75
N PRO A 94 -6.71 -28.87 -21.81
CA PRO A 94 -5.52 -28.81 -22.70
C PRO A 94 -5.84 -28.92 -24.19
N MET B 1 3.87 -55.79 17.19
CA MET B 1 3.27 -55.01 16.07
C MET B 1 4.02 -53.69 15.80
N ASP B 2 5.36 -53.75 15.83
CA ASP B 2 6.23 -52.59 15.60
C ASP B 2 6.20 -52.09 14.16
N LEU B 3 5.99 -53.01 13.22
CA LEU B 3 5.96 -52.71 11.81
C LEU B 3 4.63 -52.07 11.40
N ILE B 4 3.56 -52.49 12.07
CA ILE B 4 2.21 -51.98 11.82
C ILE B 4 2.02 -50.58 12.44
N GLN B 5 2.47 -50.41 13.68
CA GLN B 5 2.40 -49.12 14.37
C GLN B 5 3.29 -48.07 13.72
N ALA B 6 4.46 -48.50 13.25
CA ALA B 6 5.37 -47.63 12.49
C ALA B 6 4.75 -47.23 11.17
N ALA B 7 3.99 -48.15 10.57
CA ALA B 7 3.21 -47.87 9.38
C ALA B 7 2.06 -46.94 9.72
N TYR B 8 1.36 -47.24 10.82
CA TYR B 8 0.23 -46.43 11.28
C TYR B 8 0.68 -45.06 11.78
N PHE B 9 1.99 -44.94 12.02
CA PHE B 9 2.62 -43.67 12.34
C PHE B 9 2.96 -42.90 11.06
N VAL B 10 3.48 -43.62 10.06
CA VAL B 10 3.71 -43.07 8.72
C VAL B 10 2.36 -42.67 8.11
N VAL B 11 1.36 -43.52 8.32
CA VAL B 11 -0.02 -43.26 7.89
C VAL B 11 -0.61 -42.01 8.57
N ALA B 12 -0.33 -41.87 9.86
CA ALA B 12 -0.79 -40.72 10.64
C ALA B 12 -0.35 -39.39 10.04
N ILE B 13 0.95 -39.29 9.72
CA ILE B 13 1.54 -38.06 9.19
C ILE B 13 0.97 -37.69 7.82
N LEU B 14 0.92 -38.66 6.91
CA LEU B 14 0.46 -38.45 5.53
C LEU B 14 -0.92 -37.79 5.44
N PHE B 15 -1.80 -38.12 6.38
CA PHE B 15 -3.14 -37.55 6.46
C PHE B 15 -3.13 -36.06 6.75
N ILE B 16 -2.43 -35.69 7.82
CA ILE B 16 -2.26 -34.30 8.23
C ILE B 16 -1.67 -33.50 7.07
N VAL B 17 -0.63 -34.05 6.46
CA VAL B 17 0.01 -33.45 5.29
C VAL B 17 -1.01 -33.28 4.16
N GLY B 18 -1.73 -34.35 3.85
CA GLY B 18 -2.80 -34.32 2.86
C GLY B 18 -3.83 -33.26 3.20
N LEU B 19 -4.23 -33.20 4.47
CA LEU B 19 -5.22 -32.24 4.95
C LEU B 19 -4.73 -30.81 4.80
N LYS B 20 -3.46 -30.59 5.10
CA LYS B 20 -2.84 -29.27 4.98
C LYS B 20 -2.84 -28.83 3.52
N ARG B 21 -2.26 -29.65 2.65
CA ARG B 21 -2.09 -29.29 1.24
C ARG B 21 -3.40 -29.17 0.46
N MET B 22 -4.44 -29.86 0.92
CA MET B 22 -5.75 -29.75 0.29
C MET B 22 -6.51 -28.47 0.66
N ALA B 23 -5.96 -27.71 1.61
CA ALA B 23 -6.58 -26.46 2.05
C ALA B 23 -6.11 -25.23 1.25
N HIS B 24 -4.94 -25.35 0.61
CA HIS B 24 -4.28 -24.21 -0.05
C HIS B 24 -4.52 -24.16 -1.57
N PRO B 25 -4.67 -22.94 -2.12
CA PRO B 25 -4.93 -22.65 -3.52
C PRO B 25 -4.11 -23.48 -4.51
N THR B 26 -2.79 -23.46 -4.35
CA THR B 26 -1.87 -24.06 -5.30
C THR B 26 -1.61 -25.55 -5.04
N THR B 27 -1.58 -25.95 -3.77
CA THR B 27 -1.31 -27.34 -3.41
C THR B 27 -2.58 -28.19 -3.36
N ALA B 28 -3.73 -27.55 -3.62
CA ALA B 28 -5.05 -28.19 -3.58
C ALA B 28 -5.10 -29.51 -4.35
N LYS B 29 -4.62 -29.48 -5.59
CA LYS B 29 -4.60 -30.64 -6.45
C LYS B 29 -3.79 -31.78 -5.82
N SER B 30 -2.57 -31.46 -5.39
CA SER B 30 -1.63 -32.46 -4.88
C SER B 30 -1.96 -33.00 -3.48
N GLY B 31 -2.81 -32.28 -2.75
CA GLY B 31 -3.19 -32.65 -1.40
C GLY B 31 -3.86 -34.01 -1.28
N ILE B 32 -4.73 -34.33 -2.25
CA ILE B 32 -5.48 -35.59 -2.26
C ILE B 32 -4.61 -36.81 -2.57
N VAL B 33 -3.56 -36.62 -3.38
CA VAL B 33 -2.62 -37.71 -3.72
C VAL B 33 -1.79 -38.13 -2.50
N TRP B 34 -1.41 -37.15 -1.67
CA TRP B 34 -0.72 -37.42 -0.41
C TRP B 34 -1.54 -38.31 0.52
N ALA B 35 -2.85 -38.05 0.58
CA ALA B 35 -3.77 -38.86 1.39
C ALA B 35 -4.09 -40.21 0.72
N GLY B 36 -3.89 -40.29 -0.59
CA GLY B 36 -4.19 -41.49 -1.36
C GLY B 36 -3.23 -42.65 -1.10
N TRP B 37 -1.97 -42.32 -0.88
CA TRP B 37 -0.94 -43.33 -0.61
C TRP B 37 -1.01 -43.87 0.82
N GLY B 38 -1.54 -43.06 1.73
CA GLY B 38 -1.69 -43.44 3.13
C GLY B 38 -2.65 -44.59 3.31
N MET B 39 -3.77 -44.55 2.60
CA MET B 39 -4.79 -45.60 2.64
C MET B 39 -4.26 -46.93 2.12
N VAL B 40 -3.45 -46.87 1.05
CA VAL B 40 -2.86 -48.07 0.46
C VAL B 40 -1.97 -48.79 1.47
N LEU B 41 -1.11 -48.02 2.16
CA LEU B 41 -0.17 -48.57 3.14
C LEU B 41 -0.87 -49.12 4.39
N ALA B 42 -1.85 -48.36 4.90
CA ALA B 42 -2.59 -48.72 6.12
C ALA B 42 -3.35 -50.04 5.95
N VAL B 43 -4.10 -50.13 4.86
CA VAL B 43 -4.83 -51.35 4.52
C VAL B 43 -3.85 -52.50 4.23
N LEU B 44 -2.73 -52.18 3.58
CA LEU B 44 -1.65 -53.17 3.34
C LEU B 44 -0.97 -53.61 4.64
N ALA B 45 -1.01 -52.76 5.66
CA ALA B 45 -0.45 -53.10 6.96
C ALA B 45 -1.41 -53.93 7.84
N THR B 46 -2.71 -53.69 7.71
CA THR B 46 -3.72 -54.47 8.46
C THR B 46 -4.00 -55.84 7.85
N PHE B 47 -3.52 -56.08 6.62
CA PHE B 47 -3.43 -57.43 6.06
C PHE B 47 -2.45 -58.26 6.88
N PHE B 48 -1.60 -57.55 7.63
CA PHE B 48 -0.60 -58.16 8.49
C PHE B 48 -0.90 -57.90 9.97
N TRP B 49 -2.14 -57.54 10.26
CA TRP B 49 -2.61 -57.47 11.64
C TRP B 49 -2.65 -58.90 12.17
N PRO B 50 -1.93 -59.18 13.26
CA PRO B 50 -1.83 -60.53 13.82
C PRO B 50 -3.19 -61.14 14.14
N GLY B 51 -3.40 -62.36 13.66
CA GLY B 51 -4.67 -63.07 13.88
C GLY B 51 -5.75 -62.68 12.89
N MET B 52 -5.35 -62.33 11.67
CA MET B 52 -6.30 -61.99 10.61
C MET B 52 -6.86 -63.26 9.98
N GLY B 53 -8.19 -63.34 9.94
CA GLY B 53 -8.88 -64.50 9.37
C GLY B 53 -9.88 -64.10 8.32
N ASN B 54 -10.53 -65.10 7.73
CA ASN B 54 -11.52 -64.92 6.65
C ASN B 54 -10.97 -64.03 5.52
N PHE B 55 -9.86 -64.46 4.93
CA PHE B 55 -9.14 -63.69 3.89
C PHE B 55 -9.88 -63.62 2.55
N ALA B 56 -10.43 -64.76 2.11
CA ALA B 56 -11.23 -64.83 0.89
C ALA B 56 -12.50 -63.99 1.04
N LEU B 57 -12.92 -63.75 2.28
CA LEU B 57 -14.04 -62.86 2.60
C LEU B 57 -13.61 -61.39 2.69
N ILE B 58 -12.37 -61.15 3.12
CA ILE B 58 -11.82 -59.80 3.20
C ILE B 58 -11.57 -59.23 1.80
N LEU B 59 -10.98 -60.04 0.92
CA LEU B 59 -10.63 -59.62 -0.44
C LEU B 59 -11.84 -59.24 -1.31
N LEU B 60 -12.97 -59.94 -1.10
CA LEU B 60 -14.19 -59.72 -1.87
C LEU B 60 -14.97 -58.47 -1.46
N ALA B 61 -15.02 -58.22 -0.14
CA ALA B 61 -15.65 -57.01 0.42
C ALA B 61 -14.81 -55.77 0.12
N LEU B 62 -13.54 -55.99 -0.24
CA LEU B 62 -12.66 -54.95 -0.77
C LEU B 62 -12.95 -54.73 -2.25
N LEU B 63 -13.20 -55.83 -2.96
CA LEU B 63 -13.47 -55.80 -4.40
C LEU B 63 -14.79 -55.10 -4.70
N LEU B 64 -15.89 -55.65 -4.19
CA LEU B 64 -17.23 -55.11 -4.43
C LEU B 64 -17.53 -53.81 -3.66
N GLY B 65 -16.58 -53.35 -2.85
CA GLY B 65 -16.71 -52.10 -2.12
C GLY B 65 -15.94 -50.96 -2.74
N SER B 66 -14.84 -51.30 -3.42
CA SER B 66 -13.95 -50.31 -4.04
C SER B 66 -14.41 -49.89 -5.44
N VAL B 67 -15.19 -50.76 -6.09
CA VAL B 67 -15.67 -50.50 -7.44
C VAL B 67 -17.07 -49.88 -7.44
N VAL B 68 -17.96 -50.38 -6.57
CA VAL B 68 -19.34 -49.86 -6.42
C VAL B 68 -19.36 -48.35 -6.20
N ALA B 69 -18.33 -47.85 -5.52
CA ALA B 69 -18.16 -46.42 -5.29
C ALA B 69 -17.48 -45.74 -6.48
N TRP B 70 -16.37 -46.31 -6.93
CA TRP B 70 -15.59 -45.75 -8.05
C TRP B 70 -16.42 -45.58 -9.32
N TRP B 71 -17.31 -46.55 -9.56
CA TRP B 71 -18.25 -46.50 -10.67
C TRP B 71 -19.22 -45.34 -10.50
N ALA B 72 -19.92 -45.32 -9.36
CA ALA B 72 -20.98 -44.34 -9.09
C ALA B 72 -20.54 -42.88 -9.24
N ALA B 73 -19.24 -42.63 -9.12
CA ALA B 73 -18.72 -41.26 -9.07
C ALA B 73 -18.19 -40.71 -10.41
N VAL B 74 -17.48 -41.53 -11.19
CA VAL B 74 -16.83 -41.07 -12.43
C VAL B 74 -17.82 -40.78 -13.57
N ARG B 75 -19.00 -41.42 -13.53
CA ARG B 75 -19.97 -41.36 -14.63
C ARG B 75 -21.02 -40.26 -14.49
N VAL B 76 -21.44 -39.98 -13.26
CA VAL B 76 -22.49 -38.98 -12.98
C VAL B 76 -22.08 -37.55 -13.38
N ALA B 77 -23.07 -36.66 -13.44
CA ALA B 77 -22.86 -35.28 -13.87
C ALA B 77 -22.10 -34.43 -12.83
N MET B 78 -21.89 -33.16 -13.17
CA MET B 78 -21.10 -32.24 -12.34
C MET B 78 -21.89 -31.46 -11.28
N THR B 79 -23.22 -31.57 -11.31
CA THR B 79 -24.08 -30.84 -10.36
C THR B 79 -24.76 -31.74 -9.32
N ASP B 80 -24.67 -33.05 -9.51
CA ASP B 80 -25.20 -34.03 -8.56
C ASP B 80 -24.15 -34.43 -7.51
N MET B 81 -23.18 -33.56 -7.28
CA MET B 81 -22.05 -33.84 -6.39
C MET B 81 -22.33 -33.63 -4.89
N PRO B 82 -23.19 -32.65 -4.52
CA PRO B 82 -23.51 -32.43 -3.11
C PRO B 82 -24.07 -33.68 -2.42
N GLN B 83 -24.92 -34.41 -3.12
CA GLN B 83 -25.55 -35.62 -2.59
C GLN B 83 -24.61 -36.83 -2.55
N MET B 84 -23.69 -36.90 -3.51
CA MET B 84 -22.74 -38.02 -3.60
C MET B 84 -21.77 -38.07 -2.42
N VAL B 85 -21.39 -36.91 -1.91
CA VAL B 85 -20.56 -36.83 -0.72
C VAL B 85 -21.32 -37.32 0.50
N ALA B 86 -22.60 -36.91 0.60
CA ALA B 86 -23.47 -37.29 1.70
C ALA B 86 -23.61 -38.81 1.86
N ILE B 87 -23.85 -39.51 0.76
CA ILE B 87 -24.06 -40.96 0.79
C ILE B 87 -22.77 -41.73 1.11
N TYR B 88 -21.65 -41.29 0.55
CA TYR B 88 -20.35 -41.86 0.86
C TYR B 88 -20.01 -41.55 2.31
N ASN B 89 -20.42 -40.36 2.74
CA ASN B 89 -20.36 -39.98 4.15
C ASN B 89 -21.26 -40.86 5.01
N GLY B 90 -22.46 -41.14 4.51
CA GLY B 90 -23.42 -42.02 5.19
C GLY B 90 -22.84 -43.39 5.46
N MET B 91 -22.40 -44.06 4.40
CA MET B 91 -21.80 -45.39 4.49
C MET B 91 -20.59 -45.46 5.44
N GLY B 92 -19.85 -44.36 5.53
CA GLY B 92 -18.73 -44.24 6.46
C GLY B 92 -19.18 -44.25 7.91
N GLY B 93 -20.34 -43.64 8.17
CA GLY B 93 -20.98 -43.69 9.47
C GLY B 93 -21.53 -45.07 9.77
N GLY B 94 -22.01 -45.75 8.72
CA GLY B 94 -22.44 -47.14 8.82
C GLY B 94 -21.28 -48.07 9.12
N ALA B 95 -20.14 -47.80 8.47
CA ALA B 95 -18.92 -48.60 8.64
C ALA B 95 -18.36 -48.53 10.06
N ALA B 96 -18.50 -47.37 10.70
CA ALA B 96 -18.10 -47.18 12.08
C ALA B 96 -19.08 -47.86 13.05
N ALA B 97 -20.37 -47.75 12.73
CA ALA B 97 -21.44 -48.38 13.50
C ALA B 97 -21.31 -49.90 13.46
N THR B 98 -20.79 -50.43 12.35
CA THR B 98 -20.59 -51.86 12.18
C THR B 98 -19.42 -52.40 13.00
N ILE B 99 -18.35 -51.61 13.13
CA ILE B 99 -17.22 -51.97 13.99
C ILE B 99 -17.67 -51.99 15.46
N ALA B 100 -18.58 -51.08 15.80
CA ALA B 100 -19.11 -50.92 17.15
C ALA B 100 -19.91 -52.13 17.65
N ALA B 101 -20.81 -52.63 16.80
CA ALA B 101 -21.72 -53.71 17.17
C ALA B 101 -21.00 -55.04 17.40
N VAL B 102 -19.97 -55.30 16.60
CA VAL B 102 -19.24 -56.58 16.62
C VAL B 102 -18.59 -56.88 17.98
N GLU B 103 -17.77 -55.96 18.47
CA GLU B 103 -17.13 -56.13 19.79
C GLU B 103 -18.14 -55.95 20.95
N LEU B 104 -19.33 -55.45 20.64
CA LEU B 104 -20.43 -55.36 21.61
C LEU B 104 -21.17 -56.69 21.74
N LEU B 105 -21.21 -57.45 20.65
CA LEU B 105 -21.83 -58.78 20.61
C LEU B 105 -20.90 -59.85 21.18
N LYS B 106 -19.60 -59.66 20.95
CA LYS B 106 -18.54 -60.48 21.53
C LYS B 106 -18.56 -60.42 23.06
N GLY B 107 -18.73 -59.21 23.58
CA GLY B 107 -18.45 -58.93 25.00
C GLY B 107 -16.95 -58.84 25.15
N ALA B 108 -16.29 -58.39 24.08
CA ALA B 108 -14.82 -58.39 23.94
C ALA B 108 -14.12 -57.50 24.95
N PHE B 109 -14.84 -56.52 25.48
CA PHE B 109 -14.32 -55.71 26.58
C PHE B 109 -15.27 -55.68 27.78
N GLU B 110 -14.67 -55.70 28.96
CA GLU B 110 -15.39 -55.48 30.20
C GLU B 110 -15.01 -54.10 30.73
N ASN B 111 -14.14 -53.41 29.99
CA ASN B 111 -13.77 -52.01 30.24
C ASN B 111 -15.00 -51.13 30.07
N THR B 112 -15.28 -50.30 31.08
CA THR B 112 -16.50 -49.46 31.09
C THR B 112 -16.36 -48.14 30.31
N GLY B 113 -15.12 -47.76 29.99
CA GLY B 113 -14.86 -46.58 29.17
C GLY B 113 -14.83 -46.90 27.69
N LEU B 114 -14.11 -47.97 27.34
CA LEU B 114 -13.99 -48.46 25.95
C LEU B 114 -15.36 -48.80 25.35
N MET B 115 -16.17 -49.51 26.13
CA MET B 115 -17.55 -49.84 25.76
C MET B 115 -18.32 -48.54 25.50
N ALA B 116 -18.22 -47.59 26.43
CA ALA B 116 -18.92 -46.31 26.36
C ALA B 116 -18.53 -45.46 25.13
N LEU B 117 -17.31 -45.66 24.63
CA LEU B 117 -16.85 -44.97 23.43
C LEU B 117 -17.11 -45.79 22.18
N ALA B 118 -17.22 -47.10 22.35
CA ALA B 118 -17.66 -47.98 21.28
C ALA B 118 -19.13 -47.75 20.98
N ILE B 119 -19.92 -47.64 22.04
CA ILE B 119 -21.36 -47.41 21.95
C ILE B 119 -21.66 -45.99 21.45
N LEU B 120 -21.01 -44.99 22.06
CA LEU B 120 -21.22 -43.59 21.71
C LEU B 120 -20.76 -43.30 20.28
N GLY B 121 -19.73 -44.02 19.84
CA GLY B 121 -19.28 -43.97 18.45
C GLY B 121 -20.23 -44.68 17.52
N GLY B 122 -20.86 -45.74 18.01
CA GLY B 122 -21.85 -46.50 17.25
C GLY B 122 -23.16 -45.76 17.08
N LEU B 123 -23.52 -44.96 18.07
CA LEU B 123 -24.73 -44.13 18.02
C LEU B 123 -24.61 -43.09 16.91
N ILE B 124 -23.60 -42.23 17.03
CA ILE B 124 -23.35 -41.13 16.09
C ILE B 124 -23.08 -41.65 14.67
N GLY B 125 -22.51 -42.84 14.56
CA GLY B 125 -22.28 -43.49 13.27
C GLY B 125 -23.56 -43.80 12.52
N SER B 126 -24.47 -44.53 13.17
CA SER B 126 -25.77 -44.88 12.60
C SER B 126 -26.64 -43.66 12.31
N VAL B 127 -26.48 -42.62 13.13
CA VAL B 127 -27.13 -41.32 12.91
C VAL B 127 -26.54 -40.65 11.67
N ALA B 128 -25.20 -40.65 11.58
CA ALA B 128 -24.48 -40.08 10.44
C ALA B 128 -24.63 -40.94 9.18
N PHE B 129 -25.10 -42.16 9.36
CA PHE B 129 -25.42 -43.05 8.25
C PHE B 129 -26.77 -42.68 7.63
N THR B 130 -27.84 -43.00 8.36
CA THR B 130 -29.21 -42.77 7.88
C THR B 130 -29.56 -41.30 7.67
N GLY B 131 -28.81 -40.41 8.31
CA GLY B 131 -28.97 -38.96 8.12
C GLY B 131 -28.50 -38.50 6.75
N SER B 132 -27.37 -39.05 6.32
CA SER B 132 -26.75 -38.70 5.04
C SER B 132 -27.46 -39.32 3.83
N LEU B 133 -28.25 -40.37 4.08
CA LEU B 133 -29.02 -41.03 3.02
C LEU B 133 -30.36 -40.33 2.80
N ILE B 134 -30.91 -39.77 3.88
CA ILE B 134 -32.08 -38.90 3.81
C ILE B 134 -31.66 -37.58 3.17
N ALA B 135 -30.48 -37.09 3.57
CA ALA B 135 -29.86 -35.93 2.94
C ALA B 135 -29.57 -36.20 1.47
N PHE B 136 -29.19 -37.44 1.18
CA PHE B 136 -28.94 -37.90 -0.18
C PHE B 136 -30.23 -37.90 -1.01
N ALA B 137 -31.32 -38.31 -0.39
CA ALA B 137 -32.60 -38.47 -1.09
C ALA B 137 -33.30 -37.15 -1.43
N LYS B 138 -32.99 -36.10 -0.69
CA LYS B 138 -33.65 -34.80 -0.87
C LYS B 138 -33.18 -33.99 -2.08
N LEU B 139 -31.87 -34.05 -2.35
CA LEU B 139 -31.29 -33.36 -3.51
C LEU B 139 -31.58 -34.10 -4.82
N GLN B 140 -31.77 -35.41 -4.73
CA GLN B 140 -32.06 -36.26 -5.90
C GLN B 140 -33.49 -36.15 -6.40
N GLY B 141 -34.40 -35.70 -5.54
CA GLY B 141 -35.81 -35.56 -5.89
C GLY B 141 -36.64 -36.80 -5.59
N ILE B 142 -36.01 -37.82 -5.03
CA ILE B 142 -36.71 -39.03 -4.62
C ILE B 142 -37.56 -38.74 -3.38
N MET B 143 -37.22 -37.67 -2.68
CA MET B 143 -37.87 -37.29 -1.42
C MET B 143 -38.11 -35.78 -1.41
N LYS B 144 -39.12 -35.33 -0.65
CA LYS B 144 -39.48 -33.91 -0.59
C LYS B 144 -38.32 -33.05 -0.07
N SER B 145 -37.84 -32.15 -0.92
CA SER B 145 -36.70 -31.29 -0.60
C SER B 145 -37.00 -30.29 0.50
N ARG B 146 -38.17 -29.64 0.41
CA ARG B 146 -38.63 -28.67 1.40
C ARG B 146 -38.74 -29.33 2.80
N PRO B 147 -38.53 -28.53 3.88
CA PRO B 147 -38.62 -29.03 5.25
C PRO B 147 -39.91 -29.81 5.53
N ILE B 148 -39.78 -30.99 6.13
CA ILE B 148 -40.94 -31.87 6.40
C ILE B 148 -41.31 -31.86 7.88
N LEU B 149 -42.41 -31.17 8.20
CA LEU B 149 -42.88 -31.02 9.59
C LEU B 149 -44.13 -31.87 9.89
N PHE B 150 -44.24 -32.29 11.15
CA PHE B 150 -45.46 -32.90 11.70
C PHE B 150 -45.68 -32.41 13.14
N PRO B 151 -46.95 -32.20 13.54
CA PRO B 151 -47.29 -31.50 14.80
C PRO B 151 -46.56 -32.03 16.04
N GLY B 152 -45.73 -31.17 16.64
CA GLY B 152 -44.98 -31.51 17.86
C GLY B 152 -43.85 -32.49 17.65
N GLN B 153 -42.92 -32.13 16.77
CA GLN B 153 -41.77 -33.00 16.45
C GLN B 153 -40.52 -32.71 17.29
N LYS B 154 -40.53 -31.58 18.01
CA LYS B 154 -39.43 -31.21 18.91
C LYS B 154 -39.44 -32.06 20.20
N ALA B 155 -40.55 -32.78 20.42
CA ALA B 155 -40.67 -33.73 21.52
C ALA B 155 -40.66 -35.20 21.05
N VAL B 156 -40.63 -35.39 19.73
CA VAL B 156 -40.49 -36.72 19.13
C VAL B 156 -39.01 -37.04 18.86
N ASN B 157 -38.31 -36.10 18.23
CA ASN B 157 -36.86 -36.17 18.04
C ASN B 157 -36.11 -36.33 19.36
N ALA B 158 -36.44 -35.47 20.32
CA ALA B 158 -35.74 -35.38 21.61
C ALA B 158 -36.02 -36.54 22.58
N LEU B 159 -37.11 -37.27 22.36
CA LEU B 159 -37.41 -38.46 23.18
C LEU B 159 -37.04 -39.77 22.48
N VAL B 160 -36.95 -39.75 21.14
CA VAL B 160 -36.37 -40.86 20.38
C VAL B 160 -34.88 -40.95 20.68
N LEU B 161 -34.22 -39.79 20.71
CA LEU B 161 -32.81 -39.68 21.02
C LEU B 161 -32.53 -39.98 22.50
N ALA B 162 -33.36 -39.42 23.39
CA ALA B 162 -33.21 -39.60 24.84
C ALA B 162 -33.25 -41.07 25.25
N LEU B 163 -33.99 -41.89 24.49
CA LEU B 163 -33.99 -43.33 24.69
C LEU B 163 -32.78 -43.96 24.03
N THR B 164 -32.47 -43.53 22.80
CA THR B 164 -31.27 -43.99 22.07
C THR B 164 -30.01 -43.85 22.94
N VAL B 165 -30.02 -42.85 23.84
CA VAL B 165 -28.92 -42.63 24.79
C VAL B 165 -29.02 -43.55 26.01
N VAL B 166 -30.16 -43.54 26.69
CA VAL B 166 -30.38 -44.37 27.88
C VAL B 166 -30.24 -45.87 27.57
N ILE B 167 -30.63 -46.27 26.36
CA ILE B 167 -30.43 -47.65 25.90
C ILE B 167 -28.97 -47.94 25.54
N GLY B 168 -28.25 -46.93 25.06
CA GLY B 168 -26.83 -47.04 24.77
C GLY B 168 -26.00 -47.23 26.03
N LEU B 169 -26.37 -46.49 27.07
CA LEU B 169 -25.72 -46.58 28.38
C LEU B 169 -26.00 -47.90 29.10
N SER B 170 -27.10 -48.56 28.75
CA SER B 170 -27.50 -49.82 29.39
C SER B 170 -26.59 -50.98 29.00
N LEU B 171 -25.91 -50.85 27.86
CA LEU B 171 -25.00 -51.87 27.35
C LEU B 171 -23.77 -52.09 28.23
N LEU B 172 -23.56 -51.20 29.19
CA LEU B 172 -22.47 -51.29 30.14
C LEU B 172 -22.74 -52.38 31.18
N TRP B 173 -23.84 -52.23 31.93
CA TRP B 173 -24.25 -53.22 32.91
C TRP B 173 -24.95 -54.43 32.28
N ASN B 174 -25.76 -54.18 31.25
CA ASN B 174 -26.51 -55.26 30.58
C ASN B 174 -26.35 -55.20 29.05
N ASP B 175 -25.32 -55.87 28.53
CA ASP B 175 -25.14 -56.01 27.09
C ASP B 175 -25.76 -57.30 26.54
N ALA B 176 -27.05 -57.44 26.75
CA ALA B 176 -27.84 -58.50 26.13
C ALA B 176 -28.04 -58.15 24.66
N THR B 177 -27.87 -59.15 23.80
CA THR B 177 -27.94 -58.94 22.35
C THR B 177 -29.37 -58.72 21.82
N ALA B 178 -30.21 -58.10 22.66
CA ALA B 178 -31.59 -57.76 22.32
C ALA B 178 -31.89 -56.28 22.59
N SER B 179 -30.95 -55.60 23.25
CA SER B 179 -31.05 -54.16 23.50
C SER B 179 -29.93 -53.39 22.77
N ILE B 180 -29.23 -54.08 21.86
CA ILE B 180 -28.14 -53.50 21.07
C ILE B 180 -28.62 -53.00 19.71
N VAL B 181 -29.31 -53.85 18.95
CA VAL B 181 -29.86 -53.47 17.65
C VAL B 181 -31.02 -52.48 17.77
N LEU B 182 -31.75 -52.54 18.89
CA LEU B 182 -32.80 -51.55 19.20
C LEU B 182 -32.16 -50.19 19.49
N PHE B 183 -30.97 -50.22 20.08
CA PHE B 183 -30.13 -49.02 20.22
C PHE B 183 -29.61 -48.56 18.86
N PHE B 184 -29.31 -49.52 17.99
CA PHE B 184 -28.80 -49.23 16.65
C PHE B 184 -29.86 -48.71 15.68
N LEU B 185 -31.06 -49.28 15.76
CA LEU B 185 -32.17 -48.84 14.93
C LEU B 185 -32.76 -47.52 15.43
N LEU B 186 -32.65 -47.27 16.73
CA LEU B 186 -33.04 -45.98 17.32
C LEU B 186 -32.17 -44.84 16.82
N ALA B 187 -30.90 -45.16 16.54
CA ALA B 187 -29.97 -44.21 15.96
C ALA B 187 -30.12 -44.17 14.44
N LEU B 188 -30.48 -45.31 13.85
CA LEU B 188 -30.85 -45.36 12.43
C LEU B 188 -32.19 -44.68 12.20
N LEU B 189 -32.98 -44.58 13.27
CA LEU B 189 -34.26 -43.89 13.23
C LEU B 189 -34.09 -42.40 13.49
N PHE B 190 -33.37 -42.05 14.55
CA PHE B 190 -33.04 -40.65 14.84
C PHE B 190 -32.20 -40.06 13.71
N GLY B 191 -31.49 -40.92 12.99
CA GLY B 191 -30.79 -40.53 11.77
C GLY B 191 -31.74 -39.96 10.74
N VAL B 192 -32.88 -40.63 10.56
CA VAL B 192 -33.91 -40.20 9.63
C VAL B 192 -34.67 -38.96 10.13
N LEU B 193 -35.09 -39.00 11.40
CA LEU B 193 -35.90 -37.92 12.00
C LEU B 193 -35.28 -36.53 12.00
N MET B 194 -33.99 -36.44 12.33
CA MET B 194 -33.32 -35.15 12.49
C MET B 194 -32.86 -34.54 11.16
N THR B 195 -32.91 -35.33 10.09
CA THR B 195 -32.62 -34.86 8.72
C THR B 195 -33.90 -34.73 7.88
N LEU B 196 -35.03 -34.62 8.57
CA LEU B 196 -36.33 -34.37 7.94
C LEU B 196 -36.73 -32.89 7.87
N PRO B 197 -36.41 -32.09 8.93
CA PRO B 197 -36.81 -30.68 8.93
C PRO B 197 -35.86 -29.74 8.19
N ILE B 198 -34.71 -30.26 7.74
CA ILE B 198 -33.72 -29.44 7.03
C ILE B 198 -34.16 -29.23 5.57
N GLY B 199 -34.11 -27.97 5.14
CA GLY B 199 -34.50 -27.61 3.76
C GLY B 199 -33.58 -28.17 2.70
N GLY B 200 -34.09 -28.29 1.49
CA GLY B 200 -33.33 -28.78 0.34
C GLY B 200 -32.15 -27.89 0.00
N GLY B 201 -32.33 -26.60 0.22
CA GLY B 201 -31.24 -25.63 0.09
C GLY B 201 -30.35 -25.62 1.32
N ASP B 202 -30.90 -26.03 2.45
CA ASP B 202 -30.17 -26.06 3.72
C ASP B 202 -29.36 -27.36 3.88
N MET B 203 -29.28 -28.16 2.82
CA MET B 203 -28.72 -29.51 2.87
C MET B 203 -27.18 -29.62 2.89
N PRO B 204 -26.48 -28.77 2.10
CA PRO B 204 -25.01 -28.79 2.15
C PRO B 204 -24.42 -28.71 3.56
N VAL B 205 -24.86 -27.74 4.35
CA VAL B 205 -24.37 -27.53 5.72
C VAL B 205 -24.65 -28.74 6.61
N ALA B 206 -25.77 -29.42 6.34
CA ALA B 206 -26.13 -30.65 7.04
C ALA B 206 -25.17 -31.79 6.70
N ILE B 207 -24.72 -31.84 5.44
CA ILE B 207 -23.80 -32.87 4.96
C ILE B 207 -22.40 -32.72 5.59
N SER B 208 -21.98 -31.47 5.78
CA SER B 208 -20.72 -31.16 6.48
C SER B 208 -20.83 -31.46 7.96
N PHE B 209 -22.03 -31.30 8.50
CA PHE B 209 -22.32 -31.57 9.91
C PHE B 209 -22.32 -33.08 10.18
N TYR B 210 -22.78 -33.85 9.20
CA TYR B 210 -22.73 -35.31 9.26
C TYR B 210 -21.34 -35.84 8.89
N ASN B 211 -20.60 -35.06 8.11
CA ASN B 211 -19.21 -35.37 7.78
C ASN B 211 -18.31 -35.27 9.01
N ALA B 212 -18.62 -34.33 9.88
CA ALA B 212 -18.01 -34.22 11.19
C ALA B 212 -18.45 -35.38 12.07
N PHE B 213 -19.75 -35.70 12.00
CA PHE B 213 -20.37 -36.77 12.78
C PHE B 213 -19.76 -38.15 12.49
N THR B 214 -19.49 -38.42 11.21
CA THR B 214 -18.79 -39.64 10.83
C THR B 214 -17.35 -39.61 11.34
N GLY B 215 -16.68 -38.47 11.11
CA GLY B 215 -15.30 -38.27 11.58
C GLY B 215 -15.14 -38.46 13.07
N MET B 216 -15.99 -37.79 13.86
CA MET B 216 -16.02 -37.96 15.31
C MET B 216 -16.16 -39.44 15.68
N ALA B 217 -17.18 -40.09 15.11
CA ALA B 217 -17.49 -41.49 15.41
C ALA B 217 -16.30 -42.42 15.21
N VAL B 218 -15.62 -42.29 14.07
CA VAL B 218 -14.46 -43.15 13.75
C VAL B 218 -13.24 -42.82 14.62
N GLY B 219 -13.28 -41.65 15.26
CA GLY B 219 -12.28 -41.29 16.27
C GLY B 219 -12.52 -42.10 17.52
N PHE B 220 -13.71 -41.97 18.10
CA PHE B 220 -14.10 -42.65 19.33
C PHE B 220 -14.13 -44.17 19.20
N GLU B 221 -14.50 -44.64 18.01
CA GLU B 221 -14.49 -46.07 17.72
C GLU B 221 -13.06 -46.56 17.55
N GLY B 222 -12.23 -45.69 16.97
CA GLY B 222 -10.80 -45.96 16.79
C GLY B 222 -10.06 -46.00 18.11
N PHE B 223 -10.60 -45.30 19.11
CA PHE B 223 -10.08 -45.34 20.47
C PHE B 223 -10.58 -46.59 21.22
N ALA B 224 -11.81 -47.02 20.93
CA ALA B 224 -12.45 -48.15 21.62
C ALA B 224 -11.72 -49.49 21.44
N VAL B 225 -11.10 -49.68 20.27
CA VAL B 225 -10.14 -50.76 20.05
C VAL B 225 -8.74 -50.16 19.82
N GLY B 226 -7.70 -50.96 20.00
CA GLY B 226 -6.32 -50.46 19.91
C GLY B 226 -5.85 -50.16 18.50
N ASN B 227 -6.43 -49.12 17.90
CA ASN B 227 -6.19 -48.78 16.49
C ASN B 227 -5.74 -47.32 16.27
N PRO B 228 -4.41 -47.11 16.15
CA PRO B 228 -3.78 -45.78 16.00
C PRO B 228 -4.19 -44.98 14.76
N ALA B 229 -4.28 -45.63 13.60
CA ALA B 229 -4.64 -44.96 12.35
C ALA B 229 -6.03 -44.32 12.44
N LEU B 230 -6.99 -45.09 12.95
CA LEU B 230 -8.36 -44.61 13.18
C LEU B 230 -8.37 -43.47 14.20
N MET B 231 -7.59 -43.63 15.27
CA MET B 231 -7.44 -42.62 16.31
C MET B 231 -6.98 -41.30 15.71
N VAL B 232 -6.00 -41.39 14.81
CA VAL B 232 -5.40 -40.21 14.17
C VAL B 232 -6.37 -39.53 13.21
N ALA B 233 -6.84 -40.28 12.21
CA ALA B 233 -7.66 -39.72 11.13
C ALA B 233 -9.07 -39.32 11.55
N GLY B 234 -9.62 -40.00 12.55
CA GLY B 234 -10.99 -39.77 13.01
C GLY B 234 -11.26 -38.37 13.51
N THR B 235 -10.66 -38.05 14.65
CA THR B 235 -10.81 -36.72 15.28
C THR B 235 -10.15 -35.61 14.45
N LEU B 236 -9.29 -36.01 13.51
CA LEU B 236 -8.65 -35.08 12.58
C LEU B 236 -9.67 -34.59 11.54
N VAL B 237 -10.59 -35.47 11.16
CA VAL B 237 -11.69 -35.11 10.27
C VAL B 237 -12.85 -34.51 11.07
N GLY B 238 -13.08 -35.06 12.25
CA GLY B 238 -14.12 -34.59 13.15
C GLY B 238 -13.97 -33.12 13.53
N ALA B 239 -12.79 -32.78 14.07
CA ALA B 239 -12.47 -31.40 14.46
C ALA B 239 -12.46 -30.45 13.25
N ALA B 240 -12.10 -31.00 12.09
CA ALA B 240 -12.15 -30.27 10.84
C ALA B 240 -13.59 -30.05 10.39
N GLY B 241 -14.42 -31.08 10.58
CA GLY B 241 -15.80 -31.06 10.12
C GLY B 241 -16.74 -30.07 10.79
N THR B 242 -16.56 -29.86 12.09
CA THR B 242 -17.40 -28.91 12.84
C THR B 242 -17.03 -27.46 12.54
N LEU B 243 -15.75 -27.19 12.31
CA LEU B 243 -15.29 -25.88 11.84
C LEU B 243 -15.79 -25.70 10.41
N LEU B 244 -15.72 -26.78 9.64
CA LEU B 244 -16.24 -26.83 8.27
C LEU B 244 -17.72 -26.51 8.25
N THR B 245 -18.43 -26.94 9.29
CA THR B 245 -19.87 -26.70 9.42
C THR B 245 -20.19 -25.21 9.62
N VAL B 246 -19.51 -24.58 10.57
CA VAL B 246 -19.78 -23.18 10.94
C VAL B 246 -19.41 -22.19 9.82
N LEU B 247 -18.25 -22.38 9.20
CA LEU B 247 -17.80 -21.52 8.09
C LEU B 247 -18.70 -21.62 6.86
N MET B 248 -19.26 -22.80 6.62
CA MET B 248 -20.20 -23.00 5.52
C MET B 248 -21.56 -22.39 5.85
N ALA B 249 -21.83 -22.20 7.14
CA ALA B 249 -23.03 -21.49 7.59
C ALA B 249 -22.79 -19.99 7.60
N ARG B 250 -21.54 -19.60 7.83
CA ARG B 250 -21.10 -18.21 7.80
C ARG B 250 -21.22 -17.62 6.39
N ALA B 251 -20.94 -18.45 5.39
CA ALA B 251 -21.00 -18.04 3.99
C ALA B 251 -22.43 -17.87 3.48
N MET B 252 -23.34 -18.76 3.92
CA MET B 252 -24.74 -18.74 3.48
C MET B 252 -25.57 -17.66 4.17
N ASN B 253 -24.89 -16.79 4.91
CA ASN B 253 -25.50 -15.67 5.64
C ASN B 253 -26.65 -16.14 6.54
N ARG B 254 -26.29 -17.05 7.43
CA ARG B 254 -27.21 -17.75 8.31
C ARG B 254 -26.37 -18.25 9.48
N SER B 255 -26.95 -19.07 10.35
CA SER B 255 -26.22 -19.77 11.41
C SER B 255 -26.64 -21.23 11.49
N VAL B 256 -25.77 -22.08 12.03
CA VAL B 256 -25.98 -23.54 12.07
C VAL B 256 -27.29 -23.98 12.72
N TRP B 257 -27.80 -23.18 13.65
CA TRP B 257 -29.03 -23.50 14.36
C TRP B 257 -30.28 -23.27 13.51
N SER B 258 -30.20 -22.34 12.56
CA SER B 258 -31.32 -22.05 11.65
C SER B 258 -31.54 -23.22 10.67
N VAL B 259 -30.46 -23.85 10.22
CA VAL B 259 -30.55 -24.96 9.26
C VAL B 259 -30.96 -26.28 9.92
N LEU B 260 -30.58 -26.47 11.18
CA LEU B 260 -30.92 -27.66 11.96
C LEU B 260 -32.45 -27.84 12.07
N VAL B 261 -33.19 -26.74 11.90
CA VAL B 261 -34.65 -26.80 11.88
C VAL B 261 -35.37 -25.98 10.79
N GLY B 262 -35.12 -24.66 10.73
CA GLY B 262 -35.91 -23.70 9.92
C GLY B 262 -37.43 -24.02 9.93
N GLY B 263 -37.90 -24.45 11.11
CA GLY B 263 -39.23 -25.01 11.27
C GLY B 263 -39.13 -26.45 11.77
N LYS B 274 -34.97 -7.09 -6.86
CA LYS B 274 -35.43 -8.43 -7.34
C LYS B 274 -34.77 -9.59 -6.59
N GLY B 275 -33.54 -9.35 -6.10
CA GLY B 275 -32.78 -10.36 -5.37
C GLY B 275 -32.49 -9.95 -3.93
N SER B 276 -31.20 -9.87 -3.58
CA SER B 276 -30.77 -9.45 -2.24
C SER B 276 -29.30 -9.01 -2.19
N LEU B 277 -28.92 -8.39 -1.08
CA LEU B 277 -27.54 -7.94 -0.84
C LEU B 277 -26.65 -9.10 -0.38
N LYS B 278 -25.37 -9.04 -0.74
CA LYS B 278 -24.42 -10.15 -0.48
C LYS B 278 -23.09 -9.68 0.13
N PRO B 279 -22.90 -9.88 1.46
CA PRO B 279 -21.65 -9.49 2.12
C PRO B 279 -20.53 -10.50 1.92
N ILE B 280 -19.37 -10.01 1.49
CA ILE B 280 -18.18 -10.84 1.30
C ILE B 280 -17.03 -10.30 2.16
N ASP B 281 -16.25 -11.20 2.75
CA ASP B 281 -15.10 -10.81 3.56
C ASP B 281 -13.95 -10.36 2.67
N VAL B 282 -13.02 -9.59 3.23
CA VAL B 282 -11.89 -9.03 2.47
C VAL B 282 -11.01 -10.07 1.79
N GLU B 283 -10.99 -11.28 2.35
CA GLU B 283 -10.15 -12.37 1.83
C GLU B 283 -10.74 -13.05 0.59
N ASP B 284 -12.04 -13.36 0.62
CA ASP B 284 -12.71 -14.07 -0.47
C ASP B 284 -12.73 -13.27 -1.78
N ALA B 285 -12.60 -11.96 -1.66
CA ALA B 285 -12.47 -11.09 -2.83
C ALA B 285 -11.10 -11.26 -3.46
N ALA B 286 -10.06 -11.31 -2.62
CA ALA B 286 -8.69 -11.58 -3.08
C ALA B 286 -8.58 -12.97 -3.69
N VAL B 287 -9.49 -13.85 -3.28
CA VAL B 287 -9.61 -15.20 -3.83
C VAL B 287 -9.98 -15.16 -5.31
N MET B 288 -11.09 -14.49 -5.62
CA MET B 288 -11.55 -14.37 -7.00
C MET B 288 -10.58 -13.53 -7.82
N LEU B 289 -9.79 -12.70 -7.14
CA LEU B 289 -8.85 -11.77 -7.79
C LEU B 289 -7.47 -12.38 -8.05
N ALA B 290 -7.10 -13.43 -7.32
CA ALA B 290 -5.81 -14.08 -7.52
C ALA B 290 -5.81 -15.02 -8.72
N TYR B 291 -6.99 -15.26 -9.28
CA TYR B 291 -7.20 -16.31 -10.28
C TYR B 291 -7.99 -15.90 -11.52
N ALA B 292 -8.32 -14.62 -11.61
CA ALA B 292 -9.01 -14.10 -12.78
C ALA B 292 -8.04 -13.86 -13.95
N GLY B 293 -8.58 -13.31 -15.04
CA GLY B 293 -7.79 -13.01 -16.24
C GLY B 293 -8.08 -11.63 -16.82
N LYS B 294 -9.34 -11.20 -16.74
CA LYS B 294 -9.74 -9.88 -17.24
C LYS B 294 -10.49 -9.10 -16.16
N VAL B 295 -9.77 -8.19 -15.53
CA VAL B 295 -10.30 -7.38 -14.42
C VAL B 295 -10.34 -5.91 -14.84
N VAL B 296 -11.40 -5.21 -14.41
CA VAL B 296 -11.58 -3.79 -14.70
C VAL B 296 -12.02 -3.02 -13.44
N PHE B 297 -11.19 -2.06 -13.01
CA PHE B 297 -11.50 -1.23 -11.84
C PHE B 297 -12.42 -0.07 -12.22
N VAL B 298 -13.52 0.07 -11.47
CA VAL B 298 -14.45 1.18 -11.69
C VAL B 298 -14.44 2.13 -10.49
N PRO B 299 -13.64 3.20 -10.59
CA PRO B 299 -13.52 4.15 -9.49
C PRO B 299 -14.63 5.20 -9.47
N GLY B 300 -15.04 5.58 -8.27
CA GLY B 300 -16.04 6.63 -8.08
C GLY B 300 -15.60 7.66 -7.06
N TYR B 301 -16.56 8.43 -6.57
CA TYR B 301 -16.29 9.52 -5.63
C TYR B 301 -15.83 9.02 -4.26
N GLY B 302 -16.20 7.79 -3.91
CA GLY B 302 -15.79 7.17 -2.65
C GLY B 302 -14.29 7.01 -2.53
N MET B 303 -13.64 6.71 -3.65
CA MET B 303 -12.18 6.58 -3.72
C MET B 303 -11.51 7.89 -3.35
N ALA B 304 -12.13 8.99 -3.79
CA ALA B 304 -11.63 10.33 -3.51
C ALA B 304 -11.68 10.68 -2.02
N LEU B 305 -12.85 10.50 -1.39
CA LEU B 305 -13.04 10.81 0.03
C LEU B 305 -12.09 10.00 0.92
N SER B 306 -11.74 8.81 0.42
CA SER B 306 -10.83 7.90 1.13
C SER B 306 -9.36 8.15 0.77
N GLN B 307 -9.13 8.89 -0.31
CA GLN B 307 -7.78 9.11 -0.85
C GLN B 307 -7.11 7.76 -1.16
N ALA B 308 -7.89 6.89 -1.79
CA ALA B 308 -7.53 5.49 -1.97
C ALA B 308 -6.53 5.25 -3.09
N GLN B 309 -6.52 6.13 -4.09
CA GLN B 309 -5.74 6.00 -5.32
C GLN B 309 -4.39 5.25 -5.22
N HIS B 310 -3.69 5.44 -4.10
CA HIS B 310 -2.35 4.86 -3.92
C HIS B 310 -2.38 3.38 -3.51
N LYS B 311 -3.45 2.98 -2.83
CA LYS B 311 -3.64 1.58 -2.44
C LYS B 311 -4.29 0.78 -3.57
N LEU B 312 -4.91 1.50 -4.51
CA LEU B 312 -5.54 0.89 -5.68
C LEU B 312 -4.49 0.54 -6.74
N LYS B 313 -3.65 1.52 -7.08
CA LYS B 313 -2.58 1.36 -8.07
C LYS B 313 -1.57 0.30 -7.60
N GLU B 314 -1.38 0.22 -6.29
CA GLU B 314 -0.51 -0.77 -5.65
C GLU B 314 -1.05 -2.19 -5.86
N LEU B 315 -2.37 -2.32 -5.83
CA LEU B 315 -3.04 -3.58 -6.07
C LEU B 315 -3.01 -3.97 -7.55
N ALA B 316 -3.18 -2.98 -8.42
CA ALA B 316 -3.17 -3.18 -9.87
C ALA B 316 -1.83 -3.68 -10.39
N ASP B 317 -0.74 -3.17 -9.80
CA ASP B 317 0.62 -3.62 -10.12
C ASP B 317 0.85 -5.05 -9.65
N LEU B 318 0.28 -5.38 -8.49
CA LEU B 318 0.33 -6.73 -7.96
C LEU B 318 -0.41 -7.72 -8.87
N LEU B 319 -1.34 -7.19 -9.66
CA LEU B 319 -2.10 -8.00 -10.63
C LEU B 319 -1.38 -8.11 -11.98
N GLU B 320 -0.80 -7.00 -12.45
CA GLU B 320 -0.01 -6.97 -13.69
C GLU B 320 1.17 -7.94 -13.66
N ALA B 321 1.73 -8.15 -12.47
CA ALA B 321 2.84 -9.06 -12.24
C ALA B 321 2.39 -10.52 -12.39
N ARG B 322 1.26 -10.86 -11.77
CA ARG B 322 0.65 -12.18 -11.92
C ARG B 322 0.14 -12.40 -13.35
N GLY B 323 0.44 -11.44 -14.22
CA GLY B 323 0.08 -11.51 -15.63
C GLY B 323 -1.35 -11.13 -15.94
N VAL B 324 -2.10 -10.76 -14.90
CA VAL B 324 -3.53 -10.44 -15.03
C VAL B 324 -3.75 -9.15 -15.81
N GLU B 325 -4.66 -9.21 -16.79
CA GLU B 325 -4.99 -8.05 -17.64
C GLU B 325 -5.84 -7.04 -16.90
N VAL B 326 -5.22 -5.92 -16.54
CA VAL B 326 -5.87 -4.85 -15.77
C VAL B 326 -6.16 -3.65 -16.67
N LYS B 327 -7.43 -3.21 -16.66
CA LYS B 327 -7.85 -1.99 -17.36
C LYS B 327 -8.71 -1.10 -16.44
N PHE B 328 -8.66 0.21 -16.66
CA PHE B 328 -9.43 1.16 -15.84
C PHE B 328 -10.56 1.80 -16.65
N ALA B 329 -11.77 1.75 -16.10
CA ALA B 329 -12.94 2.35 -16.75
C ALA B 329 -13.39 3.62 -16.02
N ILE B 330 -13.03 4.77 -16.60
CA ILE B 330 -13.39 6.05 -16.02
C ILE B 330 -14.71 6.51 -16.63
N HIS B 331 -15.73 6.63 -15.78
CA HIS B 331 -16.99 7.17 -16.22
C HIS B 331 -16.82 8.68 -16.41
N PRO B 332 -17.39 9.21 -17.50
CA PRO B 332 -17.47 10.64 -17.77
C PRO B 332 -17.73 11.50 -16.53
N VAL B 333 -18.74 11.12 -15.74
CA VAL B 333 -19.15 11.91 -14.57
C VAL B 333 -18.73 11.29 -13.23
N ALA B 334 -17.86 10.28 -13.28
CA ALA B 334 -17.33 9.66 -12.06
C ALA B 334 -16.68 10.71 -11.17
N GLY B 335 -17.16 10.79 -9.93
CA GLY B 335 -16.69 11.80 -8.98
C GLY B 335 -17.65 12.96 -8.87
N ARG B 336 -17.11 14.14 -8.62
CA ARG B 336 -17.95 15.33 -8.48
C ARG B 336 -17.59 16.44 -9.45
N MET B 337 -16.35 16.42 -9.93
CA MET B 337 -15.93 17.34 -10.98
C MET B 337 -15.54 16.55 -12.23
N PRO B 338 -15.51 17.21 -13.41
CA PRO B 338 -15.09 16.54 -14.63
C PRO B 338 -13.62 16.12 -14.58
N GLY B 339 -13.34 14.86 -14.92
CA GLY B 339 -11.98 14.31 -14.89
C GLY B 339 -11.42 14.16 -13.48
N HIS B 340 -12.31 13.99 -12.52
CA HIS B 340 -11.96 13.87 -11.10
C HIS B 340 -10.99 12.72 -10.85
N MET B 341 -11.27 11.58 -11.49
CA MET B 341 -10.44 10.39 -11.34
C MET B 341 -9.10 10.53 -12.07
N ASN B 342 -9.14 11.10 -13.28
CA ASN B 342 -7.97 11.22 -14.15
C ASN B 342 -6.77 11.88 -13.49
N VAL B 343 -7.05 12.87 -12.65
CA VAL B 343 -6.02 13.58 -11.92
C VAL B 343 -5.52 12.75 -10.75
N LEU B 344 -6.44 12.12 -10.03
CA LEU B 344 -6.09 11.30 -8.87
C LEU B 344 -5.41 9.98 -9.27
N LEU B 345 -5.56 9.60 -10.53
CA LEU B 345 -4.87 8.43 -11.09
C LEU B 345 -3.56 8.80 -11.79
N ALA B 346 -3.50 10.05 -12.29
CA ALA B 346 -2.24 10.59 -12.80
C ALA B 346 -1.25 10.81 -11.65
N GLU B 347 -1.79 11.02 -10.44
CA GLU B 347 -0.99 11.23 -9.22
C GLU B 347 -0.27 9.96 -8.77
N ALA B 348 -1.04 8.89 -8.58
CA ALA B 348 -0.52 7.58 -8.17
C ALA B 348 0.52 7.08 -9.16
N GLY B 349 0.39 7.49 -10.41
CA GLY B 349 1.35 7.15 -11.45
C GLY B 349 0.82 6.12 -12.44
N VAL B 350 -0.51 6.08 -12.61
CA VAL B 350 -1.14 5.14 -13.52
C VAL B 350 -0.91 5.57 -14.97
N ASP B 351 -0.39 4.65 -15.77
CA ASP B 351 -0.12 4.86 -17.19
C ASP B 351 -1.44 5.16 -17.92
N TYR B 352 -1.38 6.04 -18.91
CA TYR B 352 -2.59 6.54 -19.58
C TYR B 352 -3.21 5.57 -20.60
N ASP B 353 -2.42 4.58 -21.05
CA ASP B 353 -2.92 3.54 -21.94
C ASP B 353 -3.84 2.55 -21.22
N LYS B 354 -3.67 2.44 -19.90
CA LYS B 354 -4.55 1.63 -19.07
C LYS B 354 -5.90 2.34 -18.79
N LEU B 355 -6.02 3.57 -19.27
CA LEU B 355 -7.19 4.41 -19.03
C LEU B 355 -8.07 4.56 -20.28
N LYS B 356 -9.18 3.80 -20.33
CA LYS B 356 -10.08 3.80 -21.48
C LYS B 356 -11.49 4.30 -21.09
N ASP B 357 -12.17 4.94 -22.04
CA ASP B 357 -13.53 5.43 -21.81
C ASP B 357 -14.60 4.40 -22.21
N LEU B 358 -15.86 4.76 -22.00
CA LEU B 358 -17.00 3.85 -22.17
C LEU B 358 -17.11 3.19 -23.56
N GLU B 359 -16.94 3.98 -24.61
CA GLU B 359 -17.24 3.55 -25.97
C GLU B 359 -16.36 2.42 -26.54
N GLU B 360 -15.14 2.30 -26.01
CA GLU B 360 -14.20 1.28 -26.48
C GLU B 360 -14.00 0.14 -25.48
N ILE B 361 -14.82 0.13 -24.42
CA ILE B 361 -14.66 -0.84 -23.34
C ILE B 361 -15.95 -1.59 -23.00
N ASN B 362 -17.09 -1.06 -23.44
CA ASN B 362 -18.39 -1.68 -23.19
C ASN B 362 -18.63 -3.02 -23.91
N PRO B 363 -18.22 -3.14 -25.19
CA PRO B 363 -18.35 -4.45 -25.84
C PRO B 363 -17.27 -5.44 -25.39
N GLU B 364 -16.52 -5.06 -24.36
CA GLU B 364 -15.41 -5.84 -23.85
C GLU B 364 -15.74 -6.45 -22.49
N PHE B 365 -16.88 -6.02 -21.92
CA PHE B 365 -17.33 -6.47 -20.59
C PHE B 365 -17.82 -7.91 -20.47
N PRO B 366 -18.51 -8.46 -21.51
CA PRO B 366 -18.94 -9.87 -21.41
C PRO B 366 -17.80 -10.86 -21.26
N THR B 367 -16.58 -10.43 -21.61
CA THR B 367 -15.37 -11.24 -21.46
C THR B 367 -14.55 -10.82 -20.23
N VAL B 368 -15.08 -9.89 -19.44
CA VAL B 368 -14.46 -9.46 -18.19
C VAL B 368 -14.97 -10.33 -17.03
N ASP B 369 -14.05 -10.98 -16.33
CA ASP B 369 -14.39 -11.88 -15.24
C ASP B 369 -14.90 -11.15 -14.02
N VAL B 370 -14.01 -10.42 -13.34
CA VAL B 370 -14.35 -9.70 -12.12
C VAL B 370 -14.39 -8.20 -12.40
N ALA B 371 -15.44 -7.54 -11.90
CA ALA B 371 -15.58 -6.10 -12.02
C ALA B 371 -15.56 -5.44 -10.64
N VAL B 372 -14.43 -4.81 -10.30
CA VAL B 372 -14.26 -4.20 -8.98
C VAL B 372 -14.65 -2.72 -9.00
N VAL B 373 -15.84 -2.44 -8.49
CA VAL B 373 -16.31 -1.07 -8.33
C VAL B 373 -15.84 -0.55 -6.99
N ILE B 374 -15.27 0.66 -7.02
CA ILE B 374 -14.77 1.27 -5.81
C ILE B 374 -15.40 2.65 -5.66
N GLY B 375 -16.24 2.78 -4.62
CA GLY B 375 -16.88 4.04 -4.26
C GLY B 375 -17.74 4.68 -5.34
N ALA B 376 -18.08 3.92 -6.37
CA ALA B 376 -18.96 4.40 -7.42
C ALA B 376 -20.38 3.91 -7.16
N ASN B 377 -21.37 4.63 -7.69
CA ASN B 377 -22.77 4.28 -7.48
C ASN B 377 -23.69 4.66 -8.65
N ASP B 378 -23.88 5.97 -8.83
CA ASP B 378 -24.80 6.48 -9.85
C ASP B 378 -24.28 6.21 -11.26
N VAL B 379 -22.96 6.21 -11.40
CA VAL B 379 -22.30 6.01 -12.70
C VAL B 379 -22.39 4.55 -13.19
N VAL B 380 -22.51 3.62 -12.25
CA VAL B 380 -22.57 2.18 -12.58
C VAL B 380 -24.00 1.66 -12.58
N ASN B 381 -24.90 2.47 -12.02
CA ASN B 381 -26.30 2.11 -11.86
C ASN B 381 -26.99 1.78 -13.18
N PRO B 382 -27.53 0.55 -13.29
CA PRO B 382 -28.33 0.13 -14.45
C PRO B 382 -29.74 0.73 -14.47
N ALA B 383 -29.97 1.79 -13.70
CA ALA B 383 -31.23 2.53 -13.75
C ALA B 383 -31.18 3.58 -14.85
N ALA B 384 -29.99 3.84 -15.36
CA ALA B 384 -29.74 4.89 -16.37
C ALA B 384 -30.25 4.56 -17.78
N ARG B 385 -30.47 3.27 -18.06
CA ARG B 385 -30.99 2.83 -19.37
C ARG B 385 -32.45 3.26 -19.56
N ARG B 386 -33.25 3.16 -18.50
CA ARG B 386 -34.69 3.45 -18.54
C ARG B 386 -34.98 4.96 -18.51
N PRO B 387 -35.96 5.40 -19.31
CA PRO B 387 -36.36 6.81 -19.37
C PRO B 387 -37.09 7.30 -18.13
N GLY B 388 -37.60 6.36 -17.33
CA GLY B 388 -38.37 6.69 -16.14
C GLY B 388 -37.58 7.15 -14.93
N SER B 389 -36.26 6.98 -14.98
CA SER B 389 -35.37 7.32 -13.87
C SER B 389 -34.74 8.71 -14.00
N PRO B 390 -34.28 9.30 -12.86
CA PRO B 390 -33.61 10.59 -12.95
C PRO B 390 -32.16 10.42 -13.36
N LEU B 391 -31.81 9.21 -13.79
CA LEU B 391 -30.46 8.86 -14.21
C LEU B 391 -30.31 8.74 -15.73
N TYR B 392 -31.42 8.81 -16.47
CA TYR B 392 -31.40 8.70 -17.95
C TYR B 392 -30.62 9.86 -18.59
N GLY B 393 -30.25 9.71 -19.86
CA GLY B 393 -29.52 10.75 -20.60
C GLY B 393 -28.02 10.65 -20.43
N MET B 394 -27.60 10.26 -19.24
CA MET B 394 -26.20 9.99 -18.92
C MET B 394 -25.72 8.72 -19.62
N PRO B 395 -24.60 8.81 -20.35
CA PRO B 395 -23.95 7.64 -20.95
C PRO B 395 -23.64 6.57 -19.90
N ILE B 396 -23.89 5.30 -20.25
CA ILE B 396 -23.86 4.19 -19.28
C ILE B 396 -22.64 3.28 -19.41
N LEU B 397 -22.13 2.81 -18.27
CA LEU B 397 -21.03 1.86 -18.22
C LEU B 397 -21.57 0.45 -17.98
N ASP B 398 -21.33 -0.44 -18.94
CA ASP B 398 -21.86 -1.80 -18.91
C ASP B 398 -21.13 -2.73 -17.93
N VAL B 399 -21.12 -2.35 -16.66
CA VAL B 399 -20.39 -3.10 -15.63
C VAL B 399 -21.11 -4.38 -15.19
N ASP B 400 -22.43 -4.43 -15.36
CA ASP B 400 -23.24 -5.60 -14.96
C ASP B 400 -23.10 -6.82 -15.88
N LYS B 401 -22.65 -6.62 -17.12
CA LYS B 401 -22.41 -7.71 -18.07
C LYS B 401 -21.19 -8.57 -17.70
N ALA B 402 -20.28 -7.99 -16.92
CA ALA B 402 -19.12 -8.72 -16.40
C ALA B 402 -19.58 -9.93 -15.58
N LYS B 403 -18.89 -11.06 -15.78
CA LYS B 403 -19.28 -12.34 -15.18
C LYS B 403 -19.37 -12.34 -13.65
N ASN B 404 -18.59 -11.47 -13.02
CA ASN B 404 -18.63 -11.23 -11.57
C ASN B 404 -18.34 -9.77 -11.23
N VAL B 405 -18.90 -9.29 -10.12
CA VAL B 405 -18.76 -7.89 -9.71
C VAL B 405 -18.51 -7.79 -8.21
N ILE B 406 -17.57 -6.92 -7.82
CA ILE B 406 -17.26 -6.68 -6.40
C ILE B 406 -17.23 -5.17 -6.10
N VAL B 407 -18.11 -4.73 -5.20
CA VAL B 407 -18.31 -3.30 -4.93
C VAL B 407 -17.68 -2.88 -3.60
N ILE B 408 -17.13 -1.67 -3.55
CA ILE B 408 -16.48 -1.16 -2.34
C ILE B 408 -17.12 0.13 -1.83
N LYS B 409 -17.66 0.08 -0.60
CA LYS B 409 -18.21 1.25 0.12
C LYS B 409 -18.63 0.93 1.56
N ARG B 410 -18.59 1.93 2.45
CA ARG B 410 -18.77 1.75 3.91
C ARG B 410 -20.10 1.15 4.36
N GLY B 411 -21.20 1.72 3.88
CA GLY B 411 -22.53 1.30 4.32
C GLY B 411 -23.58 1.38 3.23
N GLN B 412 -24.61 2.19 3.47
CA GLN B 412 -25.75 2.34 2.56
C GLN B 412 -25.78 3.68 1.82
N GLY B 413 -24.85 4.57 2.17
CA GLY B 413 -24.78 5.93 1.61
C GLY B 413 -25.00 6.00 0.11
N LYS B 414 -25.82 6.95 -0.32
CA LYS B 414 -26.21 7.08 -1.72
C LYS B 414 -25.29 7.99 -2.50
N GLY B 415 -25.55 8.09 -3.81
CA GLY B 415 -24.80 8.95 -4.69
C GLY B 415 -25.26 10.40 -4.61
N PHE B 416 -25.20 11.10 -5.73
CA PHE B 416 -25.66 12.48 -5.79
C PHE B 416 -27.17 12.59 -5.98
N ALA B 417 -27.66 12.12 -7.13
CA ALA B 417 -29.07 12.29 -7.52
C ALA B 417 -30.01 11.76 -6.45
N GLY B 418 -29.63 10.62 -5.85
CA GLY B 418 -30.29 10.08 -4.67
C GLY B 418 -31.18 8.89 -4.90
N VAL B 419 -30.69 7.90 -5.65
CA VAL B 419 -31.46 6.67 -5.90
C VAL B 419 -30.68 5.42 -5.51
N GLU B 420 -31.43 4.36 -5.20
CA GLU B 420 -30.84 3.06 -4.92
C GLU B 420 -30.32 2.42 -6.20
N ASN B 421 -29.32 1.56 -6.06
CA ASN B 421 -28.70 0.88 -7.19
C ASN B 421 -29.03 -0.60 -7.19
N GLU B 422 -29.73 -1.04 -8.24
CA GLU B 422 -30.16 -2.44 -8.36
C GLU B 422 -29.03 -3.36 -8.84
N LEU B 423 -27.88 -2.77 -9.16
CA LEU B 423 -26.68 -3.54 -9.51
C LEU B 423 -26.11 -4.26 -8.30
N PHE B 424 -26.25 -3.64 -7.13
CA PHE B 424 -25.78 -4.22 -5.87
C PHE B 424 -26.47 -5.56 -5.56
N TYR B 425 -27.74 -5.65 -5.96
CA TYR B 425 -28.58 -6.82 -5.71
C TYR B 425 -28.31 -7.99 -6.69
N ALA B 426 -27.55 -7.74 -7.75
CA ALA B 426 -27.37 -8.69 -8.85
C ALA B 426 -26.75 -10.05 -8.45
N GLU B 427 -27.11 -11.08 -9.20
CA GLU B 427 -26.63 -12.45 -8.95
C GLU B 427 -25.12 -12.56 -9.16
N ASN B 428 -24.60 -11.74 -10.08
CA ASN B 428 -23.16 -11.71 -10.36
C ASN B 428 -22.42 -10.57 -9.64
N THR B 429 -23.09 -9.91 -8.69
CA THR B 429 -22.49 -8.80 -7.95
C THR B 429 -22.40 -9.08 -6.45
N ARG B 430 -21.21 -8.87 -5.89
CA ARG B 430 -20.96 -9.05 -4.46
C ARG B 430 -20.49 -7.75 -3.81
N MET B 431 -20.74 -7.61 -2.51
CA MET B 431 -20.51 -6.35 -1.80
C MET B 431 -19.41 -6.42 -0.76
N LEU B 432 -18.55 -5.39 -0.72
CA LEU B 432 -17.47 -5.30 0.25
C LEU B 432 -17.61 -3.99 1.04
N TYR B 433 -17.71 -4.11 2.37
CA TYR B 433 -17.96 -2.96 3.25
C TYR B 433 -16.72 -2.42 3.98
N GLY B 434 -16.75 -1.13 4.30
CA GLY B 434 -15.65 -0.46 5.00
C GLY B 434 -15.10 0.71 4.21
N ASP B 435 -14.10 1.38 4.79
CA ASP B 435 -13.43 2.49 4.14
C ASP B 435 -12.63 2.02 2.93
N ALA B 436 -12.61 2.83 1.88
CA ALA B 436 -12.03 2.45 0.58
C ALA B 436 -10.59 1.93 0.62
N GLN B 437 -9.64 2.82 0.94
CA GLN B 437 -8.21 2.45 0.95
C GLN B 437 -7.88 1.50 2.10
N LYS B 438 -8.75 1.46 3.12
CA LYS B 438 -8.63 0.54 4.24
C LYS B 438 -8.91 -0.89 3.80
N VAL B 439 -9.76 -1.04 2.79
CA VAL B 439 -10.12 -2.34 2.24
C VAL B 439 -9.10 -2.83 1.20
N LEU B 440 -8.70 -1.93 0.29
CA LEU B 440 -7.68 -2.23 -0.72
C LEU B 440 -6.38 -2.71 -0.07
N THR B 441 -6.00 -2.05 1.03
CA THR B 441 -4.85 -2.46 1.83
C THR B 441 -5.01 -3.89 2.32
N GLU B 442 -6.19 -4.21 2.85
CA GLU B 442 -6.51 -5.57 3.28
C GLU B 442 -6.61 -6.53 2.10
N LEU B 443 -6.97 -6.00 0.94
CA LEU B 443 -7.05 -6.78 -0.30
C LEU B 443 -5.67 -7.11 -0.86
N ILE B 444 -4.76 -6.14 -0.82
CA ILE B 444 -3.38 -6.34 -1.26
C ILE B 444 -2.67 -7.32 -0.32
N GLN B 445 -2.94 -7.20 0.97
CA GLN B 445 -2.34 -8.06 2.01
C GLN B 445 -2.73 -9.52 1.89
N ALA B 446 -3.96 -9.77 1.42
CA ALA B 446 -4.47 -11.14 1.27
C ALA B 446 -4.03 -11.81 -0.02
N LEU B 447 -3.74 -11.00 -1.05
CA LEU B 447 -3.36 -11.51 -2.36
C LEU B 447 -1.89 -11.95 -2.41
N LYS B 448 -1.05 -11.26 -1.64
CA LYS B 448 0.36 -11.64 -1.50
C LYS B 448 0.50 -12.89 -0.64
N ARG B 449 -0.47 -13.09 0.25
CA ARG B 449 -0.57 -14.30 1.07
C ARG B 449 -0.92 -15.53 0.24
N LEU B 450 -1.31 -15.32 -1.01
CA LEU B 450 -1.66 -16.41 -1.93
C LEU B 450 -0.92 -16.30 -3.26
N MET C 1 5.52 -42.69 35.99
CA MET C 1 4.20 -42.68 35.29
C MET C 1 4.29 -43.38 33.93
N GLU C 2 3.24 -44.13 33.59
CA GLU C 2 3.24 -45.06 32.46
C GLU C 2 2.83 -44.42 31.12
N PHE C 3 3.83 -44.16 30.28
CA PHE C 3 3.63 -43.61 28.93
C PHE C 3 4.36 -44.45 27.88
N GLY C 4 3.59 -45.09 26.99
CA GLY C 4 4.13 -46.00 25.97
C GLY C 4 4.96 -45.33 24.88
N PHE C 5 5.51 -46.14 23.99
CA PHE C 5 6.39 -45.63 22.92
C PHE C 5 5.63 -45.00 21.75
N TRP C 6 4.55 -45.65 21.30
CA TRP C 6 3.78 -45.16 20.16
C TRP C 6 2.78 -44.09 20.55
N SER C 7 2.35 -44.13 21.80
CA SER C 7 1.48 -43.11 22.36
C SER C 7 2.23 -41.80 22.52
N ALA C 8 3.49 -41.89 22.94
CA ALA C 8 4.36 -40.72 23.13
C ALA C 8 4.82 -40.10 21.82
N LEU C 9 5.17 -40.96 20.85
CA LEU C 9 5.66 -40.51 19.55
C LEU C 9 4.56 -39.79 18.75
N TYR C 10 3.31 -40.17 18.98
CA TYR C 10 2.17 -39.44 18.41
C TYR C 10 2.05 -38.07 19.04
N ILE C 11 1.93 -38.02 20.37
CA ILE C 11 1.95 -36.77 21.14
C ILE C 11 3.05 -35.87 20.59
N PHE C 12 4.28 -36.36 20.68
CA PHE C 12 5.46 -35.72 20.14
C PHE C 12 5.16 -35.06 18.79
N VAL C 13 4.62 -35.85 17.86
CA VAL C 13 4.32 -35.38 16.50
C VAL C 13 3.13 -34.42 16.46
N LEU C 14 2.15 -34.65 17.33
CA LEU C 14 0.92 -33.86 17.33
C LEU C 14 1.12 -32.42 17.81
N THR C 15 1.76 -32.28 18.97
CA THR C 15 2.09 -30.96 19.53
C THR C 15 3.14 -30.23 18.69
N ALA C 16 3.93 -31.01 17.94
CA ALA C 16 4.90 -30.46 16.99
C ALA C 16 4.16 -29.72 15.86
N PHE C 17 3.25 -30.41 15.18
CA PHE C 17 2.48 -29.82 14.08
C PHE C 17 1.49 -28.79 14.57
N LEU C 18 1.11 -28.90 15.85
CA LEU C 18 0.23 -27.94 16.47
C LEU C 18 0.90 -26.57 16.57
N GLY C 19 1.98 -26.49 17.34
CA GLY C 19 2.72 -25.24 17.54
C GLY C 19 3.18 -24.59 16.24
N TYR C 20 3.77 -25.39 15.36
CA TYR C 20 4.20 -24.99 14.01
C TYR C 20 3.16 -24.06 13.38
N GLU C 21 1.92 -24.53 13.32
CA GLU C 21 0.87 -23.84 12.59
C GLU C 21 0.22 -22.70 13.39
N LEU C 22 0.43 -22.68 14.69
CA LEU C 22 0.00 -21.54 15.50
C LEU C 22 0.87 -20.35 15.12
N ILE C 23 2.18 -20.62 15.01
CA ILE C 23 3.20 -19.60 14.80
C ILE C 23 3.32 -19.13 13.35
N THR C 24 2.68 -19.85 12.44
CA THR C 24 2.74 -19.50 11.02
C THR C 24 2.24 -18.09 10.72
N ARG C 25 1.13 -17.71 11.36
CA ARG C 25 0.50 -16.41 11.11
C ARG C 25 0.85 -15.39 12.20
N VAL C 26 2.14 -15.07 12.32
CA VAL C 26 2.61 -14.05 13.28
C VAL C 26 2.97 -12.74 12.58
N PRO C 27 2.54 -11.60 13.17
CA PRO C 27 2.99 -10.31 12.65
C PRO C 27 4.41 -9.98 13.13
N VAL C 28 5.14 -9.21 12.32
CA VAL C 28 6.51 -8.79 12.62
C VAL C 28 6.58 -8.04 13.95
N ILE C 29 5.49 -7.36 14.28
CA ILE C 29 5.36 -6.56 15.49
C ILE C 29 5.46 -7.41 16.77
N LEU C 30 5.13 -8.70 16.66
CA LEU C 30 5.11 -9.59 17.81
C LEU C 30 6.39 -10.37 18.12
N HIS C 31 7.30 -10.47 17.15
CA HIS C 31 8.47 -11.37 17.24
C HIS C 31 9.24 -11.38 18.57
N THR C 32 9.46 -10.21 19.16
CA THR C 32 10.24 -10.09 20.39
C THR C 32 9.44 -10.46 21.65
N PRO C 33 8.26 -9.83 21.86
CA PRO C 33 7.43 -10.26 23.00
C PRO C 33 6.97 -11.71 22.88
N LEU C 34 6.79 -12.18 21.65
CA LEU C 34 6.43 -13.56 21.35
C LEU C 34 7.58 -14.51 21.71
N MET C 35 8.81 -14.02 21.55
CA MET C 35 10.01 -14.77 21.92
C MET C 35 10.14 -14.86 23.44
N SER C 36 9.75 -13.79 24.12
CA SER C 36 9.81 -13.69 25.57
C SER C 36 8.92 -14.73 26.26
N GLY C 37 7.82 -15.09 25.59
CA GLY C 37 6.85 -16.04 26.11
C GLY C 37 7.31 -17.49 26.06
N SER C 38 7.78 -17.92 24.89
CA SER C 38 8.34 -19.26 24.71
C SER C 38 9.49 -19.48 25.69
N ASN C 39 10.24 -18.41 25.93
CA ASN C 39 11.28 -18.37 26.95
C ASN C 39 10.73 -18.60 28.35
N PHE C 40 9.54 -18.04 28.62
CA PHE C 40 8.85 -18.26 29.87
C PHE C 40 8.26 -19.67 29.95
N ILE C 41 7.59 -20.10 28.88
CA ILE C 41 6.87 -21.37 28.86
C ILE C 41 7.76 -22.54 29.27
N HIS C 42 8.92 -22.67 28.62
CA HIS C 42 9.86 -23.75 28.93
C HIS C 42 10.45 -23.61 30.34
N GLY C 43 9.93 -22.64 31.09
CA GLY C 43 10.24 -22.48 32.50
C GLY C 43 9.52 -23.52 33.36
N VAL C 44 8.72 -24.39 32.73
CA VAL C 44 8.13 -25.55 33.41
C VAL C 44 9.22 -26.54 33.80
N VAL C 45 10.46 -26.19 33.47
CA VAL C 45 11.65 -26.96 33.82
C VAL C 45 11.92 -26.95 35.33
N VAL C 46 11.13 -26.18 36.09
CA VAL C 46 11.20 -26.21 37.56
C VAL C 46 10.58 -27.50 38.07
N VAL C 47 9.38 -27.82 37.57
CA VAL C 47 8.62 -29.02 37.94
C VAL C 47 9.50 -30.28 37.99
N GLY C 48 10.28 -30.49 36.93
CA GLY C 48 11.19 -31.63 36.85
C GLY C 48 12.35 -31.53 37.82
N ALA C 49 12.89 -30.32 37.96
CA ALA C 49 13.98 -30.05 38.91
C ALA C 49 13.48 -30.17 40.35
N MET C 50 12.18 -29.96 40.55
CA MET C 50 11.53 -30.11 41.84
C MET C 50 11.27 -31.59 42.17
N VAL C 51 10.81 -32.34 41.16
CA VAL C 51 10.55 -33.77 41.28
C VAL C 51 11.83 -34.53 41.63
N VAL C 52 12.89 -34.20 40.92
CA VAL C 52 14.18 -34.88 41.11
C VAL C 52 14.88 -34.46 42.42
N LEU C 53 14.61 -33.24 42.90
CA LEU C 53 15.17 -32.75 44.17
C LEU C 53 14.46 -33.38 45.38
N GLY C 54 13.17 -33.67 45.21
CA GLY C 54 12.40 -34.38 46.22
C GLY C 54 12.67 -35.87 46.23
N HIS C 55 13.73 -36.28 45.52
CA HIS C 55 14.12 -37.69 45.39
C HIS C 55 15.63 -37.89 45.59
N ALA C 56 16.29 -36.92 46.22
CA ALA C 56 17.74 -36.94 46.41
C ALA C 56 18.14 -37.44 47.80
N GLU C 57 19.25 -38.19 47.85
CA GLU C 57 19.69 -38.84 49.09
C GLU C 57 21.16 -38.58 49.46
N THR C 58 22.07 -38.72 48.50
CA THR C 58 23.50 -38.50 48.76
C THR C 58 23.82 -37.01 48.82
N GLY C 59 25.03 -36.69 49.28
CA GLY C 59 25.46 -35.30 49.53
C GLY C 59 25.69 -34.43 48.30
N LEU C 60 25.88 -35.07 47.14
CA LEU C 60 26.16 -34.35 45.90
C LEU C 60 24.93 -34.33 44.97
N GLU C 61 23.97 -35.22 45.21
CA GLU C 61 22.71 -35.27 44.48
C GLU C 61 21.76 -34.16 44.91
N LYS C 62 21.73 -33.88 46.22
CA LYS C 62 20.88 -32.84 46.80
C LYS C 62 21.23 -31.42 46.33
N LEU C 63 22.47 -31.23 45.87
CA LEU C 63 22.99 -29.91 45.50
C LEU C 63 22.59 -29.44 44.10
N ILE C 64 22.84 -30.28 43.10
CA ILE C 64 22.61 -29.92 41.69
C ILE C 64 21.11 -29.78 41.41
N GLY C 65 20.28 -30.47 42.20
CA GLY C 65 18.83 -30.31 42.16
C GLY C 65 18.39 -28.96 42.69
N PHE C 66 19.03 -28.53 43.78
CA PHE C 66 18.84 -27.20 44.35
C PHE C 66 19.31 -26.12 43.38
N LEU C 67 20.32 -26.47 42.57
CA LEU C 67 20.83 -25.61 41.51
C LEU C 67 19.81 -25.52 40.37
N GLY C 68 19.24 -26.67 40.03
CA GLY C 68 18.28 -26.78 38.93
C GLY C 68 16.95 -26.08 39.17
N VAL C 69 16.56 -25.98 40.45
CA VAL C 69 15.31 -25.29 40.80
C VAL C 69 15.48 -23.77 40.79
N ILE C 70 16.65 -23.28 41.20
CA ILE C 70 16.96 -21.83 41.15
C ILE C 70 17.05 -21.32 39.71
N LEU C 71 17.68 -22.12 38.85
CA LEU C 71 17.73 -21.83 37.42
C LEU C 71 16.31 -21.89 36.82
N GLY C 72 15.57 -22.93 37.19
CA GLY C 72 14.23 -23.17 36.69
C GLY C 72 13.21 -22.11 37.06
N ALA C 73 13.09 -21.84 38.36
CA ALA C 73 12.19 -20.80 38.84
C ALA C 73 12.61 -19.42 38.36
N ALA C 74 13.91 -19.26 38.07
CA ALA C 74 14.44 -18.04 37.47
C ALA C 74 14.07 -17.95 35.99
N ASN C 75 14.01 -19.10 35.33
CA ASN C 75 13.50 -19.18 33.97
C ASN C 75 11.98 -19.00 33.96
N ALA C 76 11.35 -19.43 35.06
CA ALA C 76 9.90 -19.31 35.23
C ALA C 76 9.47 -17.87 35.49
N ALA C 77 9.70 -17.38 36.71
CA ALA C 77 9.28 -16.04 37.11
C ALA C 77 10.00 -14.92 36.33
N GLY C 78 11.12 -15.25 35.71
CA GLY C 78 11.87 -14.29 34.91
C GLY C 78 11.27 -14.05 33.54
N GLY C 79 10.83 -15.14 32.90
CA GLY C 79 10.16 -15.07 31.61
C GLY C 79 8.79 -14.40 31.67
N TYR C 80 8.12 -14.52 32.82
CA TYR C 80 6.78 -13.95 33.02
C TYR C 80 6.80 -12.42 33.12
N ALA C 81 7.76 -11.89 33.89
CA ALA C 81 7.84 -10.44 34.15
C ALA C 81 8.41 -9.65 32.98
N VAL C 82 9.26 -10.29 32.16
CA VAL C 82 9.78 -9.66 30.94
C VAL C 82 8.72 -9.57 29.84
N THR C 83 7.75 -10.47 29.86
CA THR C 83 6.68 -10.49 28.84
C THR C 83 5.42 -9.73 29.27
N VAL C 84 5.16 -9.68 30.57
CA VAL C 84 4.05 -8.90 31.13
C VAL C 84 4.23 -7.43 30.76
N ARG C 85 5.43 -6.92 30.97
CA ARG C 85 5.74 -5.53 30.61
C ARG C 85 5.91 -5.33 29.11
N MET C 86 6.30 -6.38 28.38
CA MET C 86 6.39 -6.31 26.91
C MET C 86 5.01 -6.31 26.26
N LEU C 87 4.07 -7.02 26.87
CA LEU C 87 2.68 -7.05 26.42
C LEU C 87 1.88 -5.86 26.98
N GLU C 88 2.41 -5.24 28.02
CA GLU C 88 1.83 -4.01 28.59
C GLU C 88 1.97 -2.86 27.59
N MET C 89 3.05 -2.92 26.80
CA MET C 89 3.33 -1.92 25.77
C MET C 89 2.40 -2.09 24.56
N PHE C 90 1.10 -2.19 24.83
CA PHE C 90 0.08 -2.36 23.81
C PHE C 90 -1.02 -1.31 23.95
N MET D 1 -6.26 -42.51 36.02
CA MET D 1 -6.22 -43.17 37.37
C MET D 1 -5.47 -42.36 38.43
N ASP D 2 -5.16 -41.09 38.10
CA ASP D 2 -4.41 -40.19 38.98
C ASP D 2 -4.91 -38.74 38.81
N LEU D 3 -4.62 -37.87 39.78
CA LEU D 3 -5.04 -36.47 39.73
C LEU D 3 -3.88 -35.48 39.58
N ILE D 4 -2.65 -35.99 39.59
CA ILE D 4 -1.46 -35.19 39.32
C ILE D 4 -1.28 -35.08 37.81
N GLN D 5 -1.72 -36.11 37.09
CA GLN D 5 -1.72 -36.14 35.62
C GLN D 5 -2.75 -35.17 35.04
N ALA D 6 -3.91 -35.09 35.68
CA ALA D 6 -5.04 -34.25 35.25
C ALA D 6 -4.68 -32.77 35.20
N ALA D 7 -3.79 -32.35 36.10
CA ALA D 7 -3.27 -30.99 36.12
C ALA D 7 -2.46 -30.71 34.85
N TYR D 8 -1.55 -31.64 34.53
CA TYR D 8 -0.66 -31.51 33.38
C TYR D 8 -1.39 -31.41 32.04
N PHE D 9 -2.53 -32.08 31.92
CA PHE D 9 -3.34 -32.05 30.70
C PHE D 9 -4.00 -30.68 30.51
N VAL D 10 -4.50 -30.12 31.61
CA VAL D 10 -5.02 -28.75 31.60
C VAL D 10 -3.85 -27.78 31.47
N VAL D 11 -2.70 -28.16 32.03
CA VAL D 11 -1.45 -27.39 31.94
C VAL D 11 -0.97 -27.20 30.49
N ALA D 12 -0.99 -28.27 29.71
CA ALA D 12 -0.53 -28.25 28.32
C ALA D 12 -1.47 -27.48 27.38
N ILE D 13 -2.79 -27.66 27.56
CA ILE D 13 -3.81 -26.93 26.77
C ILE D 13 -3.61 -25.43 26.94
N LEU D 14 -3.40 -24.98 28.18
CA LEU D 14 -3.15 -23.58 28.49
C LEU D 14 -1.87 -23.06 27.84
N PHE D 15 -0.88 -23.92 27.69
CA PHE D 15 0.36 -23.60 27.00
C PHE D 15 0.10 -23.41 25.50
N ILE D 16 -0.61 -24.37 24.92
CA ILE D 16 -0.92 -24.38 23.50
C ILE D 16 -1.86 -23.22 23.10
N VAL D 17 -2.99 -23.10 23.80
CA VAL D 17 -3.96 -22.02 23.53
C VAL D 17 -3.32 -20.65 23.76
N GLY D 18 -2.57 -20.52 24.86
CA GLY D 18 -1.77 -19.32 25.10
C GLY D 18 -0.93 -19.03 23.87
N LEU D 19 -0.11 -20.01 23.50
CA LEU D 19 0.74 -19.94 22.31
C LEU D 19 -0.06 -19.48 21.10
N LYS D 20 -1.15 -20.19 20.81
CA LYS D 20 -2.06 -19.85 19.72
C LYS D 20 -2.49 -18.40 19.80
N ARG D 21 -2.92 -17.98 20.99
CA ARG D 21 -3.41 -16.63 21.20
C ARG D 21 -2.29 -15.62 21.28
N MET D 22 -1.08 -16.10 21.50
CA MET D 22 0.09 -15.24 21.50
C MET D 22 0.60 -14.97 20.10
N ALA D 23 0.39 -15.94 19.21
CA ALA D 23 0.86 -15.85 17.83
C ALA D 23 0.25 -14.68 17.06
N HIS D 24 -1.02 -14.39 17.35
CA HIS D 24 -1.77 -13.33 16.67
C HIS D 24 -1.91 -12.08 17.56
N PRO D 25 -1.89 -10.87 16.95
CA PRO D 25 -1.72 -9.61 17.71
C PRO D 25 -2.92 -9.14 18.55
N THR D 26 -4.13 -9.31 18.05
CA THR D 26 -5.34 -8.86 18.74
C THR D 26 -5.55 -9.56 20.09
N THR D 27 -5.19 -10.84 20.15
CA THR D 27 -5.40 -11.67 21.34
C THR D 27 -4.12 -12.01 22.13
N ALA D 28 -2.98 -11.56 21.63
CA ALA D 28 -1.69 -11.76 22.31
C ALA D 28 -1.75 -11.22 23.73
N LYS D 29 -2.56 -10.19 23.94
CA LYS D 29 -2.73 -9.54 25.24
C LYS D 29 -3.34 -10.49 26.28
N SER D 30 -4.32 -11.28 25.85
CA SER D 30 -4.90 -12.29 26.72
C SER D 30 -4.07 -13.58 26.66
N GLY D 31 -3.02 -13.56 25.83
CA GLY D 31 -2.11 -14.71 25.69
C GLY D 31 -1.38 -15.10 26.96
N ILE D 32 -0.66 -14.15 27.56
CA ILE D 32 0.11 -14.42 28.81
C ILE D 32 -0.80 -14.66 30.01
N VAL D 33 -2.09 -14.35 29.83
CA VAL D 33 -3.15 -14.67 30.80
C VAL D 33 -3.34 -16.20 30.87
N TRP D 34 -3.02 -16.88 29.78
CA TRP D 34 -3.30 -18.31 29.64
C TRP D 34 -2.14 -19.23 30.01
N ALA D 35 -0.91 -18.83 29.67
CA ALA D 35 0.27 -19.62 29.99
C ALA D 35 0.71 -19.44 31.44
N GLY D 36 0.41 -18.28 32.02
CA GLY D 36 0.74 -17.96 33.40
C GLY D 36 -0.01 -18.81 34.42
N TRP D 37 -1.26 -19.14 34.08
CA TRP D 37 -2.06 -20.06 34.87
C TRP D 37 -1.56 -21.50 34.70
N GLY D 38 -1.05 -21.81 33.51
CA GLY D 38 -0.45 -23.11 33.22
C GLY D 38 0.86 -23.33 33.95
N MET D 39 1.46 -22.23 34.41
CA MET D 39 2.70 -22.26 35.20
C MET D 39 2.38 -22.22 36.70
N VAL D 40 1.34 -21.48 37.06
CA VAL D 40 0.85 -21.45 38.44
C VAL D 40 0.21 -22.79 38.81
N LEU D 41 -0.49 -23.39 37.85
CA LEU D 41 -1.14 -24.70 38.03
C LEU D 41 -0.16 -25.87 38.16
N ALA D 42 0.88 -25.86 37.32
CA ALA D 42 1.85 -26.97 37.26
C ALA D 42 2.72 -27.09 38.52
N VAL D 43 3.18 -25.95 39.04
CA VAL D 43 4.04 -25.91 40.23
C VAL D 43 3.30 -26.41 41.47
N LEU D 44 2.03 -26.02 41.60
CA LEU D 44 1.19 -26.42 42.73
C LEU D 44 0.84 -27.90 42.72
N ALA D 45 0.73 -28.47 41.51
CA ALA D 45 0.32 -29.86 41.32
C ALA D 45 1.40 -30.87 41.71
N THR D 46 2.68 -30.45 41.63
CA THR D 46 3.80 -31.35 41.87
C THR D 46 4.22 -31.42 43.34
N PHE D 47 3.54 -30.66 44.19
CA PHE D 47 3.69 -30.78 45.64
C PHE D 47 3.06 -32.08 46.13
N PHE D 48 2.16 -32.61 45.31
CA PHE D 48 1.43 -33.84 45.63
C PHE D 48 2.02 -35.06 44.90
N TRP D 49 3.33 -34.99 44.64
CA TRP D 49 4.10 -36.09 44.05
C TRP D 49 4.42 -37.09 45.15
N PRO D 50 3.88 -38.33 45.06
CA PRO D 50 3.90 -39.35 46.12
C PRO D 50 5.26 -39.61 46.77
N GLY D 51 5.39 -39.20 48.04
CA GLY D 51 6.59 -39.48 48.84
C GLY D 51 7.73 -38.49 48.65
N MET D 52 7.38 -37.21 48.45
CA MET D 52 8.39 -36.16 48.31
C MET D 52 9.01 -35.78 49.65
N GLY D 53 10.34 -35.73 49.66
CA GLY D 53 11.10 -35.26 50.84
C GLY D 53 11.81 -33.96 50.52
N ASN D 54 12.78 -33.60 51.36
CA ASN D 54 13.56 -32.36 51.22
C ASN D 54 12.67 -31.13 50.98
N PHE D 55 11.46 -31.18 51.55
CA PHE D 55 10.41 -30.20 51.23
C PHE D 55 10.78 -28.78 51.60
N ALA D 56 11.61 -28.63 52.64
CA ALA D 56 12.13 -27.33 53.06
C ALA D 56 13.13 -26.77 52.04
N LEU D 57 13.84 -27.67 51.36
CA LEU D 57 14.91 -27.29 50.44
C LEU D 57 14.40 -26.90 49.05
N ILE D 58 13.34 -27.57 48.62
CA ILE D 58 12.74 -27.32 47.31
C ILE D 58 12.10 -25.93 47.26
N LEU D 59 11.31 -25.61 48.28
CA LEU D 59 10.61 -24.33 48.38
C LEU D 59 11.55 -23.13 48.46
N LEU D 60 12.74 -23.36 49.03
CA LEU D 60 13.75 -22.31 49.16
C LEU D 60 14.34 -22.00 47.79
N ALA D 61 14.80 -23.04 47.09
CA ALA D 61 15.34 -22.89 45.74
C ALA D 61 14.32 -22.32 44.77
N LEU D 62 13.04 -22.59 45.04
CA LEU D 62 11.94 -22.01 44.28
C LEU D 62 11.86 -20.51 44.47
N LEU D 63 11.83 -20.06 45.73
CA LEU D 63 11.76 -18.62 46.03
C LEU D 63 13.05 -17.91 45.62
N LEU D 64 14.18 -18.59 45.79
CA LEU D 64 15.49 -18.04 45.38
C LEU D 64 15.61 -17.85 43.88
N GLY D 65 15.00 -18.75 43.12
CA GLY D 65 14.96 -18.63 41.66
C GLY D 65 13.93 -17.62 41.21
N SER D 66 12.74 -17.69 41.80
CA SER D 66 11.59 -16.88 41.40
C SER D 66 11.75 -15.39 41.70
N VAL D 67 11.98 -15.05 42.97
CA VAL D 67 12.04 -13.65 43.38
C VAL D 67 13.24 -12.90 42.80
N VAL D 68 14.37 -13.60 42.63
CA VAL D 68 15.59 -13.03 42.04
C VAL D 68 15.38 -12.62 40.59
N ALA D 69 14.74 -13.51 39.82
CA ALA D 69 14.49 -13.26 38.40
C ALA D 69 13.33 -12.30 38.18
N TRP D 70 12.27 -12.43 39.00
CA TRP D 70 11.11 -11.54 38.96
C TRP D 70 11.55 -10.08 39.09
N TRP D 71 12.49 -9.87 40.01
CA TRP D 71 13.06 -8.55 40.27
C TRP D 71 13.91 -8.08 39.08
N ALA D 72 14.84 -8.92 38.63
CA ALA D 72 15.74 -8.59 37.54
C ALA D 72 14.99 -8.25 36.24
N ALA D 73 13.83 -8.88 36.05
CA ALA D 73 13.02 -8.70 34.86
C ALA D 73 12.34 -7.34 34.77
N VAL D 74 11.81 -6.86 35.90
CA VAL D 74 11.04 -5.63 35.94
C VAL D 74 11.93 -4.38 36.01
N ARG D 75 13.09 -4.50 36.68
CA ARG D 75 13.97 -3.35 36.92
C ARG D 75 15.06 -3.11 35.86
N VAL D 76 15.00 -3.84 34.75
CA VAL D 76 15.96 -3.65 33.64
C VAL D 76 15.31 -2.85 32.49
N ALA D 77 16.06 -1.91 31.92
CA ALA D 77 15.60 -1.06 30.82
C ALA D 77 15.12 -1.87 29.61
N MET D 78 14.16 -1.32 28.88
CA MET D 78 13.48 -2.03 27.78
C MET D 78 14.39 -2.41 26.60
N THR D 79 15.41 -1.60 26.34
CA THR D 79 16.35 -1.85 25.23
C THR D 79 17.28 -3.05 25.49
N ASP D 80 17.52 -3.34 26.77
CA ASP D 80 18.41 -4.43 27.17
C ASP D 80 17.67 -5.77 27.30
N MET D 81 16.67 -5.99 26.44
CA MET D 81 15.79 -7.15 26.57
C MET D 81 16.21 -8.43 25.81
N PRO D 82 17.03 -8.31 24.75
CA PRO D 82 17.42 -9.52 23.98
C PRO D 82 18.17 -10.57 24.82
N GLN D 83 19.08 -10.11 25.67
CA GLN D 83 19.87 -10.99 26.51
C GLN D 83 19.10 -11.61 27.68
N MET D 84 18.03 -10.93 28.11
CA MET D 84 17.17 -11.44 29.19
C MET D 84 16.48 -12.74 28.77
N VAL D 85 16.11 -12.81 27.50
CA VAL D 85 15.61 -14.06 26.91
C VAL D 85 16.71 -15.12 26.98
N ALA D 86 17.92 -14.74 26.59
CA ALA D 86 19.07 -15.65 26.57
C ALA D 86 19.48 -16.20 27.93
N ILE D 87 19.47 -15.36 28.96
CA ILE D 87 19.90 -15.77 30.31
C ILE D 87 18.87 -16.68 30.99
N TYR D 88 17.58 -16.38 30.83
CA TYR D 88 16.51 -17.27 31.28
C TYR D 88 16.53 -18.54 30.43
N ASN D 89 16.73 -18.36 29.13
CA ASN D 89 17.01 -19.43 28.17
C ASN D 89 18.23 -20.24 28.59
N GLY D 90 19.15 -19.59 29.30
CA GLY D 90 20.29 -20.25 29.93
C GLY D 90 19.84 -21.00 31.18
N MET D 91 19.20 -20.28 32.10
CA MET D 91 18.69 -20.86 33.36
C MET D 91 17.98 -22.18 33.10
N GLY D 92 16.98 -22.15 32.21
CA GLY D 92 16.22 -23.33 31.80
C GLY D 92 17.09 -24.42 31.21
N GLY D 93 18.05 -24.03 30.37
CA GLY D 93 19.03 -24.96 29.79
C GLY D 93 19.86 -25.65 30.85
N GLY D 94 20.29 -24.88 31.84
CA GLY D 94 21.02 -25.42 32.99
C GLY D 94 20.14 -26.38 33.76
N ALA D 95 18.92 -25.94 34.06
CA ALA D 95 17.93 -26.74 34.77
C ALA D 95 17.54 -28.02 34.02
N ALA D 96 17.74 -28.02 32.69
CA ALA D 96 17.48 -29.20 31.86
C ALA D 96 18.65 -30.19 31.93
N ALA D 97 19.86 -29.65 31.94
CA ALA D 97 21.08 -30.44 32.07
C ALA D 97 21.17 -31.09 33.46
N THR D 98 20.51 -30.48 34.44
CA THR D 98 20.47 -30.99 35.82
C THR D 98 19.62 -32.25 35.95
N ILE D 99 18.49 -32.29 35.23
CA ILE D 99 17.59 -33.45 35.24
C ILE D 99 18.29 -34.68 34.66
N ALA D 100 19.16 -34.45 33.68
CA ALA D 100 20.01 -35.48 33.12
C ALA D 100 21.09 -35.92 34.09
N ALA D 101 21.58 -34.98 34.91
CA ALA D 101 22.71 -35.22 35.80
C ALA D 101 22.41 -36.11 37.00
N VAL D 102 21.31 -35.83 37.70
CA VAL D 102 20.97 -36.53 38.95
C VAL D 102 20.46 -37.95 38.69
N GLU D 103 19.70 -38.11 37.60
CA GLU D 103 19.15 -39.42 37.24
C GLU D 103 20.15 -40.30 36.46
N LEU D 104 21.42 -39.92 36.50
CA LEU D 104 22.52 -40.75 35.98
C LEU D 104 23.51 -41.16 37.07
N LEU D 105 23.43 -40.47 38.21
CA LEU D 105 24.23 -40.80 39.39
C LEU D 105 23.60 -41.95 40.19
N LYS D 106 22.28 -42.08 40.06
CA LYS D 106 21.51 -43.13 40.74
C LYS D 106 21.60 -44.47 40.01
N GLY D 107 21.74 -44.40 38.68
CA GLY D 107 21.68 -45.58 37.82
C GLY D 107 20.25 -46.07 37.70
N ALA D 108 19.36 -45.15 37.29
CA ALA D 108 17.91 -45.37 37.36
C ALA D 108 17.20 -45.38 36.00
N PHE D 109 17.79 -46.07 35.03
CA PHE D 109 17.14 -46.30 33.75
C PHE D 109 17.17 -47.78 33.39
N GLU D 110 16.01 -48.43 33.50
CA GLU D 110 15.88 -49.85 33.14
C GLU D 110 15.71 -50.05 31.62
N ASN D 111 16.01 -49.01 30.84
CA ASN D 111 15.92 -49.08 29.38
C ASN D 111 17.06 -48.34 28.68
N THR D 112 17.53 -48.92 27.57
CA THR D 112 18.66 -48.40 26.81
C THR D 112 18.31 -47.10 26.07
N GLY D 113 17.10 -47.05 25.49
CA GLY D 113 16.63 -45.89 24.74
C GLY D 113 16.33 -44.68 25.59
N LEU D 114 15.92 -44.92 26.85
CA LEU D 114 15.58 -43.84 27.77
C LEU D 114 16.81 -43.05 28.22
N MET D 115 17.89 -43.76 28.53
CA MET D 115 19.19 -43.13 28.77
C MET D 115 19.60 -42.30 27.56
N ALA D 116 19.41 -42.88 26.37
CA ALA D 116 19.74 -42.22 25.09
C ALA D 116 18.90 -40.97 24.83
N LEU D 117 17.79 -40.84 25.55
CA LEU D 117 16.95 -39.65 25.49
C LEU D 117 17.20 -38.73 26.69
N ALA D 118 17.78 -39.30 27.77
CA ALA D 118 18.13 -38.54 28.96
C ALA D 118 19.46 -37.82 28.80
N ILE D 119 20.43 -38.53 28.22
CA ILE D 119 21.77 -37.99 27.98
C ILE D 119 21.73 -36.93 26.86
N LEU D 120 20.99 -37.22 25.80
CA LEU D 120 20.89 -36.32 24.64
C LEU D 120 20.24 -34.99 25.00
N GLY D 121 19.30 -35.02 25.94
CA GLY D 121 18.67 -33.81 26.47
C GLY D 121 19.65 -32.97 27.28
N GLY D 122 20.49 -33.65 28.06
CA GLY D 122 21.54 -32.99 28.84
C GLY D 122 22.62 -32.39 27.94
N LEU D 123 22.88 -33.07 26.82
CA LEU D 123 23.78 -32.57 25.78
C LEU D 123 23.32 -31.20 25.31
N ILE D 124 22.03 -31.12 25.02
CA ILE D 124 21.40 -29.90 24.55
C ILE D 124 21.28 -28.88 25.70
N GLY D 125 20.98 -29.38 26.90
CA GLY D 125 20.82 -28.54 28.08
C GLY D 125 22.07 -27.76 28.46
N SER D 126 23.19 -28.47 28.58
CA SER D 126 24.47 -27.87 28.93
C SER D 126 24.95 -26.86 27.89
N VAL D 127 24.81 -27.23 26.61
CA VAL D 127 25.18 -26.35 25.50
C VAL D 127 24.34 -25.07 25.48
N ALA D 128 23.01 -25.23 25.54
CA ALA D 128 22.06 -24.11 25.50
C ALA D 128 22.12 -23.21 26.73
N PHE D 129 22.61 -23.77 27.83
CA PHE D 129 22.83 -23.02 29.06
C PHE D 129 24.06 -22.14 28.94
N THR D 130 25.21 -22.77 28.69
CA THR D 130 26.50 -22.08 28.70
C THR D 130 26.70 -21.13 27.52
N GLY D 131 26.11 -21.46 26.38
CA GLY D 131 26.17 -20.64 25.18
C GLY D 131 25.42 -19.33 25.34
N SER D 132 24.27 -19.43 26.02
CA SER D 132 23.43 -18.26 26.33
C SER D 132 24.04 -17.38 27.41
N LEU D 133 25.06 -17.91 28.09
CA LEU D 133 25.83 -17.13 29.07
C LEU D 133 27.00 -16.40 28.40
N ILE D 134 27.45 -16.91 27.26
CA ILE D 134 28.48 -16.24 26.45
C ILE D 134 27.82 -15.22 25.54
N ALA D 135 26.66 -15.56 24.99
CA ALA D 135 25.82 -14.63 24.27
C ALA D 135 25.50 -13.44 25.18
N PHE D 136 25.09 -13.74 26.41
CA PHE D 136 24.87 -12.75 27.48
C PHE D 136 26.07 -11.82 27.64
N ALA D 137 27.27 -12.41 27.66
CA ALA D 137 28.52 -11.66 27.85
C ALA D 137 28.85 -10.73 26.69
N LYS D 138 28.27 -11.00 25.52
CA LYS D 138 28.61 -10.27 24.31
C LYS D 138 27.56 -9.24 23.89
N LEU D 139 26.39 -9.28 24.52
CA LEU D 139 25.38 -8.24 24.34
C LEU D 139 25.45 -7.18 25.43
N GLN D 140 25.89 -7.59 26.63
CA GLN D 140 25.86 -6.71 27.81
C GLN D 140 26.96 -5.64 27.76
N GLY D 141 28.23 -6.06 27.75
CA GLY D 141 29.34 -5.12 27.58
C GLY D 141 30.50 -5.17 28.54
N ILE D 142 30.41 -5.97 29.60
CA ILE D 142 31.54 -6.11 30.56
C ILE D 142 32.73 -6.94 30.01
N MET D 143 32.48 -7.72 28.96
CA MET D 143 33.54 -8.31 28.10
C MET D 143 32.94 -8.62 26.72
N LYS D 144 32.41 -7.58 26.08
CA LYS D 144 31.77 -7.66 24.76
C LYS D 144 32.78 -8.03 23.67
N SER D 145 32.30 -8.73 22.65
CA SER D 145 33.12 -9.09 21.50
C SER D 145 32.29 -9.33 20.24
N ARG D 146 32.92 -9.11 19.10
CA ARG D 146 32.41 -9.60 17.82
C ARG D 146 32.94 -11.03 17.67
N PRO D 147 32.83 -11.65 16.46
CA PRO D 147 33.41 -12.98 16.33
C PRO D 147 34.92 -12.97 16.55
N ILE D 148 35.41 -13.93 17.34
CA ILE D 148 36.84 -14.08 17.55
C ILE D 148 37.51 -14.76 16.36
N LEU D 149 36.79 -15.73 15.76
CA LEU D 149 37.22 -16.44 14.54
C LEU D 149 38.67 -16.92 14.51
N PHE D 150 39.03 -17.86 15.39
CA PHE D 150 40.40 -18.37 15.41
C PHE D 150 40.66 -19.43 14.32
N PRO D 151 41.91 -19.49 13.79
CA PRO D 151 42.24 -20.33 12.63
C PRO D 151 41.99 -21.82 12.82
N GLY D 152 41.30 -22.43 11.85
CA GLY D 152 40.95 -23.84 11.90
C GLY D 152 40.14 -24.21 13.13
N GLN D 153 39.22 -23.31 13.52
CA GLN D 153 38.36 -23.53 14.68
C GLN D 153 37.24 -24.52 14.37
N LYS D 154 36.81 -24.55 13.11
CA LYS D 154 35.74 -25.45 12.65
C LYS D 154 36.18 -26.92 12.73
N ALA D 155 37.49 -27.14 12.84
CA ALA D 155 38.05 -28.48 12.96
C ALA D 155 38.21 -28.92 14.41
N VAL D 156 38.48 -27.96 15.30
CA VAL D 156 38.66 -28.25 16.72
C VAL D 156 37.35 -28.17 17.51
N ASN D 157 36.37 -27.42 16.98
CA ASN D 157 35.03 -27.37 17.53
C ASN D 157 34.24 -28.63 17.18
N ALA D 158 34.44 -29.12 15.96
CA ALA D 158 33.86 -30.38 15.50
C ALA D 158 34.60 -31.57 16.11
N LEU D 159 35.75 -31.31 16.73
CA LEU D 159 36.50 -32.33 17.45
C LEU D 159 35.94 -32.51 18.86
N VAL D 160 35.77 -31.39 19.56
CA VAL D 160 35.19 -31.37 20.91
C VAL D 160 33.83 -32.07 20.93
N LEU D 161 32.93 -31.64 20.03
CA LEU D 161 31.59 -32.20 19.89
C LEU D 161 31.63 -33.74 19.78
N ALA D 162 32.41 -34.24 18.83
CA ALA D 162 32.55 -35.67 18.58
C ALA D 162 33.14 -36.41 19.78
N LEU D 163 33.94 -35.71 20.56
CA LEU D 163 34.51 -36.27 21.78
C LEU D 163 33.50 -36.30 22.92
N THR D 164 32.62 -35.30 22.99
CA THR D 164 31.51 -35.31 23.95
C THR D 164 30.55 -36.46 23.63
N VAL D 165 30.31 -36.65 22.33
CA VAL D 165 29.43 -37.71 21.81
C VAL D 165 29.94 -39.10 22.19
N VAL D 166 31.26 -39.30 22.02
CA VAL D 166 31.90 -40.57 22.40
C VAL D 166 31.86 -40.77 23.93
N ILE D 167 31.99 -39.69 24.70
CA ILE D 167 31.84 -39.76 26.16
C ILE D 167 30.38 -40.01 26.54
N GLY D 168 29.47 -39.37 25.80
CA GLY D 168 28.04 -39.56 26.00
C GLY D 168 27.59 -40.98 25.73
N LEU D 169 27.97 -41.52 24.57
CA LEU D 169 27.68 -42.91 24.20
C LEU D 169 28.36 -43.93 25.09
N SER D 170 29.35 -43.49 25.87
CA SER D 170 30.06 -44.36 26.81
C SER D 170 29.26 -44.59 28.10
N LEU D 171 28.19 -43.83 28.29
CA LEU D 171 27.34 -43.97 29.47
C LEU D 171 26.40 -45.18 29.39
N LEU D 172 26.08 -45.60 28.17
CA LEU D 172 25.19 -46.76 27.93
C LEU D 172 25.68 -48.04 28.60
N TRP D 173 26.93 -48.41 28.33
CA TRP D 173 27.53 -49.62 28.91
C TRP D 173 28.32 -49.35 30.19
N ASN D 174 28.74 -48.09 30.36
CA ASN D 174 29.56 -47.69 31.51
C ASN D 174 29.05 -46.37 32.13
N ASP D 175 28.03 -46.49 32.99
CA ASP D 175 27.44 -45.32 33.66
C ASP D 175 28.25 -44.83 34.87
N ALA D 176 29.57 -44.72 34.68
CA ALA D 176 30.50 -44.29 35.72
C ALA D 176 30.35 -42.82 36.03
N THR D 177 30.55 -42.46 37.30
CA THR D 177 30.50 -41.08 37.76
C THR D 177 31.53 -40.19 37.03
N ALA D 178 32.69 -40.78 36.72
CA ALA D 178 33.73 -40.11 35.94
C ALA D 178 33.27 -39.82 34.51
N SER D 179 32.57 -40.79 33.91
CA SER D 179 32.05 -40.65 32.54
C SER D 179 30.89 -39.65 32.43
N ILE D 180 30.31 -39.30 33.57
CA ILE D 180 29.22 -38.32 33.63
C ILE D 180 29.74 -36.88 33.59
N VAL D 181 30.77 -36.60 34.41
CA VAL D 181 31.32 -35.24 34.55
C VAL D 181 31.95 -34.71 33.26
N LEU D 182 32.92 -35.45 32.72
CA LEU D 182 33.65 -35.06 31.49
C LEU D 182 32.69 -34.76 30.35
N PHE D 183 31.66 -35.59 30.22
CA PHE D 183 30.62 -35.40 29.24
C PHE D 183 29.98 -34.02 29.38
N PHE D 184 29.57 -33.69 30.61
CA PHE D 184 28.99 -32.38 30.91
C PHE D 184 29.97 -31.24 30.65
N LEU D 185 31.21 -31.42 31.11
CA LEU D 185 32.29 -30.44 30.90
C LEU D 185 32.51 -30.13 29.42
N LEU D 186 32.57 -31.19 28.61
CA LEU D 186 32.75 -31.05 27.17
C LEU D 186 31.55 -30.42 26.49
N ALA D 187 30.35 -30.74 26.98
CA ALA D 187 29.12 -30.13 26.49
C ALA D 187 29.08 -28.65 26.87
N LEU D 188 29.57 -28.34 28.07
CA LEU D 188 29.69 -26.97 28.52
C LEU D 188 30.89 -26.28 27.86
N LEU D 189 31.84 -27.07 27.39
CA LEU D 189 32.99 -26.56 26.63
C LEU D 189 32.55 -26.22 25.22
N PHE D 190 31.95 -27.19 24.53
CA PHE D 190 31.48 -27.00 23.16
C PHE D 190 30.44 -25.90 23.07
N GLY D 191 29.48 -25.90 24.01
CA GLY D 191 28.46 -24.86 24.10
C GLY D 191 29.03 -23.45 24.06
N VAL D 192 30.21 -23.30 24.67
CA VAL D 192 30.95 -22.03 24.63
C VAL D 192 31.75 -21.90 23.34
N LEU D 193 32.68 -22.83 23.09
CA LEU D 193 33.51 -22.82 21.88
C LEU D 193 32.67 -22.57 20.62
N MET D 194 31.42 -23.00 20.65
CA MET D 194 30.46 -22.82 19.56
C MET D 194 29.98 -21.37 19.41
N THR D 195 29.73 -20.68 20.53
CA THR D 195 29.32 -19.26 20.50
C THR D 195 30.52 -18.31 20.49
N LEU D 196 31.62 -18.78 19.91
CA LEU D 196 32.81 -17.98 19.67
C LEU D 196 32.78 -17.30 18.28
N PRO D 197 32.49 -18.08 17.20
CA PRO D 197 32.40 -17.48 15.85
C PRO D 197 31.06 -16.78 15.57
N ILE D 198 30.39 -16.32 16.63
CA ILE D 198 29.08 -15.67 16.49
C ILE D 198 29.20 -14.17 16.72
N GLY D 199 28.66 -13.39 15.78
CA GLY D 199 28.70 -11.94 15.84
C GLY D 199 27.85 -11.34 16.94
N GLY D 200 28.38 -10.28 17.58
CA GLY D 200 27.63 -9.50 18.57
C GLY D 200 26.36 -8.93 17.97
N GLY D 201 26.19 -9.15 16.67
CA GLY D 201 24.96 -8.85 15.97
C GLY D 201 24.11 -10.09 15.84
N ASP D 202 24.63 -11.10 15.13
CA ASP D 202 23.89 -12.33 14.78
C ASP D 202 23.23 -13.07 15.96
N MET D 203 23.39 -12.51 17.16
CA MET D 203 22.90 -13.10 18.41
C MET D 203 21.40 -13.43 18.45
N PRO D 204 20.53 -12.54 17.89
CA PRO D 204 19.13 -12.91 17.67
C PRO D 204 18.92 -14.27 17.01
N VAL D 205 19.73 -14.59 16.00
CA VAL D 205 19.67 -15.89 15.31
C VAL D 205 20.29 -17.01 16.16
N ALA D 206 20.95 -16.63 17.24
CA ALA D 206 21.58 -17.59 18.14
C ALA D 206 20.77 -17.86 19.42
N ILE D 207 20.12 -16.82 19.97
CA ILE D 207 19.33 -16.94 21.21
C ILE D 207 18.11 -17.84 21.02
N SER D 208 17.37 -17.62 19.93
CA SER D 208 16.24 -18.47 19.55
C SER D 208 16.73 -19.86 19.17
N PHE D 209 17.92 -19.90 18.57
CA PHE D 209 18.60 -21.15 18.28
C PHE D 209 18.87 -21.90 19.58
N TYR D 210 19.29 -21.17 20.60
CA TYR D 210 19.47 -21.73 21.94
C TYR D 210 18.11 -21.90 22.65
N ASN D 211 17.12 -21.12 22.24
CA ASN D 211 15.78 -21.18 22.80
C ASN D 211 15.03 -22.43 22.34
N ALA D 212 15.17 -22.75 21.06
CA ALA D 212 14.65 -23.99 20.49
C ALA D 212 15.38 -25.18 21.09
N PHE D 213 16.70 -25.03 21.26
CA PHE D 213 17.53 -26.05 21.89
C PHE D 213 17.05 -26.38 23.31
N THR D 214 16.88 -25.35 24.13
CA THR D 214 16.33 -25.52 25.48
C THR D 214 14.99 -26.26 25.42
N GLY D 215 14.17 -25.93 24.42
CA GLY D 215 12.91 -26.63 24.16
C GLY D 215 13.11 -28.11 23.90
N MET D 216 14.02 -28.44 22.99
CA MET D 216 14.36 -29.85 22.66
C MET D 216 14.85 -30.59 23.90
N ALA D 217 15.80 -29.97 24.61
CA ALA D 217 16.33 -30.50 25.87
C ALA D 217 15.20 -30.88 26.82
N VAL D 218 14.31 -29.92 27.10
CA VAL D 218 13.15 -30.11 27.97
C VAL D 218 12.22 -31.20 27.44
N GLY D 219 12.04 -31.22 26.12
CA GLY D 219 11.24 -32.24 25.45
C GLY D 219 11.74 -33.64 25.78
N PHE D 220 13.00 -33.90 25.45
CA PHE D 220 13.61 -35.22 25.61
C PHE D 220 13.70 -35.69 27.07
N GLU D 221 14.00 -34.78 27.99
CA GLU D 221 14.07 -35.10 29.42
C GLU D 221 12.71 -35.53 29.96
N GLY D 222 11.65 -34.91 29.44
CA GLY D 222 10.28 -35.27 29.79
C GLY D 222 9.95 -36.69 29.35
N PHE D 223 10.38 -37.06 28.15
CA PHE D 223 10.24 -38.42 27.64
C PHE D 223 11.04 -39.40 28.49
N ALA D 224 12.17 -38.91 29.02
CA ALA D 224 13.08 -39.73 29.81
C ALA D 224 12.58 -39.98 31.24
N VAL D 225 11.88 -38.99 31.82
CA VAL D 225 11.38 -39.10 33.19
C VAL D 225 9.91 -39.51 33.26
N GLY D 226 9.30 -39.69 32.09
CA GLY D 226 7.88 -40.02 32.00
C GLY D 226 7.02 -38.85 32.43
N ASN D 227 7.50 -37.64 32.14
CA ASN D 227 6.81 -36.41 32.52
C ASN D 227 6.13 -35.77 31.30
N PRO D 228 4.80 -35.85 31.23
CA PRO D 228 3.98 -35.45 30.07
C PRO D 228 3.96 -33.95 29.77
N ALA D 229 4.08 -33.12 30.80
CA ALA D 229 4.12 -31.66 30.63
C ALA D 229 5.41 -31.21 29.95
N LEU D 230 6.54 -31.74 30.41
CA LEU D 230 7.84 -31.49 29.79
C LEU D 230 7.97 -32.20 28.44
N MET D 231 7.21 -33.28 28.27
CA MET D 231 7.09 -33.97 27.00
C MET D 231 6.41 -33.07 25.97
N VAL D 232 5.20 -32.62 26.29
CA VAL D 232 4.39 -31.82 25.38
C VAL D 232 4.95 -30.41 25.19
N ALA D 233 5.11 -29.68 26.30
CA ALA D 233 5.58 -28.29 26.26
C ALA D 233 6.98 -28.15 25.68
N GLY D 234 7.88 -29.06 26.04
CA GLY D 234 9.25 -29.07 25.52
C GLY D 234 9.27 -29.00 24.01
N THR D 235 8.66 -29.99 23.37
CA THR D 235 8.54 -30.01 21.90
C THR D 235 7.55 -28.97 21.38
N LEU D 236 6.68 -28.46 22.26
CA LEU D 236 5.78 -27.38 21.91
C LEU D 236 6.53 -26.04 21.90
N VAL D 237 7.65 -25.99 22.62
CA VAL D 237 8.51 -24.79 22.65
C VAL D 237 9.63 -24.87 21.62
N GLY D 238 10.29 -26.04 21.57
CA GLY D 238 11.40 -26.27 20.66
C GLY D 238 11.07 -25.99 19.20
N ALA D 239 10.03 -26.66 18.71
CA ALA D 239 9.58 -26.52 17.32
C ALA D 239 9.14 -25.10 16.98
N ALA D 240 8.53 -24.41 17.96
CA ALA D 240 8.17 -23.01 17.82
C ALA D 240 9.42 -22.16 17.69
N GLY D 241 10.39 -22.41 18.55
CA GLY D 241 11.70 -21.76 18.50
C GLY D 241 12.47 -22.10 17.24
N THR D 242 12.24 -23.31 16.73
CA THR D 242 12.89 -23.79 15.50
C THR D 242 12.47 -22.93 14.30
N LEU D 243 11.18 -22.92 13.99
CA LEU D 243 10.64 -22.09 12.91
C LEU D 243 10.97 -20.63 13.19
N LEU D 244 10.90 -20.25 14.46
CA LEU D 244 11.21 -18.89 14.92
C LEU D 244 12.63 -18.45 14.53
N THR D 245 13.60 -19.34 14.73
CA THR D 245 15.00 -19.04 14.40
C THR D 245 15.16 -18.84 12.89
N VAL D 246 14.49 -19.67 12.11
CA VAL D 246 14.54 -19.60 10.65
C VAL D 246 13.84 -18.34 10.13
N LEU D 247 12.60 -18.10 10.58
CA LEU D 247 11.86 -16.89 10.20
C LEU D 247 12.60 -15.60 10.55
N MET D 248 13.33 -15.61 11.67
CA MET D 248 14.18 -14.49 12.07
C MET D 248 15.63 -14.62 11.64
N ALA D 249 15.92 -15.64 10.83
CA ALA D 249 17.21 -15.76 10.14
C ALA D 249 17.06 -15.30 8.69
N ARG D 250 15.97 -15.70 8.06
CA ARG D 250 15.67 -15.32 6.67
C ARG D 250 15.05 -13.93 6.56
N ALA D 251 14.49 -13.43 7.67
CA ALA D 251 14.12 -12.02 7.77
C ALA D 251 15.39 -11.17 7.83
N MET D 252 16.45 -11.78 8.39
CA MET D 252 17.79 -11.22 8.29
C MET D 252 18.31 -11.37 6.87
N ASN D 253 19.31 -10.57 6.54
CA ASN D 253 19.99 -10.59 5.25
C ASN D 253 20.65 -11.94 4.98
N ARG D 254 20.43 -12.86 5.91
CA ARG D 254 21.27 -14.03 6.03
C ARG D 254 20.43 -15.30 6.01
N SER D 255 21.11 -16.45 6.02
CA SER D 255 20.46 -17.74 6.19
C SER D 255 20.89 -18.36 7.51
N VAL D 256 20.68 -19.67 7.68
CA VAL D 256 20.97 -20.36 8.94
C VAL D 256 22.37 -21.00 8.94
N TRP D 257 23.34 -20.31 8.35
CA TRP D 257 24.66 -20.91 8.12
C TRP D 257 25.86 -19.95 8.14
N SER D 258 25.67 -18.70 7.70
CA SER D 258 26.76 -17.71 7.65
C SER D 258 27.20 -17.23 9.04
N VAL D 259 26.35 -17.41 10.04
CA VAL D 259 26.66 -17.05 11.44
C VAL D 259 27.71 -17.99 12.04
N LEU D 260 27.39 -19.29 12.07
CA LEU D 260 28.27 -20.30 12.66
C LEU D 260 29.60 -20.42 11.92
N LYS D 274 30.14 7.11 -7.20
CA LYS D 274 29.17 7.49 -8.28
C LYS D 274 28.72 8.95 -8.14
N GLY D 275 28.04 9.27 -7.05
CA GLY D 275 27.48 10.61 -6.82
C GLY D 275 28.30 11.48 -5.87
N SER D 276 27.60 12.16 -4.95
CA SER D 276 28.24 13.00 -3.94
C SER D 276 27.35 13.24 -2.73
N LEU D 277 27.96 13.37 -1.55
CA LEU D 277 27.24 13.72 -0.33
C LEU D 277 26.78 15.18 -0.36
N LYS D 278 25.51 15.40 0.03
CA LYS D 278 24.91 16.73 0.02
C LYS D 278 24.32 17.06 1.39
N PRO D 279 25.06 17.85 2.19
CA PRO D 279 24.68 18.22 3.57
C PRO D 279 23.49 19.16 3.65
N ILE D 280 22.90 19.25 4.86
CA ILE D 280 21.73 20.12 5.10
C ILE D 280 21.65 20.59 6.56
N ASP D 281 21.06 21.77 6.77
CA ASP D 281 20.90 22.36 8.10
C ASP D 281 19.59 21.93 8.75
N VAL D 282 19.55 21.96 10.09
CA VAL D 282 18.35 21.56 10.86
C VAL D 282 17.13 22.42 10.52
N GLU D 283 17.36 23.67 10.16
CA GLU D 283 16.31 24.58 9.76
C GLU D 283 15.79 24.26 8.34
N ASP D 284 16.70 23.84 7.47
CA ASP D 284 16.35 23.43 6.10
C ASP D 284 15.56 22.11 6.08
N ALA D 285 15.86 21.24 7.04
CA ALA D 285 15.21 19.92 7.14
C ALA D 285 13.79 20.00 7.72
N ALA D 286 13.55 20.98 8.59
CA ALA D 286 12.23 21.20 9.17
C ALA D 286 11.25 21.76 8.13
N VAL D 287 11.79 22.52 7.16
CA VAL D 287 11.01 23.07 6.05
C VAL D 287 10.49 21.95 5.15
N MET D 288 11.31 20.92 4.96
CA MET D 288 10.91 19.74 4.20
C MET D 288 9.79 18.96 4.88
N LEU D 289 9.80 18.96 6.22
CA LEU D 289 8.85 18.19 7.02
C LEU D 289 7.42 18.75 7.05
N ALA D 290 7.31 20.06 7.30
CA ALA D 290 6.02 20.72 7.47
C ALA D 290 5.12 20.69 6.23
N TYR D 291 5.72 20.91 5.06
CA TYR D 291 5.00 20.89 3.78
C TYR D 291 4.90 19.48 3.20
N ALA D 292 5.71 18.56 3.73
CA ALA D 292 5.70 17.17 3.28
C ALA D 292 4.41 16.48 3.69
N GLY D 293 3.71 15.94 2.70
CA GLY D 293 2.47 15.23 2.92
C GLY D 293 2.70 13.87 3.58
N LYS D 294 3.41 12.99 2.89
CA LYS D 294 3.65 11.64 3.37
C LYS D 294 5.08 11.48 3.87
N VAL D 295 5.22 11.28 5.19
CA VAL D 295 6.52 11.13 5.81
C VAL D 295 6.70 9.72 6.36
N VAL D 296 7.91 9.17 6.19
CA VAL D 296 8.24 7.86 6.75
C VAL D 296 9.57 7.90 7.53
N PHE D 297 9.49 7.53 8.81
CA PHE D 297 10.68 7.40 9.65
C PHE D 297 11.26 6.00 9.54
N VAL D 298 12.55 5.91 9.24
CA VAL D 298 13.26 4.64 9.18
C VAL D 298 14.34 4.61 10.27
N PRO D 299 14.03 3.97 11.42
CA PRO D 299 14.95 3.93 12.55
C PRO D 299 15.94 2.75 12.54
N GLY D 300 17.07 2.93 13.23
CA GLY D 300 18.09 1.90 13.35
C GLY D 300 18.82 1.93 14.68
N TYR D 301 20.01 1.34 14.71
CA TYR D 301 20.85 1.25 15.92
C TYR D 301 21.21 2.62 16.51
N GLY D 302 21.35 3.62 15.63
CA GLY D 302 21.73 4.97 16.05
C GLY D 302 20.75 5.65 16.99
N MET D 303 19.47 5.40 16.73
CA MET D 303 18.40 5.87 17.61
C MET D 303 18.54 5.23 18.99
N ALA D 304 18.99 3.98 19.02
CA ALA D 304 19.18 3.25 20.28
C ALA D 304 20.39 3.75 21.07
N LEU D 305 21.57 3.81 20.44
CA LEU D 305 22.81 4.23 21.13
C LEU D 305 22.70 5.59 21.81
N SER D 306 22.03 6.53 21.16
CA SER D 306 21.86 7.87 21.71
C SER D 306 20.65 7.95 22.64
N GLN D 307 19.71 7.02 22.45
CA GLN D 307 18.40 7.04 23.11
C GLN D 307 17.51 8.16 22.58
N ALA D 308 17.37 8.19 21.26
CA ALA D 308 16.65 9.24 20.55
C ALA D 308 15.15 8.99 20.43
N GLN D 309 14.73 7.76 20.75
CA GLN D 309 13.33 7.33 20.63
C GLN D 309 12.29 8.34 21.09
N HIS D 310 12.54 8.94 22.25
CA HIS D 310 11.61 9.89 22.87
C HIS D 310 11.55 11.22 22.12
N LYS D 311 12.59 11.49 21.33
CA LYS D 311 12.61 12.69 20.50
C LYS D 311 12.18 12.39 19.06
N LEU D 312 11.81 11.14 18.79
CA LEU D 312 11.33 10.74 17.47
C LEU D 312 9.80 10.74 17.38
N LYS D 313 9.13 10.30 18.45
CA LYS D 313 7.66 10.27 18.49
C LYS D 313 7.11 11.68 18.62
N GLU D 314 7.86 12.55 19.30
CA GLU D 314 7.50 13.95 19.47
C GLU D 314 7.51 14.69 18.12
N LEU D 315 8.31 14.20 17.18
CA LEU D 315 8.34 14.70 15.80
C LEU D 315 7.24 14.04 14.96
N ALA D 316 6.87 12.81 15.31
CA ALA D 316 5.82 12.07 14.63
C ALA D 316 4.42 12.60 14.97
N ASP D 317 4.29 13.15 16.18
CA ASP D 317 3.03 13.72 16.65
C ASP D 317 2.82 15.16 16.18
N LEU D 318 3.89 15.94 16.15
CA LEU D 318 3.84 17.33 15.69
C LEU D 318 3.52 17.42 14.20
N LEU D 319 4.05 16.45 13.44
CA LEU D 319 3.71 16.31 12.01
C LEU D 319 2.25 15.91 11.84
N GLU D 320 1.78 15.02 12.71
CA GLU D 320 0.38 14.55 12.70
C GLU D 320 -0.63 15.62 13.16
N ALA D 321 -0.19 16.52 14.04
CA ALA D 321 -1.02 17.64 14.50
C ALA D 321 -1.19 18.69 13.40
N ARG D 322 -0.18 18.78 12.53
CA ARG D 322 -0.22 19.62 11.34
C ARG D 322 -0.98 18.93 10.21
N GLY D 323 -0.96 17.60 10.21
CA GLY D 323 -1.66 16.80 9.22
C GLY D 323 -0.82 15.69 8.60
N VAL D 324 0.49 15.94 8.49
CA VAL D 324 1.45 15.03 7.85
C VAL D 324 1.21 13.55 8.14
N GLU D 325 0.96 12.78 7.09
CA GLU D 325 0.72 11.33 7.21
C GLU D 325 2.02 10.62 7.56
N VAL D 326 2.11 10.17 8.81
CA VAL D 326 3.35 9.62 9.37
C VAL D 326 3.25 8.12 9.58
N LYS D 327 4.22 7.39 9.02
CA LYS D 327 4.34 5.94 9.19
C LYS D 327 5.79 5.54 9.49
N PHE D 328 5.94 4.42 10.19
CA PHE D 328 7.26 3.93 10.61
C PHE D 328 7.62 2.64 9.91
N ALA D 329 8.58 2.71 8.98
CA ALA D 329 9.09 1.53 8.30
C ALA D 329 10.00 0.75 9.25
N ILE D 330 9.62 -0.50 9.53
CA ILE D 330 10.33 -1.32 10.49
C ILE D 330 11.00 -2.53 9.83
N HIS D 331 12.31 -2.40 9.64
CA HIS D 331 13.12 -3.50 9.17
C HIS D 331 13.29 -4.48 10.33
N PRO D 332 12.87 -5.74 10.14
CA PRO D 332 12.94 -6.77 11.18
C PRO D 332 14.34 -6.91 11.77
N VAL D 333 15.33 -6.37 11.06
CA VAL D 333 16.72 -6.46 11.48
C VAL D 333 17.33 -5.10 11.83
N ALA D 334 16.50 -4.07 11.96
CA ALA D 334 16.99 -2.74 12.33
C ALA D 334 17.37 -2.70 13.81
N GLY D 335 18.68 -2.75 14.09
CA GLY D 335 19.22 -2.70 15.45
C GLY D 335 20.26 -3.77 15.80
N ARG D 336 20.28 -4.19 17.07
CA ARG D 336 21.18 -5.24 17.55
C ARG D 336 20.44 -6.40 18.25
N MET D 337 19.14 -6.53 17.96
CA MET D 337 18.30 -7.64 18.45
C MET D 337 17.04 -7.83 17.57
N PRO D 338 16.22 -8.86 17.85
CA PRO D 338 14.98 -9.01 17.09
C PRO D 338 13.91 -8.06 17.59
N GLY D 339 13.38 -7.24 16.70
CA GLY D 339 12.40 -6.22 17.08
C GLY D 339 12.94 -5.23 18.09
N HIS D 340 14.15 -4.74 17.84
CA HIS D 340 14.78 -3.68 18.64
C HIS D 340 13.97 -2.40 18.48
N MET D 341 13.52 -2.15 17.25
CA MET D 341 12.68 -1.00 16.93
C MET D 341 11.31 -1.14 17.59
N ASN D 342 10.80 -2.37 17.61
CA ASN D 342 9.49 -2.68 18.16
C ASN D 342 9.31 -2.27 19.61
N VAL D 343 10.23 -2.72 20.46
CA VAL D 343 10.12 -2.50 21.90
C VAL D 343 10.50 -1.08 22.33
N LEU D 344 11.31 -0.39 21.53
CA LEU D 344 11.61 1.03 21.76
C LEU D 344 10.49 1.92 21.26
N LEU D 345 9.96 1.61 20.08
CA LEU D 345 8.77 2.29 19.55
C LEU D 345 7.54 1.84 20.34
N ALA D 346 7.75 0.90 21.27
CA ALA D 346 6.75 0.54 22.27
C ALA D 346 6.95 1.35 23.55
N GLU D 347 8.20 1.40 24.06
CA GLU D 347 8.53 2.11 25.31
C GLU D 347 8.22 3.61 25.25
N ALA D 348 8.37 4.19 24.06
CA ALA D 348 8.01 5.59 23.85
C ALA D 348 6.49 5.76 23.77
N GLY D 349 5.84 4.92 22.97
CA GLY D 349 4.38 4.92 22.88
C GLY D 349 3.82 5.14 21.49
N VAL D 350 4.57 4.73 20.47
CA VAL D 350 4.10 4.83 19.09
C VAL D 350 3.03 3.77 18.88
N ASP D 351 1.96 4.14 18.21
CA ASP D 351 0.92 3.18 17.85
C ASP D 351 1.47 2.20 16.83
N TYR D 352 1.19 0.92 17.05
CA TYR D 352 1.71 -0.16 16.21
C TYR D 352 1.19 -0.09 14.77
N ASP D 353 0.12 0.66 14.58
CA ASP D 353 -0.47 0.86 13.26
C ASP D 353 0.29 1.93 12.48
N LYS D 354 1.16 2.65 13.18
CA LYS D 354 2.17 3.49 12.54
C LYS D 354 3.39 2.64 12.25
N LEU D 355 3.54 1.54 12.99
CA LEU D 355 4.65 0.61 12.78
C LEU D 355 4.35 -0.44 11.72
N LYS D 356 5.02 -0.29 10.58
CA LYS D 356 4.85 -1.19 9.45
C LYS D 356 6.17 -1.87 9.17
N ASP D 357 6.14 -3.20 8.99
CA ASP D 357 7.32 -3.91 8.51
C ASP D 357 7.51 -3.63 7.01
N LEU D 358 8.61 -4.11 6.46
CA LEU D 358 9.02 -3.79 5.08
C LEU D 358 7.94 -4.00 4.00
N GLU D 359 7.33 -5.18 4.01
CA GLU D 359 6.52 -5.67 2.89
C GLU D 359 5.19 -4.94 2.70
N GLU D 360 4.70 -4.30 3.76
CA GLU D 360 3.43 -3.56 3.73
C GLU D 360 3.64 -2.06 3.48
N ILE D 361 4.90 -1.61 3.51
CA ILE D 361 5.21 -0.19 3.37
C ILE D 361 6.16 0.11 2.18
N ASN D 362 6.75 -0.93 1.59
CA ASN D 362 7.65 -0.76 0.44
C ASN D 362 7.04 -0.10 -0.81
N PRO D 363 5.85 -0.56 -1.25
CA PRO D 363 5.22 0.06 -2.43
C PRO D 363 4.55 1.42 -2.14
N GLU D 364 4.88 2.00 -0.99
CA GLU D 364 4.30 3.26 -0.54
C GLU D 364 5.31 4.40 -0.67
N PHE D 365 6.57 4.04 -0.94
CA PHE D 365 7.70 4.97 -0.88
C PHE D 365 7.82 6.02 -2.00
N PRO D 366 7.64 5.63 -3.28
CA PRO D 366 7.76 6.63 -4.35
C PRO D 366 6.81 7.81 -4.17
N THR D 367 5.83 7.65 -3.26
CA THR D 367 4.86 8.68 -2.95
C THR D 367 5.07 9.28 -1.56
N VAL D 368 6.03 8.73 -0.82
CA VAL D 368 6.42 9.29 0.46
C VAL D 368 7.24 10.56 0.19
N ASP D 369 6.66 11.70 0.57
CA ASP D 369 7.24 13.03 0.35
C ASP D 369 8.66 13.15 0.93
N VAL D 370 8.82 12.72 2.19
CA VAL D 370 10.13 12.70 2.85
C VAL D 370 10.32 11.40 3.66
N ALA D 371 11.38 10.68 3.36
CA ALA D 371 11.73 9.47 4.11
C ALA D 371 12.89 9.74 5.06
N VAL D 372 12.55 10.17 6.28
CA VAL D 372 13.55 10.48 7.29
C VAL D 372 14.14 9.17 7.83
N VAL D 373 15.45 9.05 7.74
CA VAL D 373 16.16 7.88 8.27
C VAL D 373 17.00 8.31 9.47
N ILE D 374 16.85 7.57 10.57
CA ILE D 374 17.54 7.90 11.82
C ILE D 374 18.43 6.74 12.29
N GLY D 375 19.74 7.00 12.30
CA GLY D 375 20.74 6.04 12.77
C GLY D 375 20.67 4.66 12.13
N ALA D 376 20.42 4.63 10.83
CA ALA D 376 20.36 3.38 10.08
C ALA D 376 21.24 3.43 8.83
N ASN D 377 21.78 2.28 8.43
CA ASN D 377 22.68 2.19 7.28
C ASN D 377 22.42 0.97 6.38
N ASP D 378 22.72 -0.23 6.88
CA ASP D 378 22.66 -1.45 6.08
C ASP D 378 21.24 -1.88 5.70
N VAL D 379 20.28 -1.60 6.58
CA VAL D 379 18.88 -1.96 6.36
C VAL D 379 18.29 -1.26 5.14
N VAL D 380 18.87 -0.11 4.81
CA VAL D 380 18.38 0.73 3.73
C VAL D 380 19.46 0.94 2.66
N ASN D 381 20.40 -0.01 2.60
CA ASN D 381 21.52 0.01 1.66
C ASN D 381 21.19 -0.76 0.38
N PRO D 382 21.12 -0.05 -0.77
CA PRO D 382 20.77 -0.63 -2.07
C PRO D 382 21.77 -1.69 -2.59
N ALA D 383 22.84 -1.93 -1.86
CA ALA D 383 23.82 -2.97 -2.19
C ALA D 383 23.26 -4.38 -2.02
N ALA D 384 22.27 -4.51 -1.14
CA ALA D 384 21.62 -5.78 -0.84
C ALA D 384 20.85 -6.40 -2.02
N ARG D 385 20.77 -5.65 -3.12
CA ARG D 385 20.04 -6.07 -4.31
C ARG D 385 20.86 -6.98 -5.22
N ARG D 386 22.14 -6.65 -5.36
CA ARG D 386 23.03 -7.32 -6.32
C ARG D 386 23.84 -8.47 -5.69
N PRO D 387 24.25 -9.45 -6.52
CA PRO D 387 25.04 -10.61 -6.06
C PRO D 387 26.55 -10.35 -5.88
N GLY D 388 27.00 -9.13 -6.16
CA GLY D 388 28.41 -8.77 -6.06
C GLY D 388 28.84 -8.34 -4.67
N SER D 389 28.02 -7.46 -4.06
CA SER D 389 28.28 -6.94 -2.72
C SER D 389 27.90 -7.95 -1.62
N PRO D 390 28.42 -7.77 -0.39
CA PRO D 390 28.19 -8.70 0.72
C PRO D 390 26.76 -8.73 1.31
N LEU D 391 25.99 -7.65 1.13
CA LEU D 391 24.67 -7.53 1.76
C LEU D 391 23.55 -8.35 1.10
N TYR D 392 23.91 -9.23 0.17
CA TYR D 392 22.91 -10.01 -0.57
C TYR D 392 22.23 -11.08 0.27
N GLY D 393 20.95 -11.28 -0.01
CA GLY D 393 20.08 -12.13 0.81
C GLY D 393 19.20 -11.26 1.68
N MET D 394 19.37 -9.94 1.57
CA MET D 394 18.65 -8.99 2.39
C MET D 394 17.26 -8.69 1.87
N PRO D 395 16.24 -8.81 2.74
CA PRO D 395 14.96 -8.18 2.47
C PRO D 395 15.19 -6.68 2.49
N ILE D 396 15.30 -6.10 1.30
CA ILE D 396 15.71 -4.71 1.12
C ILE D 396 14.62 -3.69 1.48
N LEU D 397 15.00 -2.60 2.11
CA LEU D 397 14.07 -1.50 2.43
C LEU D 397 14.19 -0.39 1.39
N ASP D 398 13.14 -0.24 0.58
CA ASP D 398 13.14 0.67 -0.56
C ASP D 398 13.00 2.14 -0.16
N VAL D 399 14.08 2.73 0.34
CA VAL D 399 14.08 4.14 0.74
C VAL D 399 14.58 5.05 -0.39
N ASP D 400 15.32 4.46 -1.33
CA ASP D 400 15.92 5.21 -2.45
C ASP D 400 14.92 5.75 -3.48
N LYS D 401 13.76 5.09 -3.58
CA LYS D 401 12.71 5.49 -4.52
C LYS D 401 11.80 6.62 -4.02
N ALA D 402 11.96 7.01 -2.75
CA ALA D 402 11.24 8.15 -2.19
C ALA D 402 11.73 9.45 -2.82
N LYS D 403 10.87 10.46 -2.84
CA LYS D 403 11.18 11.74 -3.52
C LYS D 403 12.21 12.60 -2.79
N ASN D 404 12.28 12.46 -1.46
CA ASN D 404 13.25 13.19 -0.61
C ASN D 404 13.66 12.34 0.61
N VAL D 405 14.96 12.21 0.84
CA VAL D 405 15.48 11.38 1.94
C VAL D 405 16.41 12.17 2.87
N ILE D 406 16.16 12.05 4.18
CA ILE D 406 16.97 12.71 5.20
C ILE D 406 17.58 11.67 6.14
N VAL D 407 18.91 11.67 6.24
CA VAL D 407 19.65 10.67 7.02
C VAL D 407 20.29 11.29 8.26
N ILE D 408 20.11 10.66 9.41
CA ILE D 408 20.69 11.15 10.67
C ILE D 408 21.82 10.25 11.20
N LYS D 409 23.02 10.81 11.25
CA LYS D 409 24.23 10.14 11.76
C LYS D 409 25.33 11.17 12.04
N ARG D 410 26.21 10.88 13.01
CA ARG D 410 27.23 11.84 13.49
C ARG D 410 28.23 12.35 12.45
N GLY D 411 28.83 11.43 11.70
CA GLY D 411 29.86 11.78 10.72
C GLY D 411 30.08 10.77 9.62
N GLN D 412 31.25 10.11 9.66
CA GLN D 412 31.65 9.19 8.59
C GLN D 412 31.77 7.74 9.09
N GLY D 413 30.72 7.26 9.76
CA GLY D 413 30.70 5.91 10.32
C GLY D 413 29.87 4.90 9.52
N LYS D 414 30.18 3.61 9.72
CA LYS D 414 29.50 2.51 9.01
C LYS D 414 28.70 1.62 9.98
N GLY D 415 28.02 0.61 9.42
CA GLY D 415 27.14 -0.27 10.18
C GLY D 415 27.77 -1.55 10.71
N PHE D 416 27.30 -2.70 10.20
CA PHE D 416 27.74 -4.01 10.68
C PHE D 416 28.42 -4.88 9.61
N ALA D 417 27.74 -5.06 8.46
CA ALA D 417 28.25 -5.90 7.38
C ALA D 417 29.59 -5.40 6.83
N GLY D 418 29.76 -4.08 6.82
CA GLY D 418 31.05 -3.46 6.52
C GLY D 418 31.16 -2.68 5.22
N VAL D 419 30.05 -2.09 4.78
CA VAL D 419 30.03 -1.34 3.52
C VAL D 419 29.51 0.10 3.67
N GLU D 420 30.08 1.01 2.87
CA GLU D 420 29.56 2.37 2.76
C GLU D 420 28.22 2.34 2.01
N ASN D 421 27.36 3.29 2.32
CA ASN D 421 26.02 3.31 1.75
C ASN D 421 25.91 4.19 0.50
N GLU D 422 25.43 3.60 -0.58
CA GLU D 422 25.25 4.32 -1.85
C GLU D 422 23.94 5.09 -1.89
N LEU D 423 23.14 4.98 -0.83
CA LEU D 423 21.95 5.81 -0.66
C LEU D 423 22.35 7.24 -0.33
N PHE D 424 23.44 7.39 0.44
CA PHE D 424 23.94 8.71 0.85
C PHE D 424 24.27 9.63 -0.33
N TYR D 425 24.73 9.04 -1.44
CA TYR D 425 25.28 9.78 -2.58
C TYR D 425 24.27 10.13 -3.70
N ALA D 426 23.11 9.47 -3.71
CA ALA D 426 22.09 9.68 -4.73
C ALA D 426 21.58 11.13 -4.74
N GLU D 427 21.12 11.58 -5.90
CA GLU D 427 20.65 12.97 -6.08
C GLU D 427 19.49 13.35 -5.15
N ASN D 428 18.74 12.36 -4.67
CA ASN D 428 17.56 12.61 -3.83
C ASN D 428 17.80 12.63 -2.33
N THR D 429 18.89 12.01 -1.88
CA THR D 429 19.18 11.86 -0.45
C THR D 429 20.08 12.96 0.09
N ARG D 430 19.76 13.43 1.31
CA ARG D 430 20.59 14.40 2.02
C ARG D 430 20.87 13.95 3.45
N MET D 431 22.03 14.35 3.96
CA MET D 431 22.52 13.90 5.26
C MET D 431 22.28 14.95 6.35
N LEU D 432 22.06 14.48 7.58
CA LEU D 432 21.90 15.35 8.74
C LEU D 432 22.89 14.93 9.84
N TYR D 433 23.96 15.71 9.99
CA TYR D 433 25.05 15.38 10.92
C TYR D 433 24.79 15.76 12.38
N GLY D 434 25.09 14.82 13.29
CA GLY D 434 24.99 15.07 14.73
C GLY D 434 24.47 13.90 15.55
N ASP D 435 24.57 14.04 16.87
CA ASP D 435 24.02 13.06 17.82
C ASP D 435 22.51 12.95 17.61
N ALA D 436 22.01 11.72 17.63
CA ALA D 436 20.64 11.40 17.20
C ALA D 436 19.52 12.26 17.82
N GLN D 437 19.46 12.30 19.14
CA GLN D 437 18.42 13.09 19.83
C GLN D 437 18.77 14.58 19.91
N LYS D 438 20.05 14.91 19.72
CA LYS D 438 20.49 16.29 19.58
C LYS D 438 20.07 16.85 18.21
N VAL D 439 19.80 15.95 17.26
CA VAL D 439 19.32 16.32 15.93
C VAL D 439 17.80 16.49 15.90
N LEU D 440 17.09 15.52 16.47
CA LEU D 440 15.63 15.50 16.44
C LEU D 440 14.98 16.62 17.23
N THR D 441 15.55 16.93 18.40
CA THR D 441 15.10 18.06 19.22
C THR D 441 15.30 19.37 18.45
N GLU D 442 16.39 19.46 17.69
CA GLU D 442 16.65 20.59 16.81
C GLU D 442 15.69 20.61 15.62
N LEU D 443 15.20 19.44 15.22
CA LEU D 443 14.18 19.31 14.17
C LEU D 443 12.81 19.75 14.66
N ILE D 444 12.45 19.33 15.88
CA ILE D 444 11.17 19.68 16.49
C ILE D 444 11.07 21.19 16.73
N GLN D 445 12.08 21.74 17.40
CA GLN D 445 12.10 23.16 17.79
C GLN D 445 12.24 24.11 16.60
N ALA D 446 12.80 23.62 15.50
CA ALA D 446 12.85 24.39 14.26
C ALA D 446 11.52 24.31 13.50
N LEU D 447 10.87 23.15 13.59
CA LEU D 447 9.55 22.94 13.00
C LEU D 447 8.48 23.70 13.78
N LYS D 448 8.71 23.81 15.10
CA LYS D 448 7.85 24.62 15.98
C LYS D 448 7.92 26.10 15.63
N ARG D 449 9.01 26.50 14.98
CA ARG D 449 9.24 27.88 14.56
C ARG D 449 8.75 28.15 13.13
N LEU D 450 7.92 27.23 12.60
CA LEU D 450 7.39 27.34 11.24
C LEU D 450 5.91 26.96 11.15
N MET E 10 -36.48 16.35 -43.24
CA MET E 10 -35.00 16.26 -43.10
C MET E 10 -34.42 17.59 -42.65
N VAL E 11 -33.99 17.64 -41.39
CA VAL E 11 -33.61 18.88 -40.71
C VAL E 11 -32.31 19.49 -41.20
N THR E 12 -32.15 20.79 -40.92
CA THR E 12 -30.92 21.52 -41.14
C THR E 12 -30.57 22.31 -39.87
N VAL E 13 -29.29 22.36 -39.54
CA VAL E 13 -28.82 23.08 -38.36
C VAL E 13 -27.61 23.95 -38.70
N ALA E 14 -27.59 25.17 -38.17
CA ALA E 14 -26.53 26.12 -38.46
C ALA E 14 -25.53 26.28 -37.31
N VAL E 15 -24.37 26.85 -37.62
CA VAL E 15 -23.33 27.22 -36.63
C VAL E 15 -22.53 28.43 -37.10
N PRO E 16 -22.51 29.52 -36.30
CA PRO E 16 -21.97 30.79 -36.77
C PRO E 16 -20.57 31.14 -36.27
N LYS E 17 -20.07 32.26 -36.77
CA LYS E 17 -18.85 32.91 -36.31
C LYS E 17 -19.26 33.95 -35.26
N GLU E 18 -18.76 33.79 -34.03
CA GLU E 18 -19.17 34.63 -32.90
C GLU E 18 -18.58 36.04 -32.94
N ARG E 19 -19.39 37.03 -32.53
CA ARG E 19 -19.04 38.45 -32.68
C ARG E 19 -18.50 39.16 -31.43
N ALA E 20 -18.82 38.66 -30.25
CA ALA E 20 -18.37 39.26 -28.98
C ALA E 20 -16.84 39.45 -28.95
N PRO E 21 -16.37 40.61 -28.43
CA PRO E 21 -14.94 40.94 -28.46
C PRO E 21 -14.06 39.92 -27.73
N GLY E 22 -13.10 39.34 -28.46
CA GLY E 22 -12.11 38.43 -27.88
C GLY E 22 -12.49 36.96 -27.88
N GLU E 23 -13.68 36.64 -28.39
CA GLU E 23 -14.16 35.26 -28.49
C GLU E 23 -13.45 34.52 -29.63
N ARG E 24 -12.87 33.36 -29.31
CA ARG E 24 -12.13 32.57 -30.30
C ARG E 24 -12.71 31.15 -30.47
N ARG E 25 -14.01 31.02 -30.22
CA ARG E 25 -14.69 29.72 -30.22
C ARG E 25 -15.60 29.48 -31.43
N VAL E 26 -16.11 28.25 -31.55
CA VAL E 26 -17.11 27.89 -32.55
C VAL E 26 -18.04 26.81 -31.97
N ALA E 27 -19.34 26.95 -32.22
CA ALA E 27 -20.34 26.09 -31.58
C ALA E 27 -20.24 24.62 -31.97
N LEU E 28 -19.88 24.36 -33.22
CA LEU E 28 -19.73 22.98 -33.70
C LEU E 28 -18.38 22.77 -34.40
N VAL E 29 -17.75 21.63 -34.13
CA VAL E 29 -16.48 21.26 -34.75
C VAL E 29 -16.70 20.24 -35.87
N PRO E 30 -15.74 20.13 -36.82
CA PRO E 30 -15.89 19.23 -37.98
C PRO E 30 -16.15 17.77 -37.60
N GLU E 31 -15.69 17.36 -36.42
CA GLU E 31 -15.87 15.99 -35.92
C GLU E 31 -17.34 15.71 -35.56
N VAL E 32 -17.91 16.56 -34.72
CA VAL E 32 -19.31 16.43 -34.29
C VAL E 32 -20.25 16.67 -35.47
N VAL E 33 -19.88 17.61 -36.33
CA VAL E 33 -20.58 17.87 -37.58
C VAL E 33 -20.58 16.61 -38.45
N ALA E 34 -19.46 15.90 -38.49
CA ALA E 34 -19.32 14.67 -39.28
C ALA E 34 -20.31 13.58 -38.85
N ARG E 35 -20.53 13.44 -37.55
CA ARG E 35 -21.42 12.39 -37.03
C ARG E 35 -22.90 12.76 -37.04
N LEU E 36 -23.18 14.05 -37.25
CA LEU E 36 -24.55 14.54 -37.36
C LEU E 36 -25.11 14.40 -38.78
N VAL E 37 -24.24 14.56 -39.78
CA VAL E 37 -24.57 14.24 -41.17
C VAL E 37 -24.60 12.71 -41.31
N LYS E 38 -23.83 12.04 -40.45
CA LYS E 38 -23.93 10.57 -40.27
C LYS E 38 -25.23 10.23 -39.52
N GLY E 39 -25.72 11.19 -38.73
CA GLY E 39 -27.03 11.08 -38.09
C GLY E 39 -28.16 11.23 -39.09
N GLY E 40 -27.99 12.16 -40.03
CA GLY E 40 -28.94 12.34 -41.15
C GLY E 40 -29.43 13.75 -41.42
N ALA E 41 -28.58 14.75 -41.15
CA ALA E 41 -28.98 16.15 -41.26
C ALA E 41 -28.07 16.98 -42.19
N ARG E 42 -28.55 18.15 -42.57
CA ARG E 42 -27.75 19.11 -43.34
C ARG E 42 -27.17 20.17 -42.39
N VAL E 43 -25.88 20.43 -42.52
CA VAL E 43 -25.23 21.40 -41.65
C VAL E 43 -24.82 22.64 -42.44
N ARG E 44 -25.24 23.80 -41.94
CA ARG E 44 -24.90 25.07 -42.54
C ARG E 44 -23.88 25.77 -41.66
N VAL E 45 -22.76 26.16 -42.25
CA VAL E 45 -21.67 26.80 -41.51
C VAL E 45 -21.23 28.10 -42.20
N GLU E 46 -20.94 29.13 -41.40
CA GLU E 46 -20.46 30.40 -41.93
C GLU E 46 -18.99 30.29 -42.39
N ARG E 47 -18.55 31.28 -43.16
CA ARG E 47 -17.20 31.29 -43.72
C ARG E 47 -16.16 31.69 -42.66
N GLY E 48 -15.50 30.69 -42.08
CA GLY E 48 -14.40 30.91 -41.15
C GLY E 48 -14.76 30.95 -39.67
N ALA E 49 -15.76 30.14 -39.28
CA ALA E 49 -16.25 30.11 -37.90
C ALA E 49 -15.31 29.35 -36.96
N GLY E 50 -14.74 28.26 -37.46
CA GLY E 50 -13.84 27.42 -36.67
C GLY E 50 -12.40 27.89 -36.68
N GLU E 51 -12.12 28.98 -37.41
CA GLU E 51 -10.76 29.52 -37.54
C GLU E 51 -10.15 29.97 -36.21
N GLY E 52 -11.00 30.28 -35.24
CA GLY E 52 -10.56 30.61 -33.89
C GLY E 52 -10.11 29.38 -33.13
N ALA E 53 -10.75 28.25 -33.42
CA ALA E 53 -10.42 26.96 -32.81
C ALA E 53 -9.51 26.11 -33.71
N TYR E 54 -8.88 26.77 -34.69
CA TYR E 54 -7.90 26.17 -35.62
C TYR E 54 -8.44 25.01 -36.49
N HIS E 55 -9.75 25.00 -36.67
CA HIS E 55 -10.41 24.13 -37.64
C HIS E 55 -10.69 24.94 -38.90
N PRO E 56 -9.90 24.71 -39.97
CA PRO E 56 -10.02 25.47 -41.22
C PRO E 56 -11.39 25.36 -41.88
N ASP E 57 -11.64 26.19 -42.89
CA ASP E 57 -12.88 26.15 -43.66
C ASP E 57 -13.15 24.80 -44.32
N GLU E 58 -12.10 24.19 -44.87
CA GLU E 58 -12.24 22.88 -45.54
C GLU E 58 -12.41 21.70 -44.58
N ALA E 59 -12.18 21.92 -43.29
CA ALA E 59 -12.35 20.87 -42.29
C ALA E 59 -13.81 20.44 -42.12
N TYR E 60 -14.73 21.39 -42.32
CA TYR E 60 -16.16 21.13 -42.22
C TYR E 60 -16.77 20.58 -43.50
N GLN E 61 -16.27 21.04 -44.65
CA GLN E 61 -16.75 20.59 -45.97
C GLN E 61 -16.51 19.11 -46.18
N GLU E 62 -15.42 18.61 -45.62
CA GLU E 62 -15.09 17.18 -45.66
C GLU E 62 -16.06 16.38 -44.78
N ALA E 63 -16.60 17.04 -43.75
CA ALA E 63 -17.55 16.40 -42.84
C ALA E 63 -18.93 16.17 -43.46
N GLY E 64 -19.30 17.01 -44.42
CA GLY E 64 -20.58 16.88 -45.12
C GLY E 64 -21.52 18.07 -44.94
N ALA E 65 -20.97 19.14 -44.36
CA ALA E 65 -21.71 20.38 -44.10
C ALA E 65 -21.74 21.27 -45.33
N GLU E 66 -21.98 22.56 -45.12
CA GLU E 66 -21.96 23.54 -46.21
C GLU E 66 -21.43 24.89 -45.72
N VAL E 67 -20.34 25.35 -46.32
CA VAL E 67 -19.71 26.61 -45.97
C VAL E 67 -20.19 27.75 -46.86
N VAL E 68 -20.83 28.74 -46.24
CA VAL E 68 -21.43 29.87 -46.94
C VAL E 68 -21.14 31.20 -46.22
N GLU E 69 -21.74 32.28 -46.73
CA GLU E 69 -21.65 33.60 -46.09
C GLU E 69 -22.85 33.90 -45.18
N ARG E 70 -22.60 34.74 -44.17
CA ARG E 70 -23.62 35.16 -43.19
C ARG E 70 -24.80 35.84 -43.88
N GLY E 71 -26.01 35.55 -43.42
CA GLY E 71 -27.24 36.06 -44.04
C GLY E 71 -27.92 34.99 -44.89
N GLU E 72 -27.12 34.39 -45.78
CA GLU E 72 -27.55 33.22 -46.53
C GLU E 72 -27.60 31.99 -45.62
N LEU E 73 -27.01 32.12 -44.45
CA LEU E 73 -26.85 31.03 -43.48
C LEU E 73 -28.16 30.59 -42.81
N LEU E 74 -28.99 31.56 -42.44
CA LEU E 74 -30.15 31.28 -41.60
C LEU E 74 -31.49 31.16 -42.35
N LYS E 75 -31.46 31.32 -43.66
CA LYS E 75 -32.66 31.10 -44.46
C LYS E 75 -32.89 29.60 -44.68
N GLY E 76 -33.91 29.05 -44.01
CA GLY E 76 -34.28 27.64 -44.14
C GLY E 76 -34.09 26.81 -42.88
N ALA E 77 -33.13 27.22 -42.06
CA ALA E 77 -32.71 26.46 -40.87
C ALA E 77 -33.82 26.27 -39.82
N HIS E 78 -33.74 25.17 -39.09
CA HIS E 78 -34.66 24.88 -37.99
C HIS E 78 -33.93 24.97 -36.66
N LEU E 79 -32.61 24.75 -36.69
CA LEU E 79 -31.80 24.77 -35.49
C LEU E 79 -30.60 25.69 -35.65
N LEU E 80 -30.44 26.59 -34.69
CA LEU E 80 -29.28 27.45 -34.62
C LEU E 80 -28.47 27.08 -33.39
N PHE E 81 -27.17 26.88 -33.57
CA PHE E 81 -26.26 26.50 -32.50
C PHE E 81 -25.18 27.57 -32.31
N THR E 82 -25.41 28.48 -31.35
CA THR E 82 -24.50 29.60 -31.08
C THR E 82 -23.71 29.40 -29.79
N VAL E 83 -22.51 29.98 -29.73
CA VAL E 83 -21.75 30.05 -28.48
C VAL E 83 -22.38 31.15 -27.62
N GLN E 84 -22.01 32.40 -27.89
CA GLN E 84 -22.64 33.55 -27.25
C GLN E 84 -23.94 33.91 -27.97
N PRO E 85 -24.83 34.65 -27.29
CA PRO E 85 -26.11 35.04 -27.89
C PRO E 85 -25.94 35.69 -29.26
N PRO E 86 -26.72 35.23 -30.26
CA PRO E 86 -26.68 35.76 -31.63
C PRO E 86 -27.03 37.25 -31.68
N PRO E 87 -26.31 38.04 -32.49
CA PRO E 87 -26.51 39.49 -32.60
C PRO E 87 -27.67 39.89 -33.52
N GLU E 88 -27.86 41.20 -33.68
CA GLU E 88 -28.90 41.80 -34.53
C GLU E 88 -29.14 41.07 -35.84
N ASP E 89 -28.16 41.13 -36.75
CA ASP E 89 -28.26 40.57 -38.10
C ASP E 89 -28.59 39.07 -38.14
N LEU E 90 -28.35 38.38 -37.03
CA LEU E 90 -28.75 36.97 -36.89
C LEU E 90 -30.18 36.85 -36.37
N ILE E 91 -30.49 37.63 -35.34
CA ILE E 91 -31.83 37.64 -34.72
C ILE E 91 -32.93 37.97 -35.74
N GLN E 92 -32.62 38.88 -36.66
CA GLN E 92 -33.57 39.28 -37.71
C GLN E 92 -33.70 38.22 -38.82
N ALA E 93 -32.63 37.47 -39.05
CA ALA E 93 -32.62 36.41 -40.06
C ALA E 93 -33.40 35.17 -39.63
N LEU E 94 -34.08 35.26 -38.48
CA LEU E 94 -34.81 34.14 -37.89
C LEU E 94 -36.14 33.83 -38.55
N GLU E 95 -36.38 32.53 -38.73
CA GLU E 95 -37.65 32.02 -39.21
C GLU E 95 -38.48 31.56 -38.00
N PRO E 96 -39.82 31.59 -38.14
CA PRO E 96 -40.66 31.00 -37.07
C PRO E 96 -40.50 29.48 -36.99
N GLY E 97 -40.72 28.92 -35.81
CA GLY E 97 -40.58 27.48 -35.59
C GLY E 97 -39.13 27.03 -35.54
N ALA E 98 -38.22 28.00 -35.45
CA ALA E 98 -36.79 27.73 -35.33
C ALA E 98 -36.36 27.90 -33.88
N ILE E 99 -35.47 27.03 -33.44
CA ILE E 99 -35.04 26.99 -32.04
C ILE E 99 -33.61 27.52 -31.88
N VAL E 100 -33.47 28.51 -31.01
CA VAL E 100 -32.19 29.17 -30.72
C VAL E 100 -31.51 28.50 -29.52
N VAL E 101 -30.50 27.69 -29.83
CA VAL E 101 -29.77 26.97 -28.81
C VAL E 101 -28.45 27.68 -28.51
N GLY E 102 -28.14 27.84 -27.22
CA GLY E 102 -26.86 28.41 -26.82
C GLY E 102 -26.94 29.35 -25.64
N PHE E 103 -25.77 29.74 -25.15
CA PHE E 103 -25.65 30.74 -24.09
C PHE E 103 -26.42 31.98 -24.47
N VAL E 104 -27.04 32.58 -23.47
CA VAL E 104 -27.73 33.84 -23.64
C VAL E 104 -27.14 34.84 -22.63
N GLN E 105 -27.10 34.42 -21.36
CA GLN E 105 -26.74 35.29 -20.24
C GLN E 105 -27.44 36.64 -20.34
N PRO E 106 -28.71 36.69 -19.90
CA PRO E 106 -29.59 37.84 -20.10
C PRO E 106 -29.05 39.14 -19.50
N HIS E 107 -28.48 39.04 -18.30
CA HIS E 107 -27.99 40.20 -17.56
C HIS E 107 -26.88 41.00 -18.26
N LYS E 108 -26.02 40.31 -18.99
CA LYS E 108 -24.94 40.95 -19.75
C LYS E 108 -25.30 41.27 -21.20
N ASN E 109 -26.17 40.44 -21.79
CA ASN E 109 -26.59 40.63 -23.17
C ASN E 109 -28.04 41.10 -23.29
N LEU E 110 -28.43 42.01 -22.41
CA LEU E 110 -29.81 42.51 -22.28
C LEU E 110 -30.40 43.02 -23.61
N GLU E 111 -29.55 43.62 -24.44
CA GLU E 111 -29.95 44.13 -25.76
C GLU E 111 -30.30 43.00 -26.74
N LEU E 112 -29.38 42.04 -26.89
CA LEU E 112 -29.55 40.92 -27.80
C LEU E 112 -30.77 40.10 -27.42
N VAL E 113 -31.15 40.18 -26.13
CA VAL E 113 -32.35 39.54 -25.60
C VAL E 113 -33.62 40.20 -26.15
N ARG E 114 -33.83 41.47 -25.82
CA ARG E 114 -35.03 42.20 -26.23
C ARG E 114 -35.17 42.30 -27.76
N ALA E 115 -34.07 42.02 -28.46
CA ALA E 115 -34.07 41.97 -29.92
C ALA E 115 -34.77 40.72 -30.45
N LEU E 116 -34.64 39.62 -29.71
CA LEU E 116 -35.23 38.33 -30.10
C LEU E 116 -36.76 38.26 -29.97
N GLN E 117 -37.35 39.21 -29.24
CA GLN E 117 -38.80 39.25 -29.00
C GLN E 117 -39.60 39.84 -30.17
N ALA E 118 -39.00 40.80 -30.88
CA ALA E 118 -39.67 41.49 -31.99
C ALA E 118 -39.83 40.61 -33.23
N LYS E 119 -39.11 39.48 -33.25
CA LYS E 119 -39.20 38.52 -34.35
C LYS E 119 -39.85 37.20 -33.90
N LYS E 120 -40.13 37.10 -32.60
CA LYS E 120 -40.82 35.94 -32.01
C LYS E 120 -40.16 34.59 -32.33
N ALA E 121 -38.98 34.38 -31.75
CA ALA E 121 -38.19 33.18 -31.98
C ALA E 121 -38.09 32.32 -30.73
N THR E 122 -37.92 31.02 -30.93
CA THR E 122 -37.83 30.07 -29.84
C THR E 122 -36.38 30.00 -29.35
N VAL E 123 -36.10 30.54 -28.17
CA VAL E 123 -34.75 30.48 -27.60
C VAL E 123 -34.65 29.60 -26.37
N ILE E 124 -33.61 28.78 -26.34
CA ILE E 124 -33.23 28.00 -25.17
C ILE E 124 -31.82 28.40 -24.74
N ALA E 125 -31.72 28.87 -23.50
CA ALA E 125 -30.46 29.31 -22.94
C ALA E 125 -29.71 28.12 -22.35
N MET E 126 -28.44 27.98 -22.71
CA MET E 126 -27.63 26.85 -22.26
C MET E 126 -27.18 26.95 -20.79
N GLU E 127 -27.28 28.15 -20.22
CA GLU E 127 -26.89 28.37 -18.82
C GLU E 127 -27.95 27.86 -17.83
N LEU E 128 -29.13 27.53 -18.35
CA LEU E 128 -30.24 27.11 -17.52
C LEU E 128 -30.50 25.61 -17.60
N ILE E 129 -29.52 24.87 -18.11
CA ILE E 129 -29.52 23.40 -18.07
C ILE E 129 -29.55 22.96 -16.60
N PRO E 130 -30.60 22.20 -16.21
CA PRO E 130 -30.67 21.71 -14.83
C PRO E 130 -29.53 20.75 -14.49
N ARG E 131 -29.23 20.57 -13.20
CA ARG E 131 -28.02 19.85 -12.79
C ARG E 131 -28.23 18.41 -12.27
N ILE E 132 -29.33 17.77 -12.66
CA ILE E 132 -29.45 16.32 -12.42
C ILE E 132 -28.49 15.57 -13.35
N THR E 133 -28.78 14.31 -13.63
CA THR E 133 -27.86 13.43 -14.35
C THR E 133 -28.05 13.41 -15.87
N ARG E 134 -29.29 13.63 -16.30
CA ARG E 134 -29.67 13.53 -17.72
C ARG E 134 -28.77 14.32 -18.66
N ALA E 135 -28.64 15.61 -18.38
CA ALA E 135 -27.92 16.54 -19.25
C ALA E 135 -26.55 16.91 -18.69
N GLN E 136 -25.90 15.95 -18.03
CA GLN E 136 -24.51 16.14 -17.60
C GLN E 136 -23.59 15.98 -18.80
N SER E 137 -24.00 15.14 -19.75
CA SER E 137 -23.36 15.05 -21.06
C SER E 137 -23.69 16.28 -21.93
N MET E 138 -24.50 17.18 -21.38
CA MET E 138 -24.86 18.44 -22.02
C MET E 138 -24.55 19.64 -21.10
N ASP E 139 -24.06 19.32 -19.89
CA ASP E 139 -23.75 20.31 -18.85
C ASP E 139 -22.59 21.20 -19.30
N ALA E 140 -22.93 22.28 -20.02
CA ALA E 140 -21.94 23.21 -20.56
C ALA E 140 -21.26 24.04 -19.47
N LEU E 141 -22.02 24.32 -18.40
CA LEU E 141 -21.51 25.00 -17.21
C LEU E 141 -20.27 24.31 -16.66
N SER E 142 -20.32 22.98 -16.65
CA SER E 142 -19.21 22.16 -16.19
C SER E 142 -18.03 22.19 -17.16
N SER E 143 -18.32 22.03 -18.46
CA SER E 143 -17.30 21.89 -19.49
C SER E 143 -16.42 23.12 -19.68
N GLN E 144 -17.03 24.30 -19.66
CA GLN E 144 -16.33 25.54 -19.98
C GLN E 144 -15.63 26.16 -18.76
N ALA E 145 -16.22 26.01 -17.59
CA ALA E 145 -15.58 26.45 -16.34
C ALA E 145 -14.38 25.54 -16.02
N THR E 146 -14.41 24.33 -16.57
CA THR E 146 -13.27 23.41 -16.53
C THR E 146 -12.07 24.01 -17.27
N VAL E 147 -12.28 24.44 -18.50
CA VAL E 147 -11.24 25.05 -19.34
C VAL E 147 -10.65 26.30 -18.67
N ALA E 148 -11.54 27.11 -18.09
CA ALA E 148 -11.15 28.38 -17.46
C ALA E 148 -10.29 28.16 -16.22
N GLY E 149 -10.74 27.29 -15.32
CA GLY E 149 -10.03 26.97 -14.08
C GLY E 149 -8.64 26.41 -14.33
N TYR E 150 -8.49 25.71 -15.45
CA TYR E 150 -7.19 25.19 -15.90
C TYR E 150 -6.23 26.35 -16.16
N LEU E 151 -6.57 27.17 -17.16
CA LEU E 151 -5.74 28.32 -17.53
C LEU E 151 -5.55 29.28 -16.36
N ALA E 152 -6.54 29.32 -15.46
CA ALA E 152 -6.47 30.13 -14.24
C ALA E 152 -5.24 29.79 -13.41
N ALA E 153 -4.88 28.51 -13.40
CA ALA E 153 -3.69 28.05 -12.68
C ALA E 153 -2.42 28.19 -13.52
N ILE E 154 -2.56 27.99 -14.83
CA ILE E 154 -1.43 28.10 -15.76
C ILE E 154 -0.87 29.53 -15.75
N HIS E 155 -1.79 30.50 -15.86
CA HIS E 155 -1.44 31.91 -15.76
C HIS E 155 -0.84 32.22 -14.39
N ALA E 156 -1.36 31.57 -13.35
CA ALA E 156 -0.89 31.78 -11.98
C ALA E 156 0.58 31.40 -11.80
N ALA E 157 1.04 30.39 -12.51
CA ALA E 157 2.44 29.97 -12.48
C ALA E 157 3.29 30.77 -13.48
N ARG E 158 2.64 31.23 -14.54
CA ARG E 158 3.26 32.09 -15.56
C ARG E 158 3.61 33.46 -14.98
N LEU E 159 2.71 33.98 -14.15
CA LEU E 159 2.85 35.33 -13.60
C LEU E 159 3.48 35.36 -12.21
N SER E 160 3.41 34.24 -11.49
CA SER E 160 4.00 34.14 -10.15
C SER E 160 5.53 34.24 -10.20
N PRO E 161 6.09 35.14 -9.37
CA PRO E 161 7.54 35.28 -9.27
C PRO E 161 8.14 34.13 -8.46
N ARG E 162 7.31 33.14 -8.17
CA ARG E 162 7.66 32.08 -7.23
C ARG E 162 7.46 30.70 -7.84
N PHE E 163 8.30 29.77 -7.40
CA PHE E 163 8.09 28.37 -7.68
C PHE E 163 6.80 27.91 -7.02
N PHE E 164 5.92 27.34 -7.84
CA PHE E 164 4.78 26.61 -7.32
C PHE E 164 5.25 25.30 -6.69
N PRO E 165 6.21 24.61 -7.32
CA PRO E 165 6.77 23.42 -6.68
C PRO E 165 7.66 23.74 -5.49
N MET E 166 7.65 22.83 -4.51
CA MET E 166 8.68 22.80 -3.48
C MET E 166 9.96 22.38 -4.17
N LEU E 167 10.82 23.36 -4.46
CA LEU E 167 12.04 23.10 -5.21
C LEU E 167 13.24 22.86 -4.28
N THR E 168 13.76 21.64 -4.34
CA THR E 168 14.90 21.24 -3.55
C THR E 168 16.10 20.91 -4.45
N THR E 169 17.20 21.63 -4.23
CA THR E 169 18.45 21.42 -4.95
C THR E 169 19.61 21.61 -4.00
N ALA E 170 20.83 21.38 -4.49
CA ALA E 170 22.05 21.58 -3.71
C ALA E 170 22.29 23.07 -3.39
N ALA E 171 21.45 23.93 -3.94
CA ALA E 171 21.53 25.37 -3.75
C ALA E 171 20.79 25.83 -2.48
N GLY E 172 19.61 25.28 -2.26
CA GLY E 172 18.81 25.63 -1.09
C GLY E 172 17.39 25.09 -1.14
N THR E 173 16.64 25.32 -0.07
CA THR E 173 15.27 24.83 0.02
C THR E 173 14.26 25.94 -0.26
N ILE E 174 13.54 25.75 -1.36
CA ILE E 174 12.47 26.65 -1.73
C ILE E 174 11.14 26.01 -1.33
N ARG E 175 10.39 26.70 -0.50
CA ARG E 175 9.06 26.26 -0.12
C ARG E 175 8.09 26.44 -1.28
N PRO E 176 7.06 25.58 -1.38
CA PRO E 176 6.07 25.73 -2.46
C PRO E 176 5.20 26.96 -2.21
N ALA E 177 4.79 27.62 -3.29
CA ALA E 177 3.92 28.78 -3.20
C ALA E 177 2.55 28.39 -2.62
N LYS E 178 2.03 29.23 -1.74
CA LYS E 178 0.72 28.99 -1.12
C LYS E 178 -0.40 29.67 -1.91
N VAL E 179 -1.32 28.86 -2.44
CA VAL E 179 -2.41 29.35 -3.30
C VAL E 179 -3.76 29.21 -2.60
N MET E 180 -4.60 30.24 -2.72
CA MET E 180 -5.94 30.19 -2.14
C MET E 180 -7.05 30.37 -3.19
N VAL E 181 -7.87 29.33 -3.33
CA VAL E 181 -9.04 29.36 -4.21
C VAL E 181 -10.26 29.80 -3.43
N MET E 182 -10.72 31.00 -3.75
CA MET E 182 -11.77 31.68 -2.98
C MET E 182 -13.07 31.63 -3.77
N GLY E 183 -13.93 30.71 -3.38
CA GLY E 183 -15.05 30.30 -4.21
C GLY E 183 -14.66 28.99 -4.85
N VAL E 184 -15.34 27.92 -4.44
CA VAL E 184 -15.02 26.58 -4.94
C VAL E 184 -16.18 26.02 -5.75
N GLY E 185 -16.09 26.18 -7.07
CA GLY E 185 -17.07 25.63 -8.02
C GLY E 185 -16.38 24.90 -9.16
N VAL E 186 -17.04 24.85 -10.32
CA VAL E 186 -16.52 24.10 -11.47
C VAL E 186 -15.14 24.58 -11.90
N ALA E 187 -14.96 25.90 -11.90
CA ALA E 187 -13.67 26.52 -12.18
C ALA E 187 -12.73 26.39 -10.98
N GLY E 188 -13.29 26.55 -9.77
CA GLY E 188 -12.53 26.50 -8.53
C GLY E 188 -11.79 25.18 -8.34
N LEU E 189 -12.53 24.08 -8.35
CA LEU E 189 -11.97 22.73 -8.23
C LEU E 189 -10.92 22.49 -9.31
N MET E 190 -11.20 23.00 -10.51
CA MET E 190 -10.29 22.90 -11.62
C MET E 190 -8.99 23.64 -11.34
N ALA E 191 -9.12 24.82 -10.75
CA ALA E 191 -7.96 25.63 -10.37
C ALA E 191 -7.17 24.98 -9.23
N ILE E 192 -7.89 24.44 -8.25
CA ILE E 192 -7.29 23.78 -7.09
C ILE E 192 -6.39 22.63 -7.53
N ALA E 193 -6.93 21.79 -8.42
CA ALA E 193 -6.24 20.61 -8.91
C ALA E 193 -4.89 20.94 -9.57
N THR E 194 -4.92 21.79 -10.59
CA THR E 194 -3.73 22.12 -11.36
C THR E 194 -2.64 22.78 -10.49
N ALA E 195 -3.08 23.47 -9.43
CA ALA E 195 -2.17 24.11 -8.48
C ALA E 195 -1.35 23.08 -7.70
N LYS E 196 -1.96 21.94 -7.37
CA LYS E 196 -1.25 20.83 -6.71
C LYS E 196 -0.45 20.01 -7.71
N ARG E 197 -0.87 19.99 -8.97
CA ARG E 197 -0.10 19.35 -10.05
C ARG E 197 1.32 19.90 -10.05
N LEU E 198 1.43 21.22 -9.93
CA LEU E 198 2.71 21.92 -9.95
C LEU E 198 3.50 21.80 -8.65
N GLY E 199 2.81 21.51 -7.54
CA GLY E 199 3.46 21.27 -6.26
C GLY E 199 3.11 22.25 -5.16
N ALA E 200 2.26 23.22 -5.49
CA ALA E 200 1.83 24.25 -4.55
C ALA E 200 0.99 23.68 -3.42
N GLN E 201 1.20 24.19 -2.20
CA GLN E 201 0.34 23.88 -1.08
C GLN E 201 -0.88 24.80 -1.18
N VAL E 202 -2.05 24.19 -1.38
CA VAL E 202 -3.26 24.95 -1.76
C VAL E 202 -4.31 25.03 -0.64
N PHE E 203 -5.09 26.11 -0.65
CA PHE E 203 -6.19 26.34 0.29
C PHE E 203 -7.47 26.60 -0.54
N ALA E 204 -8.63 26.24 0.01
CA ALA E 204 -9.90 26.40 -0.71
C ALA E 204 -10.99 27.03 0.13
N TYR E 205 -11.40 28.25 -0.24
CA TYR E 205 -12.46 28.97 0.47
C TYR E 205 -13.81 28.85 -0.21
N ASP E 206 -14.83 28.56 0.61
CA ASP E 206 -16.21 28.51 0.17
C ASP E 206 -17.12 28.61 1.40
N VAL E 207 -18.41 28.43 1.18
CA VAL E 207 -19.38 28.47 2.28
C VAL E 207 -20.15 27.15 2.40
N ARG E 208 -20.37 26.50 1.27
CA ARG E 208 -21.07 25.22 1.21
C ARG E 208 -20.20 24.11 1.81
N LYS E 209 -20.73 23.41 2.79
CA LYS E 209 -20.01 22.30 3.45
C LYS E 209 -19.83 21.11 2.51
N ALA E 210 -20.60 21.09 1.43
CA ALA E 210 -20.45 20.09 0.38
C ALA E 210 -19.30 20.46 -0.56
N ALA E 211 -19.10 21.75 -0.78
CA ALA E 211 -17.98 22.25 -1.59
C ALA E 211 -16.64 22.09 -0.84
N LEU E 212 -16.67 22.26 0.48
CA LEU E 212 -15.50 22.06 1.34
C LEU E 212 -15.05 20.60 1.42
N GLU E 213 -15.98 19.68 1.12
CA GLU E 213 -15.68 18.25 1.00
C GLU E 213 -15.11 17.92 -0.38
N GLN E 214 -15.68 18.56 -1.40
CA GLN E 214 -15.20 18.45 -2.78
C GLN E 214 -13.74 18.89 -2.88
N ALA E 215 -13.33 19.83 -2.03
CA ALA E 215 -11.98 20.38 -2.02
C ALA E 215 -10.92 19.39 -1.53
N LEU E 216 -11.15 18.82 -0.35
CA LEU E 216 -10.19 17.90 0.29
C LEU E 216 -10.00 16.59 -0.49
N SER E 217 -10.94 16.30 -1.39
CA SER E 217 -10.88 15.11 -2.23
C SER E 217 -9.70 15.13 -3.21
N LEU E 218 -9.22 16.33 -3.54
CA LEU E 218 -8.06 16.49 -4.40
C LEU E 218 -6.77 16.50 -3.59
N GLY E 219 -6.86 17.03 -2.37
CA GLY E 219 -5.73 17.09 -1.44
C GLY E 219 -5.51 18.44 -0.80
N ALA E 220 -6.58 19.23 -0.68
CA ALA E 220 -6.52 20.59 -0.16
C ALA E 220 -7.09 20.74 1.24
N LYS E 221 -6.51 21.65 2.03
CA LYS E 221 -7.06 21.99 3.33
C LYS E 221 -8.13 23.07 3.17
N PRO E 222 -9.38 22.75 3.52
CA PRO E 222 -10.52 23.66 3.34
C PRO E 222 -10.52 24.76 4.39
N ILE E 223 -10.91 25.98 3.98
CA ILE E 223 -10.92 27.13 4.88
C ILE E 223 -12.22 27.19 5.70
N GLU E 224 -12.13 26.76 6.95
CA GLU E 224 -13.21 26.93 7.92
C GLU E 224 -12.87 28.01 8.93
N LEU E 225 -13.58 29.13 8.85
CA LEU E 225 -13.39 30.27 9.73
C LEU E 225 -14.02 29.98 11.12
N PRO E 226 -13.85 30.89 12.11
CA PRO E 226 -14.56 30.71 13.39
C PRO E 226 -16.09 30.60 13.26
N ILE E 227 -16.59 30.97 12.08
CA ILE E 227 -18.04 31.02 11.77
C ILE E 227 -18.33 30.24 10.47
N SER E 228 -18.64 28.94 10.60
CA SER E 228 -19.03 28.14 9.43
C SER E 228 -20.37 28.65 8.93
N ALA E 229 -20.38 29.12 7.69
CA ALA E 229 -21.54 29.84 7.16
C ALA E 229 -22.68 28.93 6.69
N GLU E 230 -22.54 27.62 6.91
CA GLU E 230 -23.55 26.65 6.47
C GLU E 230 -23.66 25.46 7.42
N GLY E 231 -24.80 24.76 7.39
CA GLY E 231 -25.06 23.64 8.31
C GLY E 231 -25.93 22.49 7.83
N GLU E 232 -27.20 22.49 8.23
CA GLU E 232 -28.10 21.34 8.00
C GLU E 232 -29.35 21.65 7.16
N GLY E 233 -29.38 21.11 5.95
CA GLY E 233 -30.49 21.31 5.02
C GLY E 233 -30.05 21.78 3.64
N GLY E 234 -29.25 22.85 3.61
CA GLY E 234 -28.70 23.41 2.37
C GLY E 234 -28.53 24.93 2.37
N TYR E 235 -29.01 25.57 3.44
CA TYR E 235 -29.07 27.04 3.50
C TYR E 235 -27.83 27.66 4.16
N ALA E 236 -27.28 28.69 3.51
CA ALA E 236 -26.15 29.44 4.04
C ALA E 236 -26.61 30.48 5.07
N ARG E 237 -25.68 30.96 5.91
CA ARG E 237 -26.00 31.90 7.00
C ARG E 237 -26.18 33.37 6.57
N GLU E 238 -27.05 34.07 7.29
CA GLU E 238 -27.30 35.49 7.08
C GLU E 238 -26.73 36.30 8.23
N LEU E 239 -25.44 36.61 8.11
CA LEU E 239 -24.68 37.31 9.16
C LEU E 239 -25.29 38.68 9.48
N THR E 240 -25.38 38.99 10.78
CA THR E 240 -25.82 40.33 11.25
C THR E 240 -24.64 41.30 11.33
N GLU E 241 -24.55 42.11 12.40
CA GLU E 241 -23.46 43.06 12.59
C GLU E 241 -22.34 42.57 13.54
N GLU E 242 -22.51 41.37 14.08
CA GLU E 242 -21.56 40.76 15.04
C GLU E 242 -20.78 39.56 14.44
N GLU E 243 -20.93 39.35 13.13
CA GLU E 243 -20.37 38.14 12.46
C GLU E 243 -19.75 38.30 11.05
N LYS E 244 -20.27 39.20 10.21
CA LYS E 244 -19.71 39.40 8.87
C LYS E 244 -18.38 40.16 8.90
N ARG E 245 -17.99 40.58 10.12
CA ARG E 245 -16.70 41.21 10.40
C ARG E 245 -15.62 40.17 10.71
N ILE E 246 -15.95 39.15 11.53
CA ILE E 246 -15.01 38.06 11.84
C ILE E 246 -14.83 37.15 10.61
N GLN E 247 -15.89 37.03 9.80
CA GLN E 247 -15.83 36.39 8.49
C GLN E 247 -14.86 37.15 7.59
N HIS E 248 -14.83 38.47 7.79
CA HIS E 248 -13.97 39.37 7.06
C HIS E 248 -12.54 39.42 7.65
N GLU E 249 -12.43 39.51 8.99
CA GLU E 249 -11.13 39.64 9.70
C GLU E 249 -10.23 38.42 9.61
N ALA E 250 -10.78 37.26 9.96
CA ALA E 250 -10.06 35.99 9.81
C ALA E 250 -9.88 35.68 8.33
N LEU E 251 -10.78 36.21 7.50
CA LEU E 251 -10.68 36.13 6.05
C LEU E 251 -9.64 37.11 5.50
N ARG E 252 -9.26 38.10 6.31
CA ARG E 252 -8.25 39.08 5.93
C ARG E 252 -6.86 38.63 6.39
N ASP E 253 -6.80 37.92 7.51
CA ASP E 253 -5.55 37.39 8.06
C ASP E 253 -5.04 36.13 7.34
N HIS E 254 -5.97 35.24 6.98
CA HIS E 254 -5.63 34.02 6.21
C HIS E 254 -5.16 34.36 4.79
N VAL E 255 -5.82 35.35 4.16
CA VAL E 255 -5.45 35.81 2.82
C VAL E 255 -4.10 36.55 2.82
N ALA E 256 -3.79 37.21 3.94
CA ALA E 256 -2.55 37.97 4.10
C ALA E 256 -1.28 37.16 3.84
N GLY E 257 -1.27 35.92 4.33
CA GLY E 257 -0.16 35.00 4.10
C GLY E 257 -0.38 34.10 2.90
N MET E 258 -0.71 34.69 1.76
CA MET E 258 -0.92 33.95 0.51
C MET E 258 -0.17 34.59 -0.66
N ASP E 259 0.35 33.74 -1.55
CA ASP E 259 1.09 34.20 -2.75
C ASP E 259 0.21 34.32 -3.98
N VAL E 260 -0.81 33.46 -4.07
CA VAL E 260 -1.76 33.49 -5.20
C VAL E 260 -3.18 33.33 -4.67
N LEU E 261 -4.04 34.26 -5.04
CA LEU E 261 -5.45 34.16 -4.70
C LEU E 261 -6.26 34.04 -5.97
N ILE E 262 -6.75 32.83 -6.23
CA ILE E 262 -7.59 32.59 -7.38
C ILE E 262 -9.05 32.64 -6.91
N THR E 263 -9.85 33.48 -7.56
CA THR E 263 -11.22 33.78 -7.10
C THR E 263 -12.27 33.52 -8.19
N THR E 264 -13.30 32.74 -7.85
CA THR E 264 -14.28 32.25 -8.85
C THR E 264 -15.77 32.40 -8.46
N ALA E 265 -16.08 33.28 -7.51
CA ALA E 265 -17.44 33.44 -7.00
C ALA E 265 -18.39 34.20 -7.94
N GLN E 266 -19.40 33.50 -8.47
CA GLN E 266 -20.39 34.09 -9.40
C GLN E 266 -21.85 33.74 -9.06
N VAL E 267 -22.79 34.48 -9.64
CA VAL E 267 -24.23 34.29 -9.44
C VAL E 267 -24.98 34.49 -10.78
N PRO E 268 -26.00 33.65 -11.08
CA PRO E 268 -26.71 33.76 -12.39
C PRO E 268 -27.83 34.80 -12.44
N GLY E 269 -27.46 36.08 -12.37
CA GLY E 269 -28.41 37.19 -12.45
C GLY E 269 -27.94 38.49 -11.78
N ARG E 270 -26.80 38.41 -11.09
CA ARG E 270 -26.23 39.52 -10.33
C ARG E 270 -24.74 39.73 -10.59
N ARG E 271 -24.26 40.95 -10.36
CA ARG E 271 -22.83 41.26 -10.48
C ARG E 271 -22.05 40.62 -9.35
N ALA E 272 -20.88 40.08 -9.69
CA ALA E 272 -20.06 39.30 -8.76
C ALA E 272 -19.92 39.94 -7.38
N PRO E 273 -20.23 39.16 -6.32
CA PRO E 273 -20.01 39.57 -4.93
C PRO E 273 -18.51 39.61 -4.58
N ILE E 274 -18.13 40.58 -3.75
CA ILE E 274 -16.72 40.87 -3.45
C ILE E 274 -16.15 40.02 -2.32
N LEU E 275 -15.09 39.27 -2.62
CA LEU E 275 -14.39 38.49 -1.60
C LEU E 275 -13.12 39.19 -1.11
N LEU E 276 -12.47 39.93 -2.02
CA LEU E 276 -11.24 40.66 -1.70
C LEU E 276 -11.45 42.16 -1.64
N THR E 277 -11.59 42.69 -0.43
CA THR E 277 -11.83 44.11 -0.23
C THR E 277 -10.53 44.92 -0.27
N GLU E 278 -10.68 46.24 -0.36
CA GLU E 278 -9.57 47.20 -0.31
C GLU E 278 -8.58 46.88 0.82
N ASP E 279 -9.11 46.66 2.03
CA ASP E 279 -8.30 46.39 3.22
C ASP E 279 -7.66 45.01 3.23
N MET E 280 -8.36 44.03 2.65
CA MET E 280 -7.79 42.70 2.42
C MET E 280 -6.70 42.77 1.37
N VAL E 281 -6.92 43.65 0.38
CA VAL E 281 -5.96 43.94 -0.67
C VAL E 281 -4.69 44.59 -0.11
N GLU E 282 -4.85 45.55 0.78
CA GLU E 282 -3.73 46.30 1.36
C GLU E 282 -2.84 45.44 2.25
N ARG E 283 -3.44 44.48 2.93
CA ARG E 283 -2.71 43.58 3.82
C ARG E 283 -2.01 42.44 3.06
N LEU E 284 -2.18 42.42 1.75
CA LEU E 284 -1.47 41.47 0.91
C LEU E 284 -0.02 41.90 0.75
N LYS E 285 0.88 40.92 0.81
CA LYS E 285 2.29 41.15 0.56
C LYS E 285 2.50 41.41 -0.93
N PRO E 286 3.55 42.19 -1.27
CA PRO E 286 3.99 42.29 -2.67
C PRO E 286 4.59 40.98 -3.19
N GLY E 287 4.33 40.66 -4.45
CA GLY E 287 4.72 39.38 -5.04
C GLY E 287 3.55 38.41 -5.09
N THR E 288 2.45 38.83 -4.46
CA THR E 288 1.20 38.09 -4.43
C THR E 288 0.47 38.23 -5.77
N VAL E 289 -0.13 37.13 -6.21
CA VAL E 289 -0.85 37.07 -7.47
C VAL E 289 -2.34 36.95 -7.21
N VAL E 290 -3.12 37.90 -7.74
CA VAL E 290 -4.57 37.85 -7.62
C VAL E 290 -5.20 37.48 -8.96
N VAL E 291 -5.81 36.29 -9.00
CA VAL E 291 -6.46 35.78 -10.21
C VAL E 291 -7.99 35.90 -10.06
N ASP E 292 -8.64 36.49 -11.06
CA ASP E 292 -10.06 36.84 -10.97
C ASP E 292 -10.87 36.46 -12.22
N LEU E 293 -11.43 35.25 -12.21
CA LEU E 293 -12.22 34.74 -13.32
C LEU E 293 -13.62 35.36 -13.33
N ALA E 294 -14.02 35.91 -12.18
CA ALA E 294 -15.34 36.53 -12.02
C ALA E 294 -15.44 37.89 -12.70
N ALA E 295 -14.40 38.24 -13.48
CA ALA E 295 -14.33 39.51 -14.17
C ALA E 295 -15.30 39.66 -15.35
N GLU E 296 -15.77 38.54 -15.89
CA GLU E 296 -16.72 38.54 -17.02
C GLU E 296 -18.12 39.05 -16.62
N SER E 297 -18.34 39.22 -15.32
CA SER E 297 -19.61 39.70 -14.78
C SER E 297 -19.43 40.60 -13.55
N GLY E 298 -18.18 40.86 -13.15
CA GLY E 298 -17.90 41.73 -12.01
C GLY E 298 -16.46 41.71 -11.53
N GLY E 299 -16.07 40.64 -10.85
CA GLY E 299 -14.73 40.50 -10.31
C GLY E 299 -14.72 40.48 -8.79
N ASN E 300 -14.08 39.46 -8.22
CA ASN E 300 -14.02 39.28 -6.76
C ASN E 300 -13.11 40.26 -6.03
N CYS E 301 -12.10 40.78 -6.74
CA CYS E 301 -11.16 41.73 -6.16
C CYS E 301 -11.52 43.15 -6.54
N VAL E 302 -11.40 44.06 -5.59
CA VAL E 302 -11.79 45.47 -5.74
C VAL E 302 -11.07 46.20 -6.88
N LEU E 303 -9.81 45.84 -7.09
CA LEU E 303 -8.94 46.58 -8.02
C LEU E 303 -8.94 45.99 -9.44
N THR E 304 -9.73 44.94 -9.66
CA THR E 304 -9.81 44.28 -10.96
C THR E 304 -10.44 45.19 -12.01
N LYS E 305 -9.70 45.44 -13.09
CA LYS E 305 -10.24 46.10 -14.28
C LYS E 305 -10.28 45.08 -15.43
N PRO E 306 -11.40 45.04 -16.18
CA PRO E 306 -11.69 43.98 -17.16
C PRO E 306 -10.73 43.90 -18.35
N GLY E 307 -10.05 42.76 -18.48
CA GLY E 307 -9.18 42.48 -19.63
C GLY E 307 -7.80 43.12 -19.61
N GLU E 308 -7.43 43.72 -18.47
CA GLU E 308 -6.13 44.39 -18.31
C GLU E 308 -5.37 43.93 -17.05
N VAL E 309 -4.04 43.84 -17.15
CA VAL E 309 -3.16 43.44 -16.03
C VAL E 309 -2.64 44.67 -15.31
N VAL E 310 -2.89 44.74 -14.00
CA VAL E 310 -2.52 45.91 -13.21
C VAL E 310 -1.64 45.57 -11.99
N GLU E 311 -0.87 46.56 -11.54
CA GLU E 311 0.01 46.42 -10.37
C GLU E 311 -0.05 47.66 -9.47
N VAL E 312 -0.33 47.46 -8.18
CA VAL E 312 -0.30 48.53 -7.16
C VAL E 312 0.13 47.99 -5.80
N ARG E 313 1.06 48.70 -5.15
CA ARG E 313 1.78 48.20 -3.96
C ARG E 313 2.46 46.85 -4.22
N GLY E 314 2.70 46.54 -5.49
CA GLY E 314 3.37 45.31 -5.89
C GLY E 314 2.46 44.16 -6.26
N VAL E 315 1.21 44.20 -5.80
CA VAL E 315 0.25 43.11 -6.01
C VAL E 315 -0.30 43.14 -7.44
N ARG E 316 -0.14 42.03 -8.15
CA ARG E 316 -0.61 41.90 -9.52
C ARG E 316 -2.00 41.29 -9.57
N VAL E 317 -2.92 41.98 -10.24
CA VAL E 317 -4.31 41.54 -10.36
C VAL E 317 -4.72 41.39 -11.83
N TYR E 318 -5.21 40.21 -12.18
CA TYR E 318 -5.56 39.86 -13.55
C TYR E 318 -7.04 39.47 -13.64
N GLY E 319 -7.74 39.99 -14.65
CA GLY E 319 -9.15 39.68 -14.86
C GLY E 319 -9.49 39.34 -16.31
N PRO E 320 -9.59 38.03 -16.62
CA PRO E 320 -9.90 37.56 -17.98
C PRO E 320 -11.37 37.25 -18.25
N LEU E 321 -11.91 37.83 -19.33
CA LEU E 321 -13.31 37.63 -19.76
C LEU E 321 -13.55 36.25 -20.37
N ASN E 322 -12.72 35.90 -21.36
CA ASN E 322 -12.92 34.66 -22.10
C ASN E 322 -11.69 33.77 -22.11
N LEU E 323 -11.65 32.84 -21.15
CA LEU E 323 -10.60 31.84 -21.05
C LEU E 323 -10.76 30.72 -22.08
N PRO E 324 -12.02 30.27 -22.33
CA PRO E 324 -12.22 29.22 -23.33
C PRO E 324 -11.74 29.63 -24.71
N SER E 325 -11.62 30.94 -24.93
CA SER E 325 -11.08 31.48 -26.18
C SER E 325 -9.59 31.21 -26.35
N GLU E 326 -8.85 31.24 -25.25
CA GLU E 326 -7.39 31.02 -25.28
C GLU E 326 -7.05 29.54 -25.44
N LEU E 327 -7.91 28.68 -24.90
CA LEU E 327 -7.80 27.24 -25.08
C LEU E 327 -8.94 26.82 -26.00
N SER E 328 -9.02 27.50 -27.14
CA SER E 328 -10.15 27.41 -28.07
C SER E 328 -10.35 26.05 -28.72
N VAL E 329 -9.28 25.28 -28.88
CA VAL E 329 -9.33 24.00 -29.58
C VAL E 329 -10.18 22.97 -28.82
N HIS E 330 -9.81 22.71 -27.57
CA HIS E 330 -10.52 21.71 -26.76
C HIS E 330 -11.86 22.20 -26.23
N ALA E 331 -11.94 23.50 -25.92
CA ALA E 331 -13.16 24.12 -25.40
C ALA E 331 -14.34 24.00 -26.37
N SER E 332 -14.06 24.29 -27.64
CA SER E 332 -15.05 24.16 -28.71
C SER E 332 -15.47 22.70 -28.89
N GLU E 333 -14.48 21.81 -28.85
CA GLU E 333 -14.70 20.37 -28.97
C GLU E 333 -15.59 19.86 -27.84
N MET E 334 -15.38 20.37 -26.63
CA MET E 334 -16.19 20.02 -25.47
C MET E 334 -17.58 20.66 -25.55
N TYR E 335 -17.67 21.79 -26.26
CA TYR E 335 -18.92 22.50 -26.42
C TYR E 335 -19.82 21.89 -27.49
N ALA E 336 -19.21 21.30 -28.52
CA ALA E 336 -19.94 20.73 -29.65
C ALA E 336 -20.69 19.44 -29.30
N LYS E 337 -20.07 18.60 -28.47
CA LYS E 337 -20.70 17.37 -27.98
C LYS E 337 -21.79 17.66 -26.96
N ASN E 338 -21.64 18.75 -26.21
CA ASN E 338 -22.70 19.25 -25.32
C ASN E 338 -23.97 19.53 -26.11
N LEU E 339 -23.77 20.08 -27.31
CA LEU E 339 -24.86 20.30 -28.25
C LEU E 339 -25.30 19.00 -28.91
N TYR E 340 -24.35 18.08 -29.12
CA TYR E 340 -24.64 16.80 -29.77
C TYR E 340 -25.49 15.87 -28.90
N ASN E 341 -25.15 15.79 -27.62
CA ASN E 341 -25.98 15.05 -26.67
C ASN E 341 -27.28 15.80 -26.39
N LEU E 342 -27.29 17.10 -26.69
CA LEU E 342 -28.49 17.93 -26.63
C LEU E 342 -29.25 17.88 -27.95
N SER E 343 -28.58 17.41 -29.00
CA SER E 343 -29.22 17.16 -30.29
C SER E 343 -30.06 15.88 -30.19
N SER E 344 -29.85 15.14 -29.10
CA SER E 344 -30.66 13.99 -28.75
C SER E 344 -32.03 14.43 -28.20
N LEU E 345 -32.28 15.74 -28.21
CA LEU E 345 -33.52 16.34 -27.71
C LEU E 345 -34.18 17.28 -28.73
N LEU E 346 -33.61 17.35 -29.93
CA LEU E 346 -34.09 18.24 -30.98
C LEU E 346 -34.10 17.55 -32.36
N ILE E 347 -33.10 16.69 -32.59
CA ILE E 347 -32.97 15.93 -33.83
C ILE E 347 -33.41 14.48 -33.65
N GLU E 348 -34.23 13.99 -34.58
CA GLU E 348 -34.73 12.62 -34.54
C GLU E 348 -34.49 11.91 -35.87
N LYS E 349 -33.46 11.06 -35.90
CA LYS E 349 -33.05 10.31 -37.10
C LYS E 349 -32.79 11.22 -38.31
N GLY E 350 -32.31 12.43 -38.05
CA GLY E 350 -32.11 13.43 -39.09
C GLY E 350 -33.40 14.08 -39.53
N ALA E 351 -34.33 14.26 -38.58
CA ALA E 351 -35.59 14.95 -38.83
C ALA E 351 -35.96 15.86 -37.66
N PHE E 352 -36.42 17.06 -37.99
CA PHE E 352 -36.76 18.12 -37.04
C PHE E 352 -37.87 17.71 -36.06
N ALA E 353 -37.48 17.07 -34.96
CA ALA E 353 -38.43 16.66 -33.93
C ALA E 353 -38.07 17.24 -32.56
N PRO E 354 -38.57 18.46 -32.28
CA PRO E 354 -38.35 19.12 -31.00
C PRO E 354 -39.19 18.47 -29.90
N LYS E 355 -38.73 18.57 -28.67
CA LYS E 355 -39.40 17.93 -27.54
C LYS E 355 -39.75 18.93 -26.43
N TRP E 356 -40.96 19.51 -26.54
CA TRP E 356 -41.46 20.55 -25.63
C TRP E 356 -41.88 19.96 -24.28
N GLU E 357 -42.07 18.65 -24.26
CA GLU E 357 -42.45 17.90 -23.08
C GLU E 357 -41.28 17.71 -22.10
N ASP E 358 -40.05 17.68 -22.64
CA ASP E 358 -38.83 17.33 -21.90
C ASP E 358 -38.56 18.22 -20.67
N GLU E 359 -37.92 17.62 -19.65
CA GLU E 359 -37.59 18.33 -18.40
C GLU E 359 -36.27 19.10 -18.45
N ILE E 360 -35.41 18.76 -19.41
CA ILE E 360 -34.21 19.55 -19.67
C ILE E 360 -34.62 20.76 -20.51
N VAL E 361 -35.45 20.51 -21.52
CA VAL E 361 -35.95 21.57 -22.41
C VAL E 361 -36.86 22.55 -21.67
N ARG E 362 -37.92 22.04 -21.03
CA ARG E 362 -38.84 22.88 -20.24
C ARG E 362 -38.14 23.56 -19.05
N ALA E 363 -37.06 22.93 -18.56
CA ALA E 363 -36.24 23.53 -17.51
C ALA E 363 -34.96 24.16 -18.04
N ALA E 364 -35.01 24.69 -19.27
CA ALA E 364 -33.91 25.47 -19.84
C ALA E 364 -34.38 26.41 -20.96
N LEU E 365 -35.58 26.15 -21.48
CA LEU E 365 -36.19 26.94 -22.56
C LEU E 365 -36.42 28.38 -22.12
N LEU E 366 -35.70 29.32 -22.75
CA LEU E 366 -35.81 30.73 -22.41
C LEU E 366 -37.10 31.34 -22.96
N MET E 367 -37.47 30.93 -24.18
CA MET E 367 -38.67 31.43 -24.82
C MET E 367 -39.35 30.40 -25.72
N LYS E 368 -40.62 30.65 -26.03
CA LYS E 368 -41.37 29.86 -26.99
C LYS E 368 -42.04 30.78 -28.02
N GLU E 369 -41.25 31.24 -29.00
CA GLU E 369 -41.68 32.16 -30.05
C GLU E 369 -42.20 33.50 -29.51
N GLY E 370 -41.27 34.32 -29.02
CA GLY E 370 -41.60 35.61 -28.41
C GLY E 370 -42.39 35.46 -27.14
N GLU E 371 -41.94 34.54 -26.28
CA GLU E 371 -42.66 34.18 -25.07
C GLU E 371 -41.68 33.69 -24.01
N VAL E 372 -41.24 34.61 -23.15
CA VAL E 372 -40.22 34.31 -22.13
C VAL E 372 -40.77 33.44 -21.00
N LEU E 373 -40.41 32.16 -21.03
CA LEU E 373 -40.81 31.22 -19.98
C LEU E 373 -40.01 31.44 -18.69
N HIS E 374 -38.69 31.56 -18.83
CA HIS E 374 -37.80 31.78 -17.70
C HIS E 374 -38.27 32.99 -16.91
N GLY E 375 -38.81 32.72 -15.73
CA GLY E 375 -39.29 33.74 -14.81
C GLY E 375 -38.29 34.85 -14.52
N PRO E 376 -37.00 34.49 -14.29
CA PRO E 376 -35.93 35.49 -14.12
C PRO E 376 -35.65 36.32 -15.38
N THR E 377 -35.78 35.70 -16.56
CA THR E 377 -35.63 36.41 -17.82
C THR E 377 -36.90 37.22 -18.11
N LYS E 378 -38.02 36.74 -17.57
CA LYS E 378 -39.26 37.52 -17.52
C LYS E 378 -39.08 38.65 -16.50
N ALA E 379 -38.25 38.40 -15.48
CA ALA E 379 -38.01 39.35 -14.39
C ALA E 379 -37.18 40.57 -14.82
N LEU E 380 -36.10 40.36 -15.55
CA LEU E 380 -35.21 41.45 -15.95
C LEU E 380 -35.81 42.43 -16.99
N LEU E 381 -36.91 42.04 -17.62
CA LEU E 381 -37.60 42.92 -18.56
C LEU E 381 -38.94 43.42 -18.01
N MET F 10 38.33 41.99 9.07
CA MET F 10 36.95 42.55 9.01
C MET F 10 36.60 43.03 7.59
N VAL F 11 35.79 42.23 6.89
CA VAL F 11 35.56 42.37 5.45
C VAL F 11 34.23 43.07 5.09
N THR F 12 34.20 43.71 3.91
CA THR F 12 33.04 44.45 3.43
C THR F 12 32.55 43.95 2.05
N VAL F 13 31.28 43.54 2.00
CA VAL F 13 30.64 43.08 0.77
C VAL F 13 29.69 44.13 0.24
N ALA F 14 29.72 44.37 -1.07
CA ALA F 14 28.84 45.35 -1.71
C ALA F 14 27.87 44.70 -2.71
N VAL F 15 26.62 45.15 -2.70
CA VAL F 15 25.59 44.64 -3.61
C VAL F 15 25.06 45.80 -4.48
N PRO F 16 25.27 45.72 -5.81
CA PRO F 16 24.81 46.76 -6.71
C PRO F 16 23.43 46.47 -7.31
N LYS F 17 22.76 47.51 -7.78
CA LYS F 17 21.52 47.35 -8.54
C LYS F 17 21.86 46.99 -9.99
N GLU F 18 21.24 45.94 -10.51
CA GLU F 18 21.47 45.50 -11.88
C GLU F 18 20.67 46.36 -12.86
N ARG F 19 21.38 46.91 -13.85
CA ARG F 19 20.80 47.95 -14.72
C ARG F 19 20.78 47.57 -16.20
N ALA F 20 20.96 46.28 -16.51
CA ALA F 20 20.82 45.76 -17.86
C ALA F 20 19.34 45.77 -18.29
N PRO F 21 19.06 45.87 -19.62
CA PRO F 21 17.68 46.06 -20.11
C PRO F 21 16.70 44.92 -19.81
N GLY F 22 16.05 44.99 -18.65
CA GLY F 22 14.97 44.06 -18.28
C GLY F 22 15.34 42.97 -17.28
N GLU F 23 16.03 43.35 -16.20
CA GLU F 23 16.46 42.41 -15.16
C GLU F 23 15.93 42.84 -13.77
N ARG F 24 15.56 41.84 -12.96
CA ARG F 24 15.05 42.08 -11.61
C ARG F 24 15.73 41.19 -10.55
N ARG F 25 16.75 40.45 -10.97
CA ARG F 25 17.51 39.59 -10.06
C ARG F 25 18.42 40.40 -9.15
N VAL F 26 18.27 40.21 -7.84
CA VAL F 26 19.18 40.80 -6.87
C VAL F 26 20.27 39.79 -6.49
N ALA F 27 21.49 40.28 -6.33
CA ALA F 27 22.65 39.43 -6.04
C ALA F 27 22.54 38.77 -4.66
N LEU F 28 22.31 39.58 -3.64
CA LEU F 28 22.10 39.06 -2.28
C LEU F 28 20.72 39.44 -1.76
N VAL F 29 19.93 38.43 -1.38
CA VAL F 29 18.68 38.64 -0.66
C VAL F 29 19.01 38.95 0.81
N PRO F 30 18.15 39.71 1.51
CA PRO F 30 18.45 40.13 2.90
C PRO F 30 18.69 38.95 3.83
N GLU F 31 18.05 37.82 3.54
CA GLU F 31 18.15 36.61 4.33
C GLU F 31 19.56 35.98 4.29
N VAL F 32 20.28 36.23 3.20
CA VAL F 32 21.66 35.74 3.04
C VAL F 32 22.67 36.71 3.69
N VAL F 33 22.46 38.01 3.47
CA VAL F 33 23.28 39.06 4.07
C VAL F 33 23.40 38.86 5.59
N ALA F 34 22.32 38.39 6.21
CA ALA F 34 22.29 38.11 7.65
C ALA F 34 23.25 36.99 8.07
N ARG F 35 23.43 35.99 7.21
CA ARG F 35 24.38 34.91 7.44
C ARG F 35 25.81 35.42 7.32
N LEU F 36 25.98 36.51 6.57
CA LEU F 36 27.27 37.15 6.36
C LEU F 36 27.60 38.17 7.45
N VAL F 37 26.57 38.87 7.92
CA VAL F 37 26.72 39.83 9.02
C VAL F 37 26.94 39.10 10.34
N LYS F 38 26.26 37.97 10.51
CA LYS F 38 26.55 37.05 11.61
C LYS F 38 27.80 36.23 11.28
N GLY F 39 28.13 36.16 9.98
CA GLY F 39 29.35 35.50 9.51
C GLY F 39 30.57 36.41 9.52
N GLY F 40 30.42 37.59 10.14
CA GLY F 40 31.55 38.48 10.42
C GLY F 40 31.72 39.71 9.55
N ALA F 41 30.95 39.81 8.47
CA ALA F 41 31.15 40.84 7.46
C ALA F 41 30.22 42.04 7.60
N ARG F 42 30.64 43.16 7.03
CA ARG F 42 29.78 44.31 6.79
C ARG F 42 29.32 44.27 5.34
N VAL F 43 28.03 44.47 5.10
CA VAL F 43 27.50 44.48 3.74
C VAL F 43 26.93 45.86 3.40
N ARG F 44 27.34 46.38 2.24
CA ARG F 44 26.82 47.64 1.74
C ARG F 44 25.85 47.38 0.59
N VAL F 45 24.66 47.98 0.68
CA VAL F 45 23.63 47.80 -0.34
C VAL F 45 23.14 49.17 -0.83
N GLU F 46 23.04 49.31 -2.14
CA GLU F 46 22.56 50.54 -2.77
C GLU F 46 21.07 50.77 -2.45
N ARG F 47 20.66 52.04 -2.47
CA ARG F 47 19.27 52.42 -2.19
C ARG F 47 18.31 51.90 -3.27
N GLY F 48 17.59 50.83 -2.95
CA GLY F 48 16.60 50.24 -3.84
C GLY F 48 17.17 49.22 -4.81
N ALA F 49 17.66 48.10 -4.28
CA ALA F 49 18.28 47.05 -5.09
C ALA F 49 17.39 45.83 -5.26
N GLY F 50 16.77 45.38 -4.17
CA GLY F 50 15.92 44.19 -4.19
C GLY F 50 14.45 44.45 -4.47
N GLU F 51 14.12 45.69 -4.85
CA GLU F 51 12.74 46.08 -5.13
C GLU F 51 12.22 45.47 -6.44
N GLY F 52 13.10 44.76 -7.14
CA GLY F 52 12.71 43.93 -8.28
C GLY F 52 12.36 42.53 -7.82
N ALA F 53 13.11 42.02 -6.83
CA ALA F 53 12.87 40.71 -6.24
C ALA F 53 11.98 40.81 -4.99
N TYR F 54 11.36 41.98 -4.81
CA TYR F 54 10.44 42.27 -3.71
C TYR F 54 11.07 42.21 -2.32
N HIS F 55 12.30 42.69 -2.24
CA HIS F 55 12.99 42.88 -0.96
C HIS F 55 13.19 44.39 -0.73
N PRO F 56 12.39 44.99 0.17
CA PRO F 56 12.45 46.43 0.40
C PRO F 56 13.73 46.89 1.09
N ASP F 57 13.95 48.20 1.14
CA ASP F 57 15.10 48.80 1.80
C ASP F 57 15.19 48.37 3.27
N GLU F 58 14.06 48.48 3.97
CA GLU F 58 13.98 48.15 5.40
C GLU F 58 14.26 46.69 5.73
N ALA F 59 14.08 45.81 4.74
CA ALA F 59 14.40 44.39 4.89
C ALA F 59 15.90 44.18 5.03
N TYR F 60 16.68 44.90 4.23
CA TYR F 60 18.13 44.80 4.26
C TYR F 60 18.75 45.39 5.53
N GLN F 61 18.19 46.49 5.99
CA GLN F 61 18.67 47.15 7.22
C GLN F 61 18.22 46.44 8.50
N GLU F 62 17.29 45.50 8.37
CA GLU F 62 16.88 44.64 9.49
C GLU F 62 17.86 43.49 9.71
N ALA F 63 18.63 43.17 8.67
CA ALA F 63 19.62 42.10 8.71
C ALA F 63 20.95 42.56 9.34
N GLY F 64 21.40 43.74 8.95
CA GLY F 64 22.64 44.31 9.46
C GLY F 64 23.49 44.99 8.39
N ALA F 65 22.82 45.65 7.45
CA ALA F 65 23.48 46.29 6.31
C ALA F 65 23.31 47.81 6.31
N GLU F 66 24.16 48.50 5.56
CA GLU F 66 24.10 49.96 5.46
C GLU F 66 23.57 50.40 4.09
N VAL F 67 22.38 50.99 4.08
CA VAL F 67 21.75 51.49 2.86
C VAL F 67 22.38 52.82 2.45
N VAL F 68 23.02 52.81 1.28
CA VAL F 68 23.81 53.96 0.81
C VAL F 68 23.54 54.33 -0.67
N GLU F 69 24.11 55.45 -1.10
CA GLU F 69 23.99 55.92 -2.47
C GLU F 69 24.85 55.09 -3.41
N ARG F 70 24.61 55.22 -4.72
CA ARG F 70 25.35 54.46 -5.73
C ARG F 70 26.84 54.86 -5.78
N GLY F 71 27.10 56.16 -5.67
CA GLY F 71 28.48 56.65 -5.59
C GLY F 71 29.11 56.27 -4.27
N GLU F 72 28.27 56.20 -3.23
CA GLU F 72 28.68 55.79 -1.88
C GLU F 72 28.91 54.28 -1.76
N LEU F 73 28.47 53.54 -2.78
CA LEU F 73 28.49 52.07 -2.76
C LEU F 73 29.89 51.45 -2.71
N LEU F 74 30.84 52.07 -3.40
CA LEU F 74 32.20 51.52 -3.50
C LEU F 74 33.26 52.33 -2.77
N LYS F 75 33.05 52.49 -1.46
CA LYS F 75 34.02 53.13 -0.57
C LYS F 75 34.62 52.11 0.41
N GLY F 76 35.66 51.41 -0.03
CA GLY F 76 36.38 50.46 0.83
C GLY F 76 36.02 48.99 0.63
N ALA F 77 34.93 48.75 -0.08
CA ALA F 77 34.43 47.38 -0.31
C ALA F 77 35.42 46.53 -1.09
N HIS F 78 35.62 45.29 -0.60
CA HIS F 78 36.59 44.37 -1.19
C HIS F 78 35.96 43.46 -2.24
N LEU F 79 34.77 42.94 -1.93
CA LEU F 79 34.07 42.03 -2.83
C LEU F 79 32.87 42.69 -3.47
N LEU F 80 32.67 42.44 -4.76
CA LEU F 80 31.53 42.99 -5.49
C LEU F 80 30.71 41.87 -6.12
N PHE F 81 29.48 41.70 -5.63
CA PHE F 81 28.61 40.61 -6.07
C PHE F 81 27.56 41.15 -7.04
N THR F 82 27.78 40.89 -8.32
CA THR F 82 26.87 41.32 -9.38
C THR F 82 26.05 40.13 -9.87
N VAL F 83 24.89 40.41 -10.47
CA VAL F 83 24.12 39.37 -11.18
C VAL F 83 24.60 39.33 -12.64
N GLN F 84 24.45 40.45 -13.35
CA GLN F 84 25.03 40.62 -14.69
C GLN F 84 26.29 41.48 -14.60
N PRO F 85 27.17 41.40 -15.61
CA PRO F 85 28.47 42.07 -15.51
C PRO F 85 28.33 43.54 -15.16
N PRO F 86 29.15 44.02 -14.22
CA PRO F 86 29.07 45.40 -13.73
C PRO F 86 29.21 46.42 -14.85
N PRO F 87 28.25 47.37 -14.94
CA PRO F 87 28.38 48.53 -15.80
C PRO F 87 29.63 49.33 -15.45
N GLU F 88 30.01 50.25 -16.32
CA GLU F 88 31.31 50.93 -16.20
C GLU F 88 31.35 52.06 -15.15
N ASP F 89 30.21 52.38 -14.54
CA ASP F 89 30.15 53.40 -13.47
C ASP F 89 30.52 52.83 -12.09
N LEU F 90 30.65 51.50 -12.03
CA LEU F 90 31.10 50.80 -10.84
C LEU F 90 32.51 50.22 -11.05
N ILE F 91 32.87 50.01 -12.31
CA ILE F 91 34.23 49.58 -12.68
C ILE F 91 35.25 50.66 -12.24
N GLN F 92 34.81 51.91 -12.24
CA GLN F 92 35.64 53.07 -11.89
C GLN F 92 35.64 53.47 -10.41
N ALA F 93 34.56 53.14 -9.69
CA ALA F 93 34.47 53.45 -8.26
C ALA F 93 35.09 52.35 -7.38
N LEU F 94 35.59 51.29 -8.03
CA LEU F 94 36.23 50.13 -7.38
C LEU F 94 37.46 50.45 -6.52
N GLU F 95 37.99 49.42 -5.86
CA GLU F 95 39.19 49.54 -5.03
C GLU F 95 40.27 48.56 -5.52
N PRO F 96 41.55 48.79 -5.16
CA PRO F 96 42.61 47.87 -5.61
C PRO F 96 42.53 46.50 -4.97
N GLY F 97 42.98 45.48 -5.70
CA GLY F 97 42.96 44.10 -5.23
C GLY F 97 41.56 43.55 -5.12
N ALA F 98 40.56 44.42 -5.30
CA ALA F 98 39.15 44.07 -5.18
C ALA F 98 38.74 43.08 -6.25
N ILE F 99 37.90 42.12 -5.86
CA ILE F 99 37.47 41.03 -6.73
C ILE F 99 35.94 41.01 -6.93
N VAL F 100 35.54 41.13 -8.19
CA VAL F 100 34.12 41.15 -8.57
C VAL F 100 33.60 39.73 -8.79
N VAL F 101 32.36 39.48 -8.38
CA VAL F 101 31.73 38.17 -8.54
C VAL F 101 30.37 38.32 -9.24
N GLY F 102 30.15 37.48 -10.26
CA GLY F 102 28.89 37.49 -11.00
C GLY F 102 29.08 37.23 -12.49
N PHE F 103 28.00 36.84 -13.18
CA PHE F 103 28.01 36.67 -14.65
C PHE F 103 28.79 37.82 -15.28
N VAL F 104 29.74 37.49 -16.14
CA VAL F 104 30.44 38.52 -16.91
C VAL F 104 30.08 38.39 -18.39
N GLN F 105 29.97 37.13 -18.85
CA GLN F 105 29.59 36.78 -20.23
C GLN F 105 29.95 37.81 -21.31
N PRO F 106 31.19 37.73 -21.87
CA PRO F 106 31.76 38.72 -22.79
C PRO F 106 31.13 38.78 -24.20
N HIS F 107 30.19 37.90 -24.50
CA HIS F 107 29.52 37.87 -25.82
C HIS F 107 28.42 38.92 -25.97
N LYS F 108 28.01 39.51 -24.84
CA LYS F 108 27.05 40.62 -24.81
C LYS F 108 27.65 41.87 -24.14
N ASN F 109 28.83 41.70 -23.55
CA ASN F 109 29.44 42.73 -22.70
C ASN F 109 30.93 42.99 -22.99
N LEU F 110 31.37 42.61 -24.18
CA LEU F 110 32.78 42.75 -24.63
C LEU F 110 33.44 44.06 -24.18
N GLU F 111 32.71 45.16 -24.36
CA GLU F 111 33.24 46.49 -24.09
C GLU F 111 33.26 46.82 -22.59
N LEU F 112 32.37 46.18 -21.84
CA LEU F 112 32.36 46.32 -20.37
C LEU F 112 33.42 45.39 -19.76
N VAL F 113 33.73 44.31 -20.48
CA VAL F 113 34.79 43.36 -20.13
C VAL F 113 36.16 44.02 -20.33
N ARG F 114 36.32 44.69 -21.47
CA ARG F 114 37.52 45.47 -21.78
C ARG F 114 37.67 46.66 -20.82
N ALA F 115 36.55 47.08 -20.21
CA ALA F 115 36.54 48.19 -19.26
C ALA F 115 37.06 47.78 -17.88
N LEU F 116 36.82 46.54 -17.50
CA LEU F 116 37.35 45.98 -16.26
C LEU F 116 38.83 45.64 -16.33
N GLN F 117 39.31 45.31 -17.53
CA GLN F 117 40.72 44.95 -17.74
C GLN F 117 41.62 46.17 -17.94
N ALA F 118 41.01 47.29 -18.33
CA ALA F 118 41.73 48.55 -18.48
C ALA F 118 41.93 49.22 -17.13
N LYS F 119 41.07 48.89 -16.17
CA LYS F 119 41.10 49.49 -14.82
C LYS F 119 41.99 48.73 -13.82
N LYS F 120 42.26 47.46 -14.12
CA LYS F 120 43.06 46.58 -13.24
C LYS F 120 42.31 46.17 -11.97
N ALA F 121 41.17 45.52 -12.16
CA ALA F 121 40.39 44.95 -11.07
C ALA F 121 40.31 43.44 -11.23
N THR F 122 40.36 42.74 -10.11
CA THR F 122 40.25 41.29 -10.09
C THR F 122 38.77 40.92 -10.32
N VAL F 123 38.49 39.94 -11.19
CA VAL F 123 37.11 39.54 -11.48
C VAL F 123 36.92 38.01 -11.54
N ILE F 124 35.76 37.55 -11.06
CA ILE F 124 35.36 36.15 -11.15
C ILE F 124 34.04 36.06 -11.92
N ALA F 125 34.02 35.20 -12.94
CA ALA F 125 32.83 35.01 -13.78
C ALA F 125 32.04 33.76 -13.38
N MET F 126 30.72 33.89 -13.31
CA MET F 126 29.84 32.82 -12.82
C MET F 126 29.32 31.86 -13.90
N GLU F 127 29.90 31.95 -15.09
CA GLU F 127 29.64 30.95 -16.14
C GLU F 127 30.88 30.07 -16.37
N LEU F 128 31.72 29.97 -15.34
CA LEU F 128 32.97 29.22 -15.40
C LEU F 128 33.15 28.21 -14.25
N ILE F 129 32.15 28.13 -13.36
CA ILE F 129 32.15 27.19 -12.24
C ILE F 129 32.12 25.74 -12.74
N PRO F 130 33.04 24.88 -12.23
CA PRO F 130 33.14 23.47 -12.65
C PRO F 130 31.82 22.73 -12.60
N ARG F 131 31.57 21.88 -13.61
CA ARG F 131 30.33 21.09 -13.67
C ARG F 131 30.53 19.67 -13.11
N ILE F 132 31.27 19.59 -12.00
CA ILE F 132 31.34 18.38 -11.18
C ILE F 132 30.54 18.58 -9.90
N THR F 133 30.16 17.48 -9.25
CA THR F 133 29.21 17.50 -8.12
C THR F 133 29.76 18.14 -6.84
N ARG F 134 31.05 18.49 -6.84
CA ARG F 134 31.67 19.19 -5.71
C ARG F 134 31.21 20.64 -5.66
N ALA F 135 31.09 21.26 -6.84
CA ALA F 135 30.74 22.67 -6.95
C ALA F 135 29.30 22.90 -7.42
N GLN F 136 28.39 22.05 -6.96
CA GLN F 136 26.96 22.21 -7.28
C GLN F 136 26.26 23.19 -6.34
N SER F 137 26.89 23.47 -5.20
CA SER F 137 26.38 24.43 -4.22
C SER F 137 26.78 25.89 -4.53
N MET F 138 27.56 26.07 -5.60
CA MET F 138 27.96 27.40 -6.07
C MET F 138 27.35 27.70 -7.43
N ASP F 139 27.05 26.64 -8.17
CA ASP F 139 26.67 26.72 -9.58
C ASP F 139 25.49 27.65 -9.83
N ALA F 140 25.79 28.79 -10.45
CA ALA F 140 24.79 29.80 -10.77
C ALA F 140 23.89 29.36 -11.92
N LEU F 141 24.50 29.09 -13.07
CA LEU F 141 23.75 28.69 -14.28
C LEU F 141 22.88 27.45 -14.08
N SER F 142 23.24 26.62 -13.10
CA SER F 142 22.38 25.52 -12.66
C SER F 142 21.12 26.09 -12.03
N SER F 143 21.30 26.97 -11.05
CA SER F 143 20.18 27.63 -10.37
C SER F 143 19.50 28.66 -11.27
N GLN F 144 20.09 28.92 -12.43
CA GLN F 144 19.54 29.87 -13.42
C GLN F 144 19.19 29.22 -14.76
N ALA F 145 19.18 27.88 -14.78
CA ALA F 145 18.64 27.13 -15.91
C ALA F 145 17.42 26.33 -15.47
N THR F 146 17.35 26.00 -14.17
CA THR F 146 16.17 25.34 -13.59
C THR F 146 14.99 26.32 -13.53
N VAL F 147 15.28 27.57 -13.14
CA VAL F 147 14.27 28.64 -13.04
C VAL F 147 13.66 28.98 -14.41
N ALA F 148 14.45 28.78 -15.47
CA ALA F 148 14.00 29.01 -16.83
C ALA F 148 13.21 27.83 -17.40
N GLY F 149 13.68 26.61 -17.11
CA GLY F 149 13.04 25.38 -17.61
C GLY F 149 11.67 25.12 -17.04
N TYR F 150 11.52 25.35 -15.74
CA TYR F 150 10.22 25.33 -15.07
C TYR F 150 9.26 26.29 -15.76
N LEU F 151 9.74 27.50 -16.04
CA LEU F 151 8.98 28.51 -16.80
C LEU F 151 8.85 28.18 -18.29
N ALA F 152 9.76 27.35 -18.81
CA ALA F 152 9.70 26.90 -20.20
C ALA F 152 8.47 26.04 -20.42
N ALA F 153 8.13 25.24 -19.40
CA ALA F 153 6.94 24.42 -19.41
C ALA F 153 5.67 25.23 -19.15
N ILE F 154 5.78 26.24 -18.27
CA ILE F 154 4.62 27.08 -17.92
C ILE F 154 4.13 27.91 -19.10
N HIS F 155 5.08 28.52 -19.81
CA HIS F 155 4.78 29.33 -21.00
C HIS F 155 4.29 28.48 -22.15
N ALA F 156 4.76 27.23 -22.20
CA ALA F 156 4.28 26.26 -23.18
C ALA F 156 2.79 25.97 -22.99
N ALA F 157 2.37 25.79 -21.74
CA ALA F 157 0.97 25.52 -21.41
C ALA F 157 0.11 26.77 -21.54
N ARG F 158 0.70 27.92 -21.20
CA ARG F 158 0.05 29.21 -21.26
C ARG F 158 -0.36 29.55 -22.69
N LEU F 159 0.61 29.48 -23.59
CA LEU F 159 0.39 29.78 -25.01
C LEU F 159 -0.36 28.66 -25.71
N SER F 160 -0.26 27.44 -25.18
CA SER F 160 -0.96 26.30 -25.74
C SER F 160 -2.47 26.50 -25.67
N PRO F 161 -3.15 26.29 -26.81
CA PRO F 161 -4.61 26.21 -26.82
C PRO F 161 -5.10 24.80 -26.51
N ARG F 162 -4.17 23.93 -26.09
CA ARG F 162 -4.46 22.53 -25.80
C ARG F 162 -4.28 22.20 -24.32
N PHE F 163 -4.86 21.07 -23.90
CA PHE F 163 -4.69 20.56 -22.54
C PHE F 163 -3.42 19.70 -22.43
N PHE F 164 -2.71 19.87 -21.32
CA PHE F 164 -1.54 19.07 -21.02
C PHE F 164 -1.88 17.69 -20.43
N PRO F 165 -2.75 17.65 -19.40
CA PRO F 165 -3.10 16.34 -18.84
C PRO F 165 -4.20 15.62 -19.62
N MET F 166 -4.36 14.33 -19.35
CA MET F 166 -5.49 13.56 -19.88
C MET F 166 -6.65 13.68 -18.90
N LEU F 167 -7.85 13.91 -19.44
CA LEU F 167 -9.05 14.14 -18.63
C LEU F 167 -10.27 13.45 -19.25
N THR F 168 -10.96 12.63 -18.46
CA THR F 168 -12.16 11.93 -18.90
C THR F 168 -13.40 12.59 -18.28
N THR F 169 -14.09 13.36 -19.12
CA THR F 169 -15.21 14.19 -18.68
C THR F 169 -16.52 13.74 -19.36
N ALA F 170 -17.61 14.42 -19.01
CA ALA F 170 -18.92 14.19 -19.64
C ALA F 170 -18.91 14.60 -21.12
N ALA F 171 -17.83 15.29 -21.52
CA ALA F 171 -17.66 15.75 -22.90
C ALA F 171 -16.38 15.20 -23.54
N GLY F 172 -16.31 13.88 -23.69
CA GLY F 172 -15.23 13.22 -24.42
C GLY F 172 -13.94 12.93 -23.67
N THR F 173 -13.01 12.26 -24.35
CA THR F 173 -11.71 11.90 -23.77
C THR F 173 -10.60 12.78 -24.33
N ILE F 174 -10.12 13.70 -23.50
CA ILE F 174 -9.02 14.59 -23.86
C ILE F 174 -7.70 13.83 -23.78
N ARG F 175 -6.93 13.83 -24.87
CA ARG F 175 -5.61 13.22 -24.90
C ARG F 175 -4.53 14.21 -24.41
N PRO F 176 -3.45 13.69 -23.78
CA PRO F 176 -2.42 14.58 -23.26
C PRO F 176 -1.61 15.25 -24.35
N ALA F 177 -1.19 16.49 -24.11
CA ALA F 177 -0.33 17.20 -25.05
C ALA F 177 1.02 16.49 -25.12
N LYS F 178 1.40 16.08 -26.32
CA LYS F 178 2.69 15.44 -26.55
C LYS F 178 3.79 16.50 -26.63
N VAL F 179 4.62 16.54 -25.60
CA VAL F 179 5.65 17.57 -25.44
C VAL F 179 7.03 16.98 -25.72
N MET F 180 7.84 17.70 -26.49
CA MET F 180 9.23 17.34 -26.69
C MET F 180 10.12 18.41 -26.06
N VAL F 181 11.11 17.99 -25.28
CA VAL F 181 12.07 18.92 -24.67
C VAL F 181 13.46 18.68 -25.26
N MET F 182 13.81 19.47 -26.28
CA MET F 182 15.01 19.27 -27.08
C MET F 182 16.25 19.93 -26.47
N GLY F 183 17.31 19.14 -26.33
CA GLY F 183 18.50 19.58 -25.63
C GLY F 183 18.22 19.62 -24.15
N VAL F 184 18.41 18.48 -23.48
CA VAL F 184 18.09 18.39 -22.05
C VAL F 184 19.32 18.53 -21.16
N GLY F 185 19.56 19.77 -20.76
CA GLY F 185 20.54 20.08 -19.72
C GLY F 185 19.81 20.32 -18.42
N VAL F 186 20.17 21.40 -17.73
CA VAL F 186 19.48 21.79 -16.49
C VAL F 186 18.15 22.44 -16.84
N ALA F 187 18.14 23.21 -17.91
CA ALA F 187 16.93 23.83 -18.43
C ALA F 187 15.99 22.79 -19.04
N GLY F 188 16.57 21.73 -19.60
CA GLY F 188 15.79 20.64 -20.19
C GLY F 188 15.15 19.72 -19.16
N LEU F 189 15.86 19.48 -18.05
CA LEU F 189 15.40 18.59 -16.98
C LEU F 189 14.14 19.08 -16.26
N MET F 190 14.10 20.38 -15.96
CA MET F 190 12.97 20.99 -15.26
C MET F 190 11.83 21.41 -16.21
N ALA F 191 12.10 21.36 -17.51
CA ALA F 191 11.07 21.59 -18.53
C ALA F 191 10.26 20.31 -18.79
N ILE F 192 10.85 19.16 -18.44
CA ILE F 192 10.18 17.86 -18.52
C ILE F 192 9.29 17.63 -17.30
N ALA F 193 9.90 17.71 -16.11
CA ALA F 193 9.23 17.41 -14.84
C ALA F 193 7.98 18.26 -14.60
N THR F 194 8.08 19.55 -14.90
CA THR F 194 6.95 20.47 -14.76
C THR F 194 5.85 20.15 -15.79
N ALA F 195 6.24 19.76 -17.00
CA ALA F 195 5.31 19.27 -18.01
C ALA F 195 4.72 17.92 -17.61
N LYS F 196 5.51 17.13 -16.90
CA LYS F 196 5.08 15.86 -16.34
C LYS F 196 4.11 16.10 -15.17
N ARG F 197 4.46 17.05 -14.32
CA ARG F 197 3.58 17.50 -13.22
C ARG F 197 2.19 17.83 -13.76
N LEU F 198 2.16 18.50 -14.91
CA LEU F 198 0.93 18.91 -15.57
C LEU F 198 0.15 17.75 -16.16
N GLY F 199 0.84 16.66 -16.47
CA GLY F 199 0.20 15.45 -17.01
C GLY F 199 0.42 15.23 -18.49
N ALA F 200 1.45 15.88 -19.04
CA ALA F 200 1.76 15.76 -20.45
C ALA F 200 2.57 14.52 -20.73
N GLN F 201 2.27 13.85 -21.85
CA GLN F 201 3.17 12.84 -22.40
C GLN F 201 4.40 13.58 -22.89
N VAL F 202 5.55 13.29 -22.31
CA VAL F 202 6.78 14.02 -22.63
C VAL F 202 7.84 13.13 -23.31
N PHE F 203 8.63 13.76 -24.18
CA PHE F 203 9.77 13.14 -24.84
C PHE F 203 10.96 14.08 -24.71
N ALA F 204 12.17 13.55 -24.75
CA ALA F 204 13.37 14.37 -24.60
C ALA F 204 14.49 13.92 -25.53
N TYR F 205 15.00 14.87 -26.33
CA TYR F 205 16.13 14.59 -27.22
C TYR F 205 17.43 15.27 -26.76
N ASP F 206 18.52 14.53 -26.88
CA ASP F 206 19.86 15.04 -26.60
C ASP F 206 20.88 14.22 -27.39
N VAL F 207 21.98 14.86 -27.76
CA VAL F 207 23.04 14.17 -28.50
C VAL F 207 23.83 13.21 -27.60
N ARG F 208 23.64 13.33 -26.29
CA ARG F 208 24.40 12.55 -25.30
C ARG F 208 23.61 11.38 -24.71
N LYS F 209 24.29 10.26 -24.52
CA LYS F 209 23.72 9.05 -23.92
C LYS F 209 23.31 9.28 -22.47
N ALA F 210 24.06 10.13 -21.78
CA ALA F 210 23.86 10.41 -20.36
C ALA F 210 22.68 11.35 -20.06
N ALA F 211 22.24 12.08 -21.09
CA ALA F 211 21.07 12.95 -20.97
C ALA F 211 19.81 12.28 -21.53
N LEU F 212 19.97 11.05 -22.00
CA LEU F 212 18.86 10.20 -22.42
C LEU F 212 18.39 9.30 -21.28
N GLU F 213 19.31 9.03 -20.35
CA GLU F 213 19.04 8.20 -19.17
C GLU F 213 18.51 9.03 -18.00
N GLN F 214 19.01 10.26 -17.87
CA GLN F 214 18.48 11.23 -16.90
C GLN F 214 17.04 11.62 -17.25
N ALA F 215 16.75 11.66 -18.55
CA ALA F 215 15.42 11.98 -19.06
C ALA F 215 14.43 10.83 -18.88
N LEU F 216 14.90 9.61 -19.14
CA LEU F 216 14.11 8.39 -18.92
C LEU F 216 13.83 8.19 -17.43
N SER F 217 14.77 8.65 -16.59
CA SER F 217 14.64 8.58 -15.14
C SER F 217 13.41 9.32 -14.63
N LEU F 218 13.17 10.52 -15.15
CA LEU F 218 12.02 11.34 -14.77
C LEU F 218 10.69 10.81 -15.31
N GLY F 219 10.75 9.98 -16.36
CA GLY F 219 9.56 9.27 -16.86
C GLY F 219 9.34 9.18 -18.36
N ALA F 220 9.99 10.07 -19.12
CA ALA F 220 9.77 10.19 -20.56
C ALA F 220 10.43 9.09 -21.38
N LYS F 221 9.83 8.73 -22.52
CA LYS F 221 10.46 7.82 -23.47
C LYS F 221 11.35 8.61 -24.42
N PRO F 222 12.65 8.24 -24.47
CA PRO F 222 13.65 8.91 -25.31
C PRO F 222 13.42 8.72 -26.81
N ILE F 223 13.87 9.70 -27.61
CA ILE F 223 13.79 9.64 -29.07
C ILE F 223 14.92 8.75 -29.62
N GLU F 224 14.74 8.26 -30.85
CA GLU F 224 15.53 7.14 -31.37
C GLU F 224 16.94 7.48 -31.95
N LEU F 225 17.86 7.86 -31.06
CA LEU F 225 19.33 7.90 -31.31
C LEU F 225 19.82 8.55 -32.65
N PRO F 226 21.01 8.16 -33.20
CA PRO F 226 22.17 7.38 -32.75
C PRO F 226 23.56 8.04 -32.97
N ILE F 227 23.93 9.00 -32.12
CA ILE F 227 25.26 9.62 -32.23
C ILE F 227 26.00 9.65 -30.88
N SER F 228 27.13 10.36 -30.82
CA SER F 228 27.94 10.48 -29.61
C SER F 228 28.16 11.95 -29.19
N ALA F 229 29.05 12.65 -29.89
CA ALA F 229 29.28 14.10 -29.72
C ALA F 229 29.48 14.61 -28.28
N GLU F 230 30.66 14.37 -27.73
CA GLU F 230 31.00 14.78 -26.36
C GLU F 230 32.47 15.22 -26.23
N GLY F 231 32.75 16.20 -25.36
CA GLY F 231 31.74 16.86 -24.52
C GLY F 231 32.34 17.78 -23.47
N ALA F 236 28.62 19.31 -30.36
CA ALA F 236 28.62 19.40 -31.82
C ALA F 236 29.98 19.00 -32.41
N ARG F 237 30.33 17.72 -32.25
CA ARG F 237 31.61 17.19 -32.75
C ARG F 237 31.47 15.93 -33.60
N GLU F 238 30.76 14.93 -33.07
CA GLU F 238 30.37 13.75 -33.86
C GLU F 238 28.99 13.98 -34.47
N LEU F 239 28.40 15.14 -34.11
CA LEU F 239 27.16 15.65 -34.68
C LEU F 239 27.36 16.08 -36.14
N THR F 240 28.49 16.72 -36.41
CA THR F 240 28.82 17.21 -37.75
C THR F 240 29.63 16.21 -38.60
N GLU F 241 29.80 14.98 -38.09
CA GLU F 241 30.32 13.88 -38.91
C GLU F 241 29.16 13.37 -39.75
N GLU F 242 29.29 13.52 -41.08
CA GLU F 242 28.20 13.39 -42.05
C GLU F 242 27.37 14.68 -42.12
N GLU F 243 27.83 15.69 -41.38
CA GLU F 243 27.27 17.04 -41.33
C GLU F 243 25.75 17.10 -41.13
N LYS F 244 25.35 17.01 -39.86
CA LYS F 244 23.94 16.99 -39.41
C LYS F 244 22.88 16.54 -40.44
N ARG F 245 23.08 15.35 -40.99
CA ARG F 245 22.05 14.65 -41.76
C ARG F 245 21.60 13.38 -41.03
N ILE F 246 22.08 13.24 -39.79
CA ILE F 246 21.59 12.22 -38.85
C ILE F 246 20.65 12.90 -37.85
N GLN F 247 20.88 14.19 -37.59
CA GLN F 247 20.04 15.01 -36.70
C GLN F 247 18.75 15.46 -37.40
N HIS F 248 18.87 15.84 -38.68
CA HIS F 248 17.77 16.39 -39.46
C HIS F 248 16.84 15.31 -40.05
N GLU F 249 17.36 14.09 -40.20
CA GLU F 249 16.67 12.99 -40.87
C GLU F 249 15.64 12.26 -39.97
N ALA F 250 16.08 11.89 -38.77
CA ALA F 250 15.33 10.98 -37.90
C ALA F 250 14.08 11.57 -37.24
N LEU F 251 14.25 12.64 -36.45
CA LEU F 251 13.14 13.20 -35.66
C LEU F 251 12.24 14.18 -36.42
N ARG F 252 12.28 14.14 -37.75
CA ARG F 252 11.34 14.89 -38.56
C ARG F 252 9.99 14.18 -38.54
N ASP F 253 10.01 12.85 -38.52
CA ASP F 253 8.80 12.03 -38.44
C ASP F 253 8.22 11.98 -37.03
N HIS F 254 9.10 12.15 -36.04
CA HIS F 254 8.70 12.15 -34.62
C HIS F 254 7.97 13.44 -34.24
N VAL F 255 8.56 14.58 -34.60
CA VAL F 255 8.00 15.91 -34.33
C VAL F 255 6.59 16.08 -34.95
N ALA F 256 6.24 15.19 -35.88
CA ALA F 256 4.94 15.19 -36.56
C ALA F 256 3.77 14.81 -35.65
N GLY F 257 4.08 14.15 -34.54
CA GLY F 257 3.06 13.83 -33.54
C GLY F 257 2.97 14.84 -32.42
N MET F 258 3.92 15.78 -32.37
CA MET F 258 4.08 16.72 -31.24
C MET F 258 3.00 17.78 -31.10
N ASP F 259 2.74 18.16 -29.84
CA ASP F 259 1.90 19.31 -29.51
C ASP F 259 2.77 20.47 -29.00
N VAL F 260 3.91 20.12 -28.41
CA VAL F 260 4.81 21.10 -27.79
C VAL F 260 6.28 20.79 -28.05
N LEU F 261 7.09 21.84 -28.23
CA LEU F 261 8.53 21.74 -28.42
C LEU F 261 9.28 22.78 -27.57
N ILE F 262 9.91 22.32 -26.48
CA ILE F 262 10.77 23.18 -25.64
C ILE F 262 12.25 22.92 -25.95
N THR F 263 12.95 23.95 -26.43
CA THR F 263 14.35 23.79 -26.86
C THR F 263 15.34 24.58 -25.99
N THR F 264 16.28 23.87 -25.37
CA THR F 264 17.26 24.50 -24.47
C THR F 264 18.70 24.29 -24.96
N ALA F 265 18.86 23.50 -26.02
CA ALA F 265 20.16 23.12 -26.56
C ALA F 265 21.10 24.30 -26.80
N GLN F 266 22.29 24.24 -26.21
CA GLN F 266 23.30 25.29 -26.30
C GLN F 266 24.73 24.74 -26.26
N VAL F 267 25.66 25.47 -26.90
CA VAL F 267 27.09 25.17 -26.85
C VAL F 267 27.83 26.40 -26.34
N PRO F 268 28.66 26.23 -25.28
CA PRO F 268 29.37 27.33 -24.61
C PRO F 268 30.18 28.23 -25.54
N GLY F 269 29.64 29.43 -25.80
CA GLY F 269 30.32 30.44 -26.62
C GLY F 269 30.03 30.39 -28.10
N ARG F 270 29.37 29.32 -28.54
CA ARG F 270 29.08 29.10 -29.96
C ARG F 270 27.65 29.52 -30.33
N ARG F 271 27.37 29.51 -31.63
CA ARG F 271 26.02 29.64 -32.15
C ARG F 271 25.18 28.43 -31.73
N ALA F 272 23.91 28.67 -31.44
CA ALA F 272 22.97 27.60 -31.10
C ALA F 272 22.70 26.73 -32.33
N PRO F 273 23.01 25.41 -32.23
CA PRO F 273 22.79 24.49 -33.35
C PRO F 273 21.32 24.44 -33.78
N ILE F 274 21.10 24.66 -35.07
CA ILE F 274 19.75 24.73 -35.64
C ILE F 274 19.07 23.36 -35.51
N LEU F 275 18.17 23.27 -34.55
CA LEU F 275 17.41 22.04 -34.28
C LEU F 275 16.09 22.01 -35.06
N LEU F 276 15.39 23.14 -35.08
CA LEU F 276 14.13 23.27 -35.82
C LEU F 276 14.26 24.18 -37.04
N THR F 277 14.34 23.56 -38.23
CA THR F 277 14.55 24.29 -39.48
C THR F 277 13.22 24.84 -40.04
N GLU F 278 13.07 24.76 -41.36
CA GLU F 278 11.89 25.29 -42.05
C GLU F 278 10.93 24.18 -42.51
N ASP F 279 11.50 23.11 -43.08
CA ASP F 279 10.69 21.98 -43.55
C ASP F 279 10.22 21.08 -42.40
N MET F 280 10.69 21.38 -41.19
CA MET F 280 10.31 20.68 -39.98
C MET F 280 9.12 21.35 -39.29
N VAL F 281 9.05 22.67 -39.40
CA VAL F 281 7.97 23.45 -38.78
C VAL F 281 6.73 23.59 -39.68
N GLU F 282 6.81 23.03 -40.88
CA GLU F 282 5.68 23.00 -41.81
C GLU F 282 4.79 21.78 -41.58
N ARG F 283 5.37 20.68 -41.11
CA ARG F 283 4.62 19.48 -40.74
C ARG F 283 3.89 19.67 -39.40
N LEU F 284 4.22 20.75 -38.70
CA LEU F 284 3.62 21.05 -37.41
C LEU F 284 2.15 21.45 -37.52
N LYS F 285 1.35 20.91 -36.60
CA LYS F 285 -0.10 21.10 -36.57
C LYS F 285 -0.49 22.51 -36.10
N PRO F 286 -1.69 23.00 -36.50
CA PRO F 286 -2.17 24.27 -35.96
C PRO F 286 -2.39 24.20 -34.45
N GLY F 287 -1.91 25.21 -33.72
CA GLY F 287 -2.02 25.25 -32.26
C GLY F 287 -0.81 24.67 -31.55
N THR F 288 0.19 24.26 -32.32
CA THR F 288 1.44 23.74 -31.77
C THR F 288 2.28 24.88 -31.21
N VAL F 289 3.05 24.60 -30.16
CA VAL F 289 3.84 25.61 -29.44
C VAL F 289 5.32 25.25 -29.42
N VAL F 290 6.18 26.22 -29.76
CA VAL F 290 7.64 26.07 -29.67
C VAL F 290 8.23 27.13 -28.73
N VAL F 291 8.75 26.68 -27.59
CA VAL F 291 9.39 27.57 -26.63
C VAL F 291 10.92 27.43 -26.78
N ASP F 292 11.59 28.55 -27.07
CA ASP F 292 13.02 28.55 -27.37
C ASP F 292 13.86 29.36 -26.37
N LEU F 293 14.37 28.67 -25.35
CA LEU F 293 15.18 29.30 -24.30
C LEU F 293 16.55 29.75 -24.77
N ALA F 294 17.05 29.09 -25.82
CA ALA F 294 18.36 29.41 -26.41
C ALA F 294 18.29 30.62 -27.35
N ALA F 295 17.42 31.58 -27.02
CA ALA F 295 17.25 32.78 -27.84
C ALA F 295 18.32 33.85 -27.58
N GLU F 296 19.08 33.69 -26.49
CA GLU F 296 20.09 34.68 -26.08
C GLU F 296 21.46 34.58 -26.79
N SER F 297 21.63 33.56 -27.62
CA SER F 297 22.78 33.44 -28.52
C SER F 297 22.39 32.73 -29.82
N GLY F 298 21.50 33.37 -30.58
CA GLY F 298 20.97 32.80 -31.82
C GLY F 298 19.58 32.23 -31.61
N GLY F 299 19.36 31.05 -32.23
CA GLY F 299 18.08 30.37 -32.08
C GLY F 299 18.14 28.90 -32.47
N ASN F 300 17.56 28.04 -31.62
CA ASN F 300 17.36 26.64 -31.96
C ASN F 300 16.40 26.51 -33.14
N CYS F 301 15.38 27.35 -33.13
CA CYS F 301 14.42 27.47 -34.23
C CYS F 301 14.77 28.72 -35.05
N VAL F 302 14.35 28.74 -36.32
CA VAL F 302 14.67 29.85 -37.24
C VAL F 302 13.70 31.03 -37.15
N LEU F 303 12.53 30.80 -36.57
CA LEU F 303 11.45 31.79 -36.52
C LEU F 303 11.42 32.61 -35.22
N THR F 304 12.39 32.36 -34.34
CA THR F 304 12.46 33.06 -33.06
C THR F 304 12.92 34.50 -33.24
N LYS F 305 11.96 35.42 -33.22
CA LYS F 305 12.27 36.83 -33.02
C LYS F 305 12.49 37.02 -31.53
N PRO F 306 13.68 37.53 -31.15
CA PRO F 306 14.09 37.68 -29.75
C PRO F 306 13.20 38.64 -28.94
N GLY F 307 12.50 38.10 -27.93
CA GLY F 307 11.69 38.88 -26.99
C GLY F 307 10.26 39.17 -27.42
N GLU F 308 9.82 38.53 -28.50
CA GLU F 308 8.50 38.80 -29.10
C GLU F 308 7.67 37.53 -29.36
N VAL F 309 6.37 37.62 -29.06
CA VAL F 309 5.42 36.51 -29.30
C VAL F 309 4.97 36.53 -30.77
N VAL F 310 5.61 35.71 -31.60
CA VAL F 310 5.26 35.64 -33.03
C VAL F 310 4.39 34.41 -33.34
N GLU F 311 3.74 34.44 -34.51
CA GLU F 311 2.82 33.37 -34.94
C GLU F 311 2.75 33.27 -36.47
N VAL F 312 3.26 32.17 -37.03
CA VAL F 312 3.17 31.91 -38.47
C VAL F 312 2.43 30.62 -38.78
N ARG F 313 1.48 30.70 -39.73
CA ARG F 313 0.70 29.54 -40.23
C ARG F 313 -0.28 28.97 -39.21
N GLY F 314 0.11 29.01 -37.93
CA GLY F 314 -0.69 28.44 -36.85
C GLY F 314 0.17 27.92 -35.70
N VAL F 315 1.49 28.10 -35.83
CA VAL F 315 2.45 27.66 -34.83
C VAL F 315 3.10 28.87 -34.15
N ARG F 316 2.78 29.08 -32.88
CA ARG F 316 3.30 30.22 -32.11
C ARG F 316 4.75 30.01 -31.68
N VAL F 317 5.60 31.00 -31.92
CA VAL F 317 7.03 30.92 -31.56
C VAL F 317 7.43 32.00 -30.54
N TYR F 318 7.89 31.53 -29.38
CA TYR F 318 8.29 32.42 -28.30
C TYR F 318 9.78 32.24 -28.00
N GLY F 319 10.49 33.37 -27.95
CA GLY F 319 11.91 33.38 -27.59
C GLY F 319 12.15 34.17 -26.33
N PRO F 320 12.09 33.49 -25.16
CA PRO F 320 12.17 34.17 -23.85
C PRO F 320 13.59 34.54 -23.39
N LEU F 321 13.84 35.85 -23.33
CA LEU F 321 15.07 36.38 -22.76
C LEU F 321 14.89 36.60 -21.27
N ASN F 322 15.86 36.08 -20.51
CA ASN F 322 15.90 36.27 -19.06
C ASN F 322 14.63 35.76 -18.38
N LEU F 323 14.55 34.44 -18.23
CA LEU F 323 13.45 33.79 -17.52
C LEU F 323 13.61 33.77 -16.00
N PRO F 324 14.86 33.70 -15.50
CA PRO F 324 15.08 33.87 -14.06
C PRO F 324 14.65 35.24 -13.55
N SER F 325 14.67 36.23 -14.43
CA SER F 325 14.18 37.58 -14.15
C SER F 325 12.71 37.55 -13.73
N GLU F 326 11.91 36.75 -14.45
CA GLU F 326 10.48 36.62 -14.19
C GLU F 326 10.19 35.95 -12.85
N LEU F 327 10.96 34.92 -12.52
CA LEU F 327 10.87 34.24 -11.24
C LEU F 327 11.96 34.78 -10.31
N SER F 328 11.93 36.10 -10.12
CA SER F 328 12.98 36.84 -9.40
C SER F 328 13.20 36.40 -7.96
N VAL F 329 12.11 36.22 -7.20
CA VAL F 329 12.19 35.95 -5.76
C VAL F 329 12.96 34.65 -5.44
N HIS F 330 12.77 33.63 -6.26
CA HIS F 330 13.42 32.34 -6.05
C HIS F 330 14.72 32.19 -6.81
N ALA F 331 14.79 32.76 -8.01
CA ALA F 331 16.04 32.80 -8.76
C ALA F 331 17.12 33.56 -7.99
N SER F 332 16.74 34.67 -7.36
CA SER F 332 17.65 35.45 -6.51
C SER F 332 17.98 34.73 -5.20
N GLU F 333 16.97 34.04 -4.64
CA GLU F 333 17.12 33.27 -3.41
C GLU F 333 18.17 32.16 -3.57
N MET F 334 18.17 31.53 -4.74
CA MET F 334 19.16 30.50 -5.07
C MET F 334 20.52 31.13 -5.39
N TYR F 335 20.50 32.16 -6.23
CA TYR F 335 21.72 32.86 -6.66
C TYR F 335 22.50 33.46 -5.50
N ALA F 336 21.78 33.97 -4.50
CA ALA F 336 22.40 34.52 -3.30
C ALA F 336 23.05 33.44 -2.45
N LYS F 337 22.39 32.28 -2.38
CA LYS F 337 22.94 31.11 -1.70
C LYS F 337 24.13 30.56 -2.46
N ASN F 338 24.06 30.60 -3.79
CA ASN F 338 25.19 30.29 -4.66
C ASN F 338 26.37 31.20 -4.32
N LEU F 339 26.06 32.47 -4.03
CA LEU F 339 27.06 33.45 -3.65
C LEU F 339 27.51 33.30 -2.20
N TYR F 340 26.60 32.90 -1.32
CA TYR F 340 26.95 32.70 0.10
C TYR F 340 27.86 31.49 0.28
N ASN F 341 27.57 30.42 -0.45
CA ASN F 341 28.40 29.22 -0.39
C ASN F 341 29.70 29.39 -1.17
N LEU F 342 29.72 30.37 -2.08
CA LEU F 342 30.93 30.78 -2.78
C LEU F 342 31.78 31.70 -1.89
N SER F 343 31.14 32.33 -0.91
CA SER F 343 31.80 33.27 -0.01
C SER F 343 32.63 32.57 1.08
N SER F 344 32.56 31.25 1.14
CA SER F 344 33.35 30.47 2.09
C SER F 344 34.80 30.26 1.62
N LEU F 345 35.10 30.64 0.38
CA LEU F 345 36.47 30.61 -0.15
C LEU F 345 37.09 32.02 -0.19
N LEU F 346 36.30 33.03 0.14
CA LEU F 346 36.73 34.43 0.12
C LEU F 346 36.68 35.10 1.50
N ILE F 347 35.87 34.56 2.40
CA ILE F 347 35.68 35.14 3.73
C ILE F 347 36.00 34.14 4.86
N GLU F 348 37.06 34.43 5.60
CA GLU F 348 37.48 33.64 6.75
C GLU F 348 37.01 34.28 8.04
N LYS F 349 35.95 33.72 8.64
CA LYS F 349 35.35 34.23 9.89
C LYS F 349 34.81 35.65 9.82
N GLY F 350 35.31 36.44 8.87
CA GLY F 350 34.95 37.84 8.74
C GLY F 350 36.15 38.73 8.44
N ALA F 351 36.98 38.27 7.50
CA ALA F 351 38.13 39.01 7.03
C ALA F 351 38.46 38.53 5.61
N PHE F 352 38.76 39.48 4.73
CA PHE F 352 39.03 39.20 3.32
C PHE F 352 40.14 38.17 3.13
N ALA F 353 39.74 36.94 2.76
CA ALA F 353 40.70 35.84 2.57
C ALA F 353 40.35 34.95 1.36
N PRO F 354 40.75 35.38 0.15
CA PRO F 354 40.52 34.57 -1.06
C PRO F 354 41.46 33.38 -1.15
N LYS F 355 41.04 32.35 -1.88
CA LYS F 355 41.87 31.18 -2.12
C LYS F 355 42.34 31.13 -3.57
N TRP F 356 43.60 31.53 -3.80
CA TRP F 356 44.19 31.52 -5.15
C TRP F 356 44.61 30.12 -5.59
N GLU F 357 44.55 29.16 -4.66
CA GLU F 357 45.13 27.83 -4.87
C GLU F 357 44.10 26.69 -4.94
N ASP F 358 42.83 26.99 -4.69
CA ASP F 358 41.77 25.99 -4.82
C ASP F 358 41.32 25.87 -6.28
N GLU F 359 41.12 24.64 -6.72
CA GLU F 359 40.84 24.33 -8.13
C GLU F 359 39.58 24.99 -8.72
N ILE F 360 38.64 25.37 -7.87
CA ILE F 360 37.42 26.05 -8.29
C ILE F 360 37.71 27.51 -8.66
N VAL F 361 38.54 28.18 -7.86
CA VAL F 361 38.96 29.55 -8.14
C VAL F 361 39.97 29.59 -9.29
N ARG F 362 40.77 28.54 -9.42
CA ARG F 362 41.82 28.49 -10.46
C ARG F 362 41.31 28.24 -11.87
N ALA F 363 40.12 27.66 -12.00
CA ALA F 363 39.51 27.42 -13.30
C ALA F 363 38.43 28.47 -13.63
N ALA F 364 38.24 29.43 -12.71
CA ALA F 364 37.19 30.45 -12.85
C ALA F 364 37.70 31.89 -12.81
N LEU F 365 38.87 32.11 -12.22
CA LEU F 365 39.47 33.44 -12.11
C LEU F 365 39.69 34.03 -13.50
N LEU F 366 38.74 34.86 -13.92
CA LEU F 366 38.74 35.46 -15.25
C LEU F 366 39.89 36.44 -15.42
N MET F 367 40.03 37.36 -14.47
CA MET F 367 41.18 38.26 -14.44
C MET F 367 41.68 38.51 -13.01
N LYS F 368 43.00 38.50 -12.86
CA LYS F 368 43.67 38.81 -11.59
C LYS F 368 44.60 39.99 -11.79
N GLU F 369 44.30 41.10 -11.10
CA GLU F 369 45.06 42.35 -11.21
C GLU F 369 44.90 43.02 -12.58
N GLY F 370 43.91 42.56 -13.35
CA GLY F 370 43.64 43.10 -14.69
C GLY F 370 43.88 42.10 -15.81
N GLU F 371 44.89 41.26 -15.64
CA GLU F 371 45.28 40.25 -16.63
C GLU F 371 44.20 39.17 -16.78
N VAL F 372 43.66 39.05 -18.00
CA VAL F 372 42.63 38.05 -18.31
C VAL F 372 43.23 36.63 -18.34
N LEU F 373 42.88 35.83 -17.33
CA LEU F 373 43.48 34.49 -17.13
C LEU F 373 42.81 33.36 -17.91
N HIS F 374 41.57 33.58 -18.35
CA HIS F 374 40.83 32.55 -19.06
C HIS F 374 41.28 32.42 -20.52
N GLY F 375 41.23 31.19 -21.01
CA GLY F 375 41.77 30.87 -22.31
C GLY F 375 41.32 31.84 -23.36
N PRO F 376 40.30 31.37 -24.20
CA PRO F 376 40.00 32.26 -25.32
C PRO F 376 39.59 33.61 -24.81
N THR F 377 38.93 33.64 -23.67
CA THR F 377 38.51 34.92 -23.18
C THR F 377 39.42 35.95 -23.84
N LYS F 378 40.70 35.71 -23.65
CA LYS F 378 41.81 36.58 -24.04
C LYS F 378 41.96 36.70 -25.56
N ALA F 379 41.31 35.75 -26.24
CA ALA F 379 41.40 35.64 -27.68
C ALA F 379 40.94 36.93 -28.32
N LEU F 380 39.64 36.98 -28.62
CA LEU F 380 39.10 38.09 -29.38
C LEU F 380 39.56 39.43 -28.85
N LEU F 381 39.34 39.70 -27.57
CA LEU F 381 39.54 41.10 -27.20
C LEU F 381 40.44 41.87 -28.19
N GLY F 382 41.29 41.13 -28.88
CA GLY F 382 42.05 41.68 -29.98
C GLY F 382 41.12 41.79 -31.16
#